data_3VP7
# 
_entry.id   3VP7 
# 
_audit_conform.dict_name       mmcif_pdbx.dic 
_audit_conform.dict_version    5.380 
_audit_conform.dict_location   http://mmcif.pdb.org/dictionaries/ascii/mmcif_pdbx.dic 
# 
loop_
_database_2.database_id 
_database_2.database_code 
_database_2.pdbx_database_accession 
_database_2.pdbx_DOI 
PDB   3VP7         pdb_00003vp7 10.2210/pdb3vp7/pdb 
RCSB  RCSB095327   ?            ?                   
WWPDB D_1000095327 ?            ?                   
# 
_pdbx_database_status.status_code                     REL 
_pdbx_database_status.entry_id                        3VP7 
_pdbx_database_status.recvd_initial_deposition_date   2012-02-28 
_pdbx_database_status.deposit_site                    PDBJ 
_pdbx_database_status.process_site                    PDBJ 
_pdbx_database_status.methods_development_category    ? 
_pdbx_database_status.status_code_sf                  REL 
_pdbx_database_status.status_code_mr                  ? 
_pdbx_database_status.SG_entry                        ? 
_pdbx_database_status.status_code_cs                  ? 
_pdbx_database_status.pdb_format_compatible           Y 
_pdbx_database_status.status_code_nmr_data            ? 
# 
loop_
_audit_author.name 
_audit_author.pdbx_ordinal 
'Noda, N.N.'    1 
'Kobayashi, T.' 2 
'Adachi, W.'    3 
'Fujioka, Y.'   4 
'Ohsumi, Y.'    5 
'Inagaki, F.'   6 
# 
_citation.id                        primary 
_citation.title                     
;Structure of the novel C-terminal domain of vacuolar protein sorting 30/autophagy-related protein 6 and its specific role in autophagy.
;
_citation.journal_abbrev            J.Biol.Chem. 
_citation.journal_volume            287 
_citation.page_first                16256 
_citation.page_last                 16266 
_citation.year                      2012 
_citation.journal_id_ASTM           JBCHA3 
_citation.country                   US 
_citation.journal_id_ISSN           1083-351X 
_citation.journal_id_CSD            0071 
_citation.book_publisher            ? 
_citation.pdbx_database_id_PubMed   22437838 
_citation.pdbx_database_id_DOI      10.1074/jbc.M112.348250 
# 
loop_
_citation_author.citation_id 
_citation_author.name 
_citation_author.ordinal 
_citation_author.identifier_ORCID 
primary 'Noda, N.N.'    1 ? 
primary 'Kobayashi, T.' 2 ? 
primary 'Adachi, W.'    3 ? 
primary 'Fujioka, Y.'   4 ? 
primary 'Ohsumi, Y.'    5 ? 
primary 'Inagaki, F.'   6 ? 
# 
_cell.entry_id           3VP7 
_cell.length_a           59.959 
_cell.length_b           59.959 
_cell.length_c           113.977 
_cell.angle_alpha        90.00 
_cell.angle_beta         90.00 
_cell.angle_gamma        90.00 
_cell.Z_PDB              8 
_cell.pdbx_unique_axis   ? 
_cell.length_a_esd       ? 
_cell.length_b_esd       ? 
_cell.length_c_esd       ? 
_cell.angle_alpha_esd    ? 
_cell.angle_beta_esd     ? 
_cell.angle_gamma_esd    ? 
# 
_symmetry.entry_id                         3VP7 
_symmetry.space_group_name_H-M             'P 41 21 2' 
_symmetry.pdbx_full_space_group_name_H-M   ? 
_symmetry.cell_setting                     ? 
_symmetry.Int_Tables_number                92 
_symmetry.space_group_name_Hall            ? 
# 
loop_
_entity.id 
_entity.type 
_entity.src_method 
_entity.pdbx_description 
_entity.formula_weight 
_entity.pdbx_number_of_molecules 
_entity.pdbx_ec 
_entity.pdbx_mutation 
_entity.pdbx_fragment 
_entity.details 
1 polymer man 'Vacuolar protein sorting-associated protein 30' 24681.158 1  ? ? 'C-terminal domain, UNP RESIDUES 320-539' ? 
2 water   nat water                                            18.015    42 ? ? ?                                         ? 
# 
_entity_name_com.entity_id   1 
_entity_name_com.name        'Autophagy-related protein 6' 
# 
_entity_poly.entity_id                      1 
_entity_poly.type                           'polypeptide(L)' 
_entity_poly.nstd_linkage                   no 
_entity_poly.nstd_monomer                   no 
_entity_poly.pdbx_seq_one_letter_code       
;INIFNATFKISHSGPFATINGLRLGSIPESVVPWKEINAALGQLILLLATINKNLKINLVDYELQPMGSFSKIKKRMVNS
VEYNNSTTNAPGDWLILPVYYDENFNLGRIFRKETKFDKSLETTLEIISEITRQLSTIASSYSSQTLTTSQDESSMNNAN
DVENSTSILELPYIMNKDKINGLSVKLHGSSPNLEWTTAMKFLLTNVKWLLAFSSNLLSK
;
_entity_poly.pdbx_seq_one_letter_code_can   
;INIFNATFKISHSGPFATINGLRLGSIPESVVPWKEINAALGQLILLLATINKNLKINLVDYELQPMGSFSKIKKRMVNS
VEYNNSTTNAPGDWLILPVYYDENFNLGRIFRKETKFDKSLETTLEIISEITRQLSTIASSYSSQTLTTSQDESSMNNAN
DVENSTSILELPYIMNKDKINGLSVKLHGSSPNLEWTTAMKFLLTNVKWLLAFSSNLLSK
;
_entity_poly.pdbx_strand_id                 A 
_entity_poly.pdbx_target_identifier         ? 
# 
loop_
_entity_poly_seq.entity_id 
_entity_poly_seq.num 
_entity_poly_seq.mon_id 
_entity_poly_seq.hetero 
1 1   ILE n 
1 2   ASN n 
1 3   ILE n 
1 4   PHE n 
1 5   ASN n 
1 6   ALA n 
1 7   THR n 
1 8   PHE n 
1 9   LYS n 
1 10  ILE n 
1 11  SER n 
1 12  HIS n 
1 13  SER n 
1 14  GLY n 
1 15  PRO n 
1 16  PHE n 
1 17  ALA n 
1 18  THR n 
1 19  ILE n 
1 20  ASN n 
1 21  GLY n 
1 22  LEU n 
1 23  ARG n 
1 24  LEU n 
1 25  GLY n 
1 26  SER n 
1 27  ILE n 
1 28  PRO n 
1 29  GLU n 
1 30  SER n 
1 31  VAL n 
1 32  VAL n 
1 33  PRO n 
1 34  TRP n 
1 35  LYS n 
1 36  GLU n 
1 37  ILE n 
1 38  ASN n 
1 39  ALA n 
1 40  ALA n 
1 41  LEU n 
1 42  GLY n 
1 43  GLN n 
1 44  LEU n 
1 45  ILE n 
1 46  LEU n 
1 47  LEU n 
1 48  LEU n 
1 49  ALA n 
1 50  THR n 
1 51  ILE n 
1 52  ASN n 
1 53  LYS n 
1 54  ASN n 
1 55  LEU n 
1 56  LYS n 
1 57  ILE n 
1 58  ASN n 
1 59  LEU n 
1 60  VAL n 
1 61  ASP n 
1 62  TYR n 
1 63  GLU n 
1 64  LEU n 
1 65  GLN n 
1 66  PRO n 
1 67  MET n 
1 68  GLY n 
1 69  SER n 
1 70  PHE n 
1 71  SER n 
1 72  LYS n 
1 73  ILE n 
1 74  LYS n 
1 75  LYS n 
1 76  ARG n 
1 77  MET n 
1 78  VAL n 
1 79  ASN n 
1 80  SER n 
1 81  VAL n 
1 82  GLU n 
1 83  TYR n 
1 84  ASN n 
1 85  ASN n 
1 86  SER n 
1 87  THR n 
1 88  THR n 
1 89  ASN n 
1 90  ALA n 
1 91  PRO n 
1 92  GLY n 
1 93  ASP n 
1 94  TRP n 
1 95  LEU n 
1 96  ILE n 
1 97  LEU n 
1 98  PRO n 
1 99  VAL n 
1 100 TYR n 
1 101 TYR n 
1 102 ASP n 
1 103 GLU n 
1 104 ASN n 
1 105 PHE n 
1 106 ASN n 
1 107 LEU n 
1 108 GLY n 
1 109 ARG n 
1 110 ILE n 
1 111 PHE n 
1 112 ARG n 
1 113 LYS n 
1 114 GLU n 
1 115 THR n 
1 116 LYS n 
1 117 PHE n 
1 118 ASP n 
1 119 LYS n 
1 120 SER n 
1 121 LEU n 
1 122 GLU n 
1 123 THR n 
1 124 THR n 
1 125 LEU n 
1 126 GLU n 
1 127 ILE n 
1 128 ILE n 
1 129 SER n 
1 130 GLU n 
1 131 ILE n 
1 132 THR n 
1 133 ARG n 
1 134 GLN n 
1 135 LEU n 
1 136 SER n 
1 137 THR n 
1 138 ILE n 
1 139 ALA n 
1 140 SER n 
1 141 SER n 
1 142 TYR n 
1 143 SER n 
1 144 SER n 
1 145 GLN n 
1 146 THR n 
1 147 LEU n 
1 148 THR n 
1 149 THR n 
1 150 SER n 
1 151 GLN n 
1 152 ASP n 
1 153 GLU n 
1 154 SER n 
1 155 SER n 
1 156 MET n 
1 157 ASN n 
1 158 ASN n 
1 159 ALA n 
1 160 ASN n 
1 161 ASP n 
1 162 VAL n 
1 163 GLU n 
1 164 ASN n 
1 165 SER n 
1 166 THR n 
1 167 SER n 
1 168 ILE n 
1 169 LEU n 
1 170 GLU n 
1 171 LEU n 
1 172 PRO n 
1 173 TYR n 
1 174 ILE n 
1 175 MET n 
1 176 ASN n 
1 177 LYS n 
1 178 ASP n 
1 179 LYS n 
1 180 ILE n 
1 181 ASN n 
1 182 GLY n 
1 183 LEU n 
1 184 SER n 
1 185 VAL n 
1 186 LYS n 
1 187 LEU n 
1 188 HIS n 
1 189 GLY n 
1 190 SER n 
1 191 SER n 
1 192 PRO n 
1 193 ASN n 
1 194 LEU n 
1 195 GLU n 
1 196 TRP n 
1 197 THR n 
1 198 THR n 
1 199 ALA n 
1 200 MET n 
1 201 LYS n 
1 202 PHE n 
1 203 LEU n 
1 204 LEU n 
1 205 THR n 
1 206 ASN n 
1 207 VAL n 
1 208 LYS n 
1 209 TRP n 
1 210 LEU n 
1 211 LEU n 
1 212 ALA n 
1 213 PHE n 
1 214 SER n 
1 215 SER n 
1 216 ASN n 
1 217 LEU n 
1 218 LEU n 
1 219 SER n 
1 220 LYS n 
# 
_entity_src_gen.entity_id                          1 
_entity_src_gen.pdbx_src_id                        1 
_entity_src_gen.pdbx_alt_source_flag               sample 
_entity_src_gen.pdbx_seq_type                      ? 
_entity_src_gen.pdbx_beg_seq_num                   ? 
_entity_src_gen.pdbx_end_seq_num                   ? 
_entity_src_gen.gene_src_common_name               
;Baker's yeast
;
_entity_src_gen.gene_src_genus                     ? 
_entity_src_gen.pdbx_gene_src_gene                 'VPS30, APG6, ATG6, VPT30, YPL120W, LPH7' 
_entity_src_gen.gene_src_species                   ? 
_entity_src_gen.gene_src_strain                    'ATCC 204508 / S288c' 
_entity_src_gen.gene_src_tissue                    ? 
_entity_src_gen.gene_src_tissue_fraction           ? 
_entity_src_gen.gene_src_details                   ? 
_entity_src_gen.pdbx_gene_src_fragment             ? 
_entity_src_gen.pdbx_gene_src_scientific_name      'Saccharomyces cerevisiae' 
_entity_src_gen.pdbx_gene_src_ncbi_taxonomy_id     559292 
_entity_src_gen.pdbx_gene_src_variant              ? 
_entity_src_gen.pdbx_gene_src_cell_line            ? 
_entity_src_gen.pdbx_gene_src_atcc                 ? 
_entity_src_gen.pdbx_gene_src_organ                ? 
_entity_src_gen.pdbx_gene_src_organelle            ? 
_entity_src_gen.pdbx_gene_src_cell                 ? 
_entity_src_gen.pdbx_gene_src_cellular_location    ? 
_entity_src_gen.host_org_common_name               ? 
_entity_src_gen.pdbx_host_org_scientific_name      'Escherichia coli' 
_entity_src_gen.pdbx_host_org_ncbi_taxonomy_id     562 
_entity_src_gen.host_org_genus                     ? 
_entity_src_gen.pdbx_host_org_gene                 ? 
_entity_src_gen.pdbx_host_org_organ                ? 
_entity_src_gen.host_org_species                   ? 
_entity_src_gen.pdbx_host_org_tissue               ? 
_entity_src_gen.pdbx_host_org_tissue_fraction      ? 
_entity_src_gen.pdbx_host_org_strain               'BL21(DE3)' 
_entity_src_gen.pdbx_host_org_variant              ? 
_entity_src_gen.pdbx_host_org_cell_line            ? 
_entity_src_gen.pdbx_host_org_atcc                 ? 
_entity_src_gen.pdbx_host_org_culture_collection   ? 
_entity_src_gen.pdbx_host_org_cell                 ? 
_entity_src_gen.pdbx_host_org_organelle            ? 
_entity_src_gen.pdbx_host_org_cellular_location    ? 
_entity_src_gen.pdbx_host_org_vector_type          PLASMID 
_entity_src_gen.pdbx_host_org_vector               ? 
_entity_src_gen.host_org_details                   ? 
_entity_src_gen.expression_system_id               ? 
_entity_src_gen.plasmid_name                       pGEX6p 
_entity_src_gen.plasmid_details                    ? 
_entity_src_gen.pdbx_description                   ? 
# 
_struct_ref.id                         1 
_struct_ref.db_name                    UNP 
_struct_ref.db_code                    VPS30_YEAST 
_struct_ref.pdbx_db_accession          Q02948 
_struct_ref.entity_id                  1 
_struct_ref.pdbx_seq_one_letter_code   
;INIFNATFKISHSGPFATINGLRLGSIPESVVPWKEINAALGQLILLLATINKNLKINLVDYELQPMGSFSKIKKRMVNS
VEYNNSTTNAPGDWLILPVYYDENFNLGRIFRKETKFDKSLETTLEIISEITRQLSTIASSYSSQTLTTSQDESSMNNAN
DVENSTSILELPYIMNKDKINGLSVKLHGSSPNLEWTTAMKFLLTNVKWLLAFSSNLLSK
;
_struct_ref.pdbx_align_begin           320 
_struct_ref.pdbx_db_isoform            ? 
# 
_struct_ref_seq.align_id                      1 
_struct_ref_seq.ref_id                        1 
_struct_ref_seq.pdbx_PDB_id_code              3VP7 
_struct_ref_seq.pdbx_strand_id                A 
_struct_ref_seq.seq_align_beg                 1 
_struct_ref_seq.pdbx_seq_align_beg_ins_code   ? 
_struct_ref_seq.seq_align_end                 220 
_struct_ref_seq.pdbx_seq_align_end_ins_code   ? 
_struct_ref_seq.pdbx_db_accession             Q02948 
_struct_ref_seq.db_align_beg                  320 
_struct_ref_seq.pdbx_db_align_beg_ins_code    ? 
_struct_ref_seq.db_align_end                  539 
_struct_ref_seq.pdbx_db_align_end_ins_code    ? 
_struct_ref_seq.pdbx_auth_seq_align_beg       320 
_struct_ref_seq.pdbx_auth_seq_align_end       539 
# 
loop_
_chem_comp.id 
_chem_comp.type 
_chem_comp.mon_nstd_flag 
_chem_comp.name 
_chem_comp.pdbx_synonyms 
_chem_comp.formula 
_chem_comp.formula_weight 
ALA 'L-peptide linking' y ALANINE         ? 'C3 H7 N O2'     89.093  
ARG 'L-peptide linking' y ARGININE        ? 'C6 H15 N4 O2 1' 175.209 
ASN 'L-peptide linking' y ASPARAGINE      ? 'C4 H8 N2 O3'    132.118 
ASP 'L-peptide linking' y 'ASPARTIC ACID' ? 'C4 H7 N O4'     133.103 
GLN 'L-peptide linking' y GLUTAMINE       ? 'C5 H10 N2 O3'   146.144 
GLU 'L-peptide linking' y 'GLUTAMIC ACID' ? 'C5 H9 N O4'     147.129 
GLY 'peptide linking'   y GLYCINE         ? 'C2 H5 N O2'     75.067  
HIS 'L-peptide linking' y HISTIDINE       ? 'C6 H10 N3 O2 1' 156.162 
HOH non-polymer         . WATER           ? 'H2 O'           18.015  
ILE 'L-peptide linking' y ISOLEUCINE      ? 'C6 H13 N O2'    131.173 
LEU 'L-peptide linking' y LEUCINE         ? 'C6 H13 N O2'    131.173 
LYS 'L-peptide linking' y LYSINE          ? 'C6 H15 N2 O2 1' 147.195 
MET 'L-peptide linking' y METHIONINE      ? 'C5 H11 N O2 S'  149.211 
PHE 'L-peptide linking' y PHENYLALANINE   ? 'C9 H11 N O2'    165.189 
PRO 'L-peptide linking' y PROLINE         ? 'C5 H9 N O2'     115.130 
SER 'L-peptide linking' y SERINE          ? 'C3 H7 N O3'     105.093 
THR 'L-peptide linking' y THREONINE       ? 'C4 H9 N O3'     119.119 
TRP 'L-peptide linking' y TRYPTOPHAN      ? 'C11 H12 N2 O2'  204.225 
TYR 'L-peptide linking' y TYROSINE        ? 'C9 H11 N O3'    181.189 
VAL 'L-peptide linking' y VALINE          ? 'C5 H11 N O2'    117.146 
# 
_exptl.entry_id          3VP7 
_exptl.method            'X-RAY DIFFRACTION' 
_exptl.crystals_number   1 
# 
_exptl_crystal.id                    1 
_exptl_crystal.density_meas          ? 
_exptl_crystal.density_Matthews      2.08 
_exptl_crystal.density_percent_sol   40.73 
_exptl_crystal.description           ? 
_exptl_crystal.F_000                 ? 
_exptl_crystal.preparation           ? 
# 
_exptl_crystal_grow.crystal_id      1 
_exptl_crystal_grow.method          'VAPOR DIFFUSION, SITTING DROP' 
_exptl_crystal_grow.temp            293 
_exptl_crystal_grow.temp_details    ? 
_exptl_crystal_grow.pH              4.5 
_exptl_crystal_grow.pdbx_details    '2.5M sodium acetate, pH 4.5, VAPOR DIFFUSION, SITTING DROP, temperature 293K' 
_exptl_crystal_grow.pdbx_pH_range   . 
# 
_diffrn.id                     1 
_diffrn.ambient_temp           95 
_diffrn.ambient_temp_details   ? 
_diffrn.crystal_id             1 
# 
_diffrn_detector.diffrn_id              1 
_diffrn_detector.detector               CCD 
_diffrn_detector.type                   'ADSC QUANTUM 315' 
_diffrn_detector.pdbx_collection_date   2008-12-05 
_diffrn_detector.details                ? 
# 
_diffrn_radiation.diffrn_id                        1 
_diffrn_radiation.wavelength_id                    1 
_diffrn_radiation.pdbx_monochromatic_or_laue_m_l   M 
_diffrn_radiation.monochromator                    ? 
_diffrn_radiation.pdbx_diffrn_protocol             'SINGLE WAVELENGTH' 
_diffrn_radiation.pdbx_scattering_type             x-ray 
# 
_diffrn_radiation_wavelength.id           1 
_diffrn_radiation_wavelength.wavelength   0.9670 
_diffrn_radiation_wavelength.wt           1.0 
# 
_diffrn_source.diffrn_id                   1 
_diffrn_source.source                      SYNCHROTRON 
_diffrn_source.type                        'PHOTON FACTORY BEAMLINE BL-5A' 
_diffrn_source.pdbx_synchrotron_site       'Photon Factory' 
_diffrn_source.pdbx_synchrotron_beamline   BL-5A 
_diffrn_source.pdbx_wavelength             ? 
_diffrn_source.pdbx_wavelength_list        0.9670 
# 
_reflns.entry_id                     3VP7 
_reflns.observed_criterion_sigma_I   -3 
_reflns.observed_criterion_sigma_F   0 
_reflns.d_resolution_low             34.02 
_reflns.d_resolution_high            2.3 
_reflns.number_obs                   9844 
_reflns.number_all                   9850 
_reflns.percent_possible_obs         99.9 
_reflns.pdbx_Rmerge_I_obs            0.074 
_reflns.pdbx_Rsym_value              ? 
_reflns.pdbx_netI_over_sigmaI        12.8 
_reflns.B_iso_Wilson_estimate        32.9 
_reflns.pdbx_redundancy              ? 
_reflns.R_free_details               ? 
_reflns.limit_h_max                  ? 
_reflns.limit_h_min                  ? 
_reflns.limit_k_max                  ? 
_reflns.limit_k_min                  ? 
_reflns.limit_l_max                  ? 
_reflns.limit_l_min                  ? 
_reflns.observed_criterion_F_max     ? 
_reflns.observed_criterion_F_min     ? 
_reflns.pdbx_chi_squared             ? 
_reflns.pdbx_scaling_rejects         ? 
_reflns.pdbx_ordinal                 1 
_reflns.pdbx_diffrn_id               1 
# 
_reflns_shell.d_res_high                  2.3 
_reflns_shell.d_res_low                   2.38 
_reflns_shell.percent_possible_all        100 
_reflns_shell.Rmerge_I_obs                0.325 
_reflns_shell.pdbx_Rsym_value             ? 
_reflns_shell.meanI_over_sigI_obs         ? 
_reflns_shell.pdbx_redundancy             ? 
_reflns_shell.percent_possible_obs        ? 
_reflns_shell.number_unique_all           946 
_reflns_shell.number_measured_all         ? 
_reflns_shell.number_measured_obs         ? 
_reflns_shell.number_unique_obs           ? 
_reflns_shell.pdbx_chi_squared            ? 
_reflns_shell.pdbx_rejects                ? 
_reflns_shell.pdbx_netI_over_sigmaI_obs   ? 
_reflns_shell.number_possible             ? 
_reflns_shell.Rmerge_F_all                ? 
_reflns_shell.Rmerge_F_obs                ? 
_reflns_shell.Rmerge_I_all                ? 
_reflns_shell.meanI_over_sigI_all         ? 
_reflns_shell.pdbx_Rrim_I_all             ? 
_reflns_shell.pdbx_Rpim_I_all             ? 
_reflns_shell.pdbx_ordinal                1 
_reflns_shell.pdbx_diffrn_id              1 
# 
_refine.entry_id                                 3VP7 
_refine.ls_number_reflns_obs                     9484 
_refine.ls_number_reflns_all                     9787 
_refine.pdbx_ls_sigma_I                          ? 
_refine.pdbx_ls_sigma_F                          0.0 
_refine.pdbx_data_cutoff_high_absF               111100.20 
_refine.pdbx_data_cutoff_low_absF                0.000000 
_refine.pdbx_data_cutoff_high_rms_absF           ? 
_refine.ls_d_res_low                             34.00 
_refine.ls_d_res_high                            2.30 
_refine.ls_percent_reflns_obs                    96.9 
_refine.ls_R_factor_obs                          0.209 
_refine.ls_R_factor_all                          0.212 
_refine.ls_R_factor_R_work                       0.209 
_refine.ls_R_factor_R_free                       0.243 
_refine.ls_R_factor_R_free_error                 0.008 
_refine.ls_R_factor_R_free_error_details         ? 
_refine.ls_percent_reflns_R_free                 10.4 
_refine.ls_number_reflns_R_free                  987 
_refine.ls_number_parameters                     ? 
_refine.ls_number_restraints                     ? 
_refine.occupancy_min                            ? 
_refine.occupancy_max                            ? 
_refine.correlation_coeff_Fo_to_Fc               ? 
_refine.correlation_coeff_Fo_to_Fc_free          ? 
_refine.B_iso_mean                               48.0 
_refine.aniso_B[1][1]                            -3.36 
_refine.aniso_B[2][2]                            -3.36 
_refine.aniso_B[3][3]                            6.71 
_refine.aniso_B[1][2]                            0.00 
_refine.aniso_B[1][3]                            0.00 
_refine.aniso_B[2][3]                            0.00 
_refine.solvent_model_details                    'FLAT MODEL' 
_refine.solvent_model_param_ksol                 0.37 
_refine.solvent_model_param_bsol                 53.5917 
_refine.pdbx_solvent_vdw_probe_radii             ? 
_refine.pdbx_solvent_ion_probe_radii             ? 
_refine.pdbx_solvent_shrinkage_radii             ? 
_refine.pdbx_ls_cross_valid_method               THROUGHOUT 
_refine.details                                  'BULK SOLVENT MODEL USED' 
_refine.pdbx_starting_model                      ? 
_refine.pdbx_method_to_determine_struct          SAD 
_refine.pdbx_isotropic_thermal_model             RESTRAINED 
_refine.pdbx_stereochemistry_target_values       'Engh & Huber' 
_refine.pdbx_stereochem_target_val_spec_case     ? 
_refine.pdbx_R_Free_selection_details            RANDOM 
_refine.pdbx_overall_ESU_R                       ? 
_refine.pdbx_overall_ESU_R_Free                  ? 
_refine.overall_SU_ML                            ? 
_refine.pdbx_overall_phase_error                 ? 
_refine.overall_SU_B                             ? 
_refine.overall_SU_R_Cruickshank_DPI             ? 
_refine.ls_redundancy_reflns_obs                 ? 
_refine.B_iso_min                                ? 
_refine.B_iso_max                                ? 
_refine.overall_SU_R_free                        ? 
_refine.ls_wR_factor_R_free                      ? 
_refine.ls_wR_factor_R_work                      ? 
_refine.overall_FOM_free_R_set                   ? 
_refine.overall_FOM_work_R_set                   ? 
_refine.pdbx_diffrn_id                           1 
_refine.pdbx_refine_id                           'X-RAY DIFFRACTION' 
_refine.pdbx_TLS_residual_ADP_flag               ? 
_refine.pdbx_overall_SU_R_free_Cruickshank_DPI   ? 
_refine.pdbx_overall_SU_R_Blow_DPI               ? 
_refine.pdbx_overall_SU_R_free_Blow_DPI          ? 
# 
_refine_analyze.entry_id                        3VP7 
_refine_analyze.Luzzati_coordinate_error_obs    0.27 
_refine_analyze.Luzzati_sigma_a_obs             0.19 
_refine_analyze.Luzzati_d_res_low_obs           5.00 
_refine_analyze.Luzzati_coordinate_error_free   0.34 
_refine_analyze.Luzzati_sigma_a_free            0.25 
_refine_analyze.Luzzati_d_res_low_free          ? 
_refine_analyze.number_disordered_residues      ? 
_refine_analyze.occupancy_sum_hydrogen          ? 
_refine_analyze.occupancy_sum_non_hydrogen      ? 
_refine_analyze.pdbx_Luzzati_d_res_high_obs     ? 
_refine_analyze.pdbx_refine_id                  'X-RAY DIFFRACTION' 
# 
_refine_hist.pdbx_refine_id                   'X-RAY DIFFRACTION' 
_refine_hist.cycle_id                         LAST 
_refine_hist.pdbx_number_atoms_protein        1311 
_refine_hist.pdbx_number_atoms_nucleic_acid   0 
_refine_hist.pdbx_number_atoms_ligand         0 
_refine_hist.number_atoms_solvent             42 
_refine_hist.number_atoms_total               1353 
_refine_hist.d_res_high                       2.30 
_refine_hist.d_res_low                        34.00 
# 
loop_
_refine_ls_restr.type 
_refine_ls_restr.dev_ideal 
_refine_ls_restr.dev_ideal_target 
_refine_ls_restr.weight 
_refine_ls_restr.number 
_refine_ls_restr.pdbx_restraint_function 
_refine_ls_restr.pdbx_refine_id 
c_bond_d                0.006 ?    ? ? ? 'X-RAY DIFFRACTION' 
c_bond_d_na             ?     ?    ? ? ? 'X-RAY DIFFRACTION' 
c_bond_d_prot           ?     ?    ? ? ? 'X-RAY DIFFRACTION' 
c_angle_d               ?     ?    ? ? ? 'X-RAY DIFFRACTION' 
c_angle_d_na            ?     ?    ? ? ? 'X-RAY DIFFRACTION' 
c_angle_d_prot          ?     ?    ? ? ? 'X-RAY DIFFRACTION' 
c_angle_deg             1.1   ?    ? ? ? 'X-RAY DIFFRACTION' 
c_angle_deg_na          ?     ?    ? ? ? 'X-RAY DIFFRACTION' 
c_angle_deg_prot        ?     ?    ? ? ? 'X-RAY DIFFRACTION' 
c_dihedral_angle_d      21.5  ?    ? ? ? 'X-RAY DIFFRACTION' 
c_dihedral_angle_d_na   ?     ?    ? ? ? 'X-RAY DIFFRACTION' 
c_dihedral_angle_d_prot ?     ?    ? ? ? 'X-RAY DIFFRACTION' 
c_improper_angle_d      0.73  ?    ? ? ? 'X-RAY DIFFRACTION' 
c_improper_angle_d_na   ?     ?    ? ? ? 'X-RAY DIFFRACTION' 
c_improper_angle_d_prot ?     ?    ? ? ? 'X-RAY DIFFRACTION' 
c_mcbond_it             1.60  1.50 ? ? ? 'X-RAY DIFFRACTION' 
c_mcangle_it            2.73  2.00 ? ? ? 'X-RAY DIFFRACTION' 
c_scbond_it             2.17  2.00 ? ? ? 'X-RAY DIFFRACTION' 
c_scangle_it            3.26  2.50 ? ? ? 'X-RAY DIFFRACTION' 
# 
_refine_ls_shell.pdbx_refine_id                   'X-RAY DIFFRACTION' 
_refine_ls_shell.pdbx_total_number_of_bins_used   6 
_refine_ls_shell.d_res_high                       2.30 
_refine_ls_shell.d_res_low                        2.44 
_refine_ls_shell.number_reflns_R_work             1303 
_refine_ls_shell.R_factor_R_work                  0.233 
_refine_ls_shell.percent_reflns_obs               93.8 
_refine_ls_shell.R_factor_R_free                  0.277 
_refine_ls_shell.R_factor_R_free_error            0.021 
_refine_ls_shell.percent_reflns_R_free            11.7 
_refine_ls_shell.number_reflns_R_free             172 
_refine_ls_shell.number_reflns_all                ? 
_refine_ls_shell.R_factor_all                     ? 
_refine_ls_shell.number_reflns_obs                1475 
_refine_ls_shell.redundancy_reflns_obs            ? 
# 
loop_
_pdbx_xplor_file.pdbx_refine_id 
_pdbx_xplor_file.serial_no 
_pdbx_xplor_file.param_file 
_pdbx_xplor_file.topol_file 
'X-RAY DIFFRACTION' 1 protein_rep.param  protein.top      
'X-RAY DIFFRACTION' 2 dna-rna_rep.param  dna-rna.top      
'X-RAY DIFFRACTION' 3 water_rep.param    water.top        
'X-RAY DIFFRACTION' 4 ion.param          ion.top          
'X-RAY DIFFRACTION' 5 carbohydrate.param carbohydrate.top 
# 
_struct.entry_id                  3VP7 
_struct.title                     'Crystal structure of the beta-alpha repeated, autophagy-specific (BARA) domain of Vps30/Atg6' 
_struct.pdbx_model_details        ? 
_struct.pdbx_CASP_flag            ? 
_struct.pdbx_model_type_details   ? 
# 
_struct_keywords.entry_id        3VP7 
_struct_keywords.pdbx_keywords   'PROTEIN TRANSPORT' 
_struct_keywords.text            'targeting, PI3-kinase complex I, pre-autophagosomal structure, PROTEIN TRANSPORT' 
# 
loop_
_struct_asym.id 
_struct_asym.pdbx_blank_PDB_chainid_flag 
_struct_asym.pdbx_modified 
_struct_asym.entity_id 
_struct_asym.details 
A N N 1 ? 
B N N 2 ? 
# 
_struct_biol.id        1 
_struct_biol.details   ? 
# 
loop_
_struct_conf.conf_type_id 
_struct_conf.id 
_struct_conf.pdbx_PDB_helix_id 
_struct_conf.beg_label_comp_id 
_struct_conf.beg_label_asym_id 
_struct_conf.beg_label_seq_id 
_struct_conf.pdbx_beg_PDB_ins_code 
_struct_conf.end_label_comp_id 
_struct_conf.end_label_asym_id 
_struct_conf.end_label_seq_id 
_struct_conf.pdbx_end_PDB_ins_code 
_struct_conf.beg_auth_comp_id 
_struct_conf.beg_auth_asym_id 
_struct_conf.beg_auth_seq_id 
_struct_conf.end_auth_comp_id 
_struct_conf.end_auth_asym_id 
_struct_conf.end_auth_seq_id 
_struct_conf.pdbx_PDB_helix_class 
_struct_conf.details 
_struct_conf.pdbx_PDB_helix_length 
HELX_P HELX_P1 1 PRO A 33  ? LEU A 55  ? PRO A 352 LEU A 374 1 ? 23 
HELX_P HELX_P2 2 MET A 67  ? PHE A 70  ? MET A 386 PHE A 389 5 ? 4  
HELX_P HELX_P3 3 THR A 115 ? SER A 141 ? THR A 434 SER A 460 1 ? 27 
HELX_P HELX_P4 4 ASN A 193 ? SER A 219 ? ASN A 512 SER A 538 1 ? 27 
# 
_struct_conf_type.id          HELX_P 
_struct_conf_type.criteria    ? 
_struct_conf_type.reference   ? 
# 
loop_
_struct_sheet.id 
_struct_sheet.type 
_struct_sheet.number_strands 
_struct_sheet.details 
A ? 3 ? 
B ? 3 ? 
C ? 3 ? 
# 
loop_
_struct_sheet_order.sheet_id 
_struct_sheet_order.range_id_1 
_struct_sheet_order.range_id_2 
_struct_sheet_order.offset 
_struct_sheet_order.sense 
A 1 2 ? anti-parallel 
A 2 3 ? anti-parallel 
B 1 2 ? anti-parallel 
B 2 3 ? anti-parallel 
C 1 2 ? anti-parallel 
C 2 3 ? anti-parallel 
# 
loop_
_struct_sheet_range.sheet_id 
_struct_sheet_range.id 
_struct_sheet_range.beg_label_comp_id 
_struct_sheet_range.beg_label_asym_id 
_struct_sheet_range.beg_label_seq_id 
_struct_sheet_range.pdbx_beg_PDB_ins_code 
_struct_sheet_range.end_label_comp_id 
_struct_sheet_range.end_label_asym_id 
_struct_sheet_range.end_label_seq_id 
_struct_sheet_range.pdbx_end_PDB_ins_code 
_struct_sheet_range.beg_auth_comp_id 
_struct_sheet_range.beg_auth_asym_id 
_struct_sheet_range.beg_auth_seq_id 
_struct_sheet_range.end_auth_comp_id 
_struct_sheet_range.end_auth_asym_id 
_struct_sheet_range.end_auth_seq_id 
A 1 ILE A 10  ? SER A 13  ? ILE A 329 SER A 332 
A 2 PHE A 16  ? ILE A 19  ? PHE A 335 ILE A 338 
A 3 LEU A 22  ? LEU A 24  ? LEU A 341 LEU A 343 
B 1 TYR A 62  ? GLN A 65  ? TYR A 381 GLN A 384 
B 2 LYS A 72  ? LYS A 75  ? LYS A 391 LYS A 394 
B 3 LEU A 95  ? PRO A 98  ? LEU A 414 PRO A 417 
C 1 MET A 175 ? ASN A 176 ? MET A 494 ASN A 495 
C 2 LYS A 179 ? ILE A 180 ? LYS A 498 ILE A 499 
C 3 LEU A 183 ? SER A 184 ? LEU A 502 SER A 503 
# 
loop_
_pdbx_struct_sheet_hbond.sheet_id 
_pdbx_struct_sheet_hbond.range_id_1 
_pdbx_struct_sheet_hbond.range_id_2 
_pdbx_struct_sheet_hbond.range_1_label_atom_id 
_pdbx_struct_sheet_hbond.range_1_label_comp_id 
_pdbx_struct_sheet_hbond.range_1_label_asym_id 
_pdbx_struct_sheet_hbond.range_1_label_seq_id 
_pdbx_struct_sheet_hbond.range_1_PDB_ins_code 
_pdbx_struct_sheet_hbond.range_1_auth_atom_id 
_pdbx_struct_sheet_hbond.range_1_auth_comp_id 
_pdbx_struct_sheet_hbond.range_1_auth_asym_id 
_pdbx_struct_sheet_hbond.range_1_auth_seq_id 
_pdbx_struct_sheet_hbond.range_2_label_atom_id 
_pdbx_struct_sheet_hbond.range_2_label_comp_id 
_pdbx_struct_sheet_hbond.range_2_label_asym_id 
_pdbx_struct_sheet_hbond.range_2_label_seq_id 
_pdbx_struct_sheet_hbond.range_2_PDB_ins_code 
_pdbx_struct_sheet_hbond.range_2_auth_atom_id 
_pdbx_struct_sheet_hbond.range_2_auth_comp_id 
_pdbx_struct_sheet_hbond.range_2_auth_asym_id 
_pdbx_struct_sheet_hbond.range_2_auth_seq_id 
A 1 2 N SER A 13  ? N SER A 332 O PHE A 16  ? O PHE A 335 
A 2 3 N ILE A 19  ? N ILE A 338 O LEU A 22  ? O LEU A 341 
B 1 2 N GLU A 63  ? N GLU A 382 O LYS A 74  ? O LYS A 393 
B 2 3 N LYS A 75  ? N LYS A 394 O LEU A 95  ? O LEU A 414 
C 1 2 N ASN A 176 ? N ASN A 495 O LYS A 179 ? O LYS A 498 
C 2 3 N ILE A 180 ? N ILE A 499 O LEU A 183 ? O LEU A 502 
# 
_atom_sites.entry_id                    3VP7 
_atom_sites.fract_transf_matrix[1][1]   0.01602728 
_atom_sites.fract_transf_matrix[1][2]   0.00427648 
_atom_sites.fract_transf_matrix[1][3]   0.00173019 
_atom_sites.fract_transf_matrix[2][1]   0.00443046 
_atom_sites.fract_transf_matrix[2][2]   -0.01601195 
_atom_sites.fract_transf_matrix[2][3]   -0.00146428 
_atom_sites.fract_transf_matrix[3][1]   0.00067635 
_atom_sites.fract_transf_matrix[3][2]   0.00098207 
_atom_sites.fract_transf_matrix[3][3]   -0.00869259 
_atom_sites.fract_transf_vector[1]      0.408663 
_atom_sites.fract_transf_vector[2]      0.341994 
_atom_sites.fract_transf_vector[3]      0.317799 
# 
loop_
_atom_type.symbol 
C 
N 
O 
S 
# 
loop_
_atom_site.group_PDB 
_atom_site.id 
_atom_site.type_symbol 
_atom_site.label_atom_id 
_atom_site.label_alt_id 
_atom_site.label_comp_id 
_atom_site.label_asym_id 
_atom_site.label_entity_id 
_atom_site.label_seq_id 
_atom_site.pdbx_PDB_ins_code 
_atom_site.Cartn_x 
_atom_site.Cartn_y 
_atom_site.Cartn_z 
_atom_site.occupancy 
_atom_site.B_iso_or_equiv 
_atom_site.pdbx_formal_charge 
_atom_site.auth_seq_id 
_atom_site.auth_comp_id 
_atom_site.auth_asym_id 
_atom_site.auth_atom_id 
_atom_site.pdbx_PDB_model_num 
ATOM   1    N N   . ILE A 1 1   ? -6.143  -18.936 9.550   1.00 75.22 ? 320 ILE A N   1 
ATOM   2    C CA  . ILE A 1 1   ? -5.630  -17.774 8.769   1.00 73.96 ? 320 ILE A CA  1 
ATOM   3    C C   . ILE A 1 1   ? -4.667  -18.226 7.675   1.00 73.24 ? 320 ILE A C   1 
ATOM   4    O O   . ILE A 1 1   ? -3.991  -19.253 7.810   1.00 73.76 ? 320 ILE A O   1 
ATOM   5    C CB  . ILE A 1 1   ? -4.900  -16.762 9.681   1.00 74.66 ? 320 ILE A CB  1 
ATOM   6    C CG1 . ILE A 1 1   ? -3.724  -17.443 10.380  1.00 74.44 ? 320 ILE A CG1 1 
ATOM   7    C CG2 . ILE A 1 1   ? -5.874  -16.187 10.702  1.00 75.45 ? 320 ILE A CG2 1 
ATOM   8    C CD1 . ILE A 1 1   ? -2.952  -16.526 11.300  1.00 77.35 ? 320 ILE A CD1 1 
ATOM   9    N N   . ASN A 1 2   ? -4.605  -17.449 6.598   1.00 70.02 ? 321 ASN A N   1 
ATOM   10   C CA  . ASN A 1 2   ? -3.738  -17.760 5.470   1.00 67.28 ? 321 ASN A CA  1 
ATOM   11   C C   . ASN A 1 2   ? -2.289  -17.346 5.717   1.00 66.20 ? 321 ASN A C   1 
ATOM   12   O O   . ASN A 1 2   ? -1.974  -16.703 6.721   1.00 66.32 ? 321 ASN A O   1 
ATOM   13   C CB  . ASN A 1 2   ? -4.275  -17.086 4.215   1.00 66.95 ? 321 ASN A CB  1 
ATOM   14   C CG  . ASN A 1 2   ? -4.407  -15.590 4.371   1.00 67.56 ? 321 ASN A CG  1 
ATOM   15   O OD1 . ASN A 1 2   ? -3.415  -14.867 4.346   1.00 68.28 ? 321 ASN A OD1 1 
ATOM   16   N ND2 . ASN A 1 2   ? -5.637  -15.116 4.545   1.00 66.01 ? 321 ASN A ND2 1 
ATOM   17   N N   . ILE A 1 3   ? -1.410  -17.715 4.792   1.00 62.83 ? 322 ILE A N   1 
ATOM   18   C CA  . ILE A 1 3   ? 0.011   -17.410 4.925   1.00 62.44 ? 322 ILE A CA  1 
ATOM   19   C C   . ILE A 1 3   ? 0.369   -15.919 4.988   1.00 61.10 ? 322 ILE A C   1 
ATOM   20   O O   . ILE A 1 3   ? 1.423   -15.555 5.520   1.00 61.93 ? 322 ILE A O   1 
ATOM   21   C CB  . ILE A 1 3   ? 0.819   -18.055 3.780   1.00 62.30 ? 322 ILE A CB  1 
ATOM   22   C CG1 . ILE A 1 3   ? 0.511   -17.351 2.459   1.00 62.87 ? 322 ILE A CG1 1 
ATOM   23   C CG2 . ILE A 1 3   ? 0.462   -19.532 3.667   1.00 63.01 ? 322 ILE A CG2 1 
ATOM   24   C CD1 . ILE A 1 3   ? 1.432   -17.753 1.325   1.00 62.21 ? 322 ILE A CD1 1 
ATOM   25   N N   . PHE A 1 4   ? -0.496  -15.062 4.449   1.00 57.45 ? 323 PHE A N   1 
ATOM   26   C CA  . PHE A 1 4   ? -0.245  -13.621 4.454   1.00 55.23 ? 323 PHE A CA  1 
ATOM   27   C C   . PHE A 1 4   ? -0.883  -12.973 5.678   1.00 54.61 ? 323 PHE A C   1 
ATOM   28   O O   . PHE A 1 4   ? -0.280  -12.132 6.349   1.00 54.22 ? 323 PHE A O   1 
ATOM   29   C CB  . PHE A 1 4   ? -0.802  -12.997 3.179   1.00 53.55 ? 323 PHE A CB  1 
ATOM   30   C CG  . PHE A 1 4   ? -0.223  -13.580 1.922   1.00 53.03 ? 323 PHE A CG  1 
ATOM   31   C CD1 . PHE A 1 4   ? -1.053  -13.980 0.880   1.00 52.07 ? 323 PHE A CD1 1 
ATOM   32   C CD2 . PHE A 1 4   ? 1.152   -13.717 1.773   1.00 52.63 ? 323 PHE A CD2 1 
ATOM   33   C CE1 . PHE A 1 4   ? -0.521  -14.504 -0.299  1.00 50.96 ? 323 PHE A CE1 1 
ATOM   34   C CE2 . PHE A 1 4   ? 1.694   -14.238 0.598   1.00 52.80 ? 323 PHE A CE2 1 
ATOM   35   C CZ  . PHE A 1 4   ? 0.855   -14.634 -0.440  1.00 49.94 ? 323 PHE A CZ  1 
ATOM   36   N N   . ASN A 1 5   ? -2.113  -13.381 5.955   1.00 53.68 ? 324 ASN A N   1 
ATOM   37   C CA  . ASN A 1 5   ? -2.878  -12.891 7.091   1.00 53.53 ? 324 ASN A CA  1 
ATOM   38   C C   . ASN A 1 5   ? -2.099  -13.216 8.364   1.00 51.48 ? 324 ASN A C   1 
ATOM   39   O O   . ASN A 1 5   ? -2.191  -12.510 9.368   1.00 50.53 ? 324 ASN A O   1 
ATOM   40   C CB  . ASN A 1 5   ? -4.240  -13.596 7.101   1.00 56.57 ? 324 ASN A CB  1 
ATOM   41   C CG  . ASN A 1 5   ? -5.143  -13.120 8.211   1.00 62.01 ? 324 ASN A CG  1 
ATOM   42   O OD1 . ASN A 1 5   ? -4.859  -13.323 9.394   1.00 66.42 ? 324 ASN A OD1 1 
ATOM   43   N ND2 . ASN A 1 5   ? -6.251  -12.485 7.837   1.00 63.74 ? 324 ASN A ND2 1 
ATOM   44   N N   . ALA A 1 6   ? -1.316  -14.287 8.301   1.00 49.52 ? 325 ALA A N   1 
ATOM   45   C CA  . ALA A 1 6   ? -0.522  -14.735 9.438   1.00 47.90 ? 325 ALA A CA  1 
ATOM   46   C C   . ALA A 1 6   ? 0.559   -13.737 9.838   1.00 45.68 ? 325 ALA A C   1 
ATOM   47   O O   . ALA A 1 6   ? 0.841   -13.576 11.024  1.00 42.72 ? 325 ALA A O   1 
ATOM   48   C CB  . ALA A 1 6   ? 0.114   -16.088 9.129   1.00 47.84 ? 325 ALA A CB  1 
ATOM   49   N N   . THR A 1 7   ? 1.159   -13.071 8.853   1.00 43.17 ? 326 THR A N   1 
ATOM   50   C CA  . THR A 1 7   ? 2.218   -12.101 9.123   1.00 41.37 ? 326 THR A CA  1 
ATOM   51   C C   . THR A 1 7   ? 1.759   -10.642 9.083   1.00 40.20 ? 326 THR A C   1 
ATOM   52   O O   . THR A 1 7   ? 2.323   -9.798  9.780   1.00 39.89 ? 326 THR A O   1 
ATOM   53   C CB  . THR A 1 7   ? 3.390   -12.278 8.138   1.00 40.94 ? 326 THR A CB  1 
ATOM   54   O OG1 . THR A 1 7   ? 3.870   -13.620 8.213   1.00 41.72 ? 326 THR A OG1 1 
ATOM   55   C CG2 . THR A 1 7   ? 4.536   -11.337 8.491   1.00 43.84 ? 326 THR A CG2 1 
ATOM   56   N N   . PHE A 1 8   ? 0.741   -10.343 8.276   1.00 38.18 ? 327 PHE A N   1 
ATOM   57   C CA  . PHE A 1 8   ? 0.237   -8.976  8.183   1.00 37.76 ? 327 PHE A CA  1 
ATOM   58   C C   . PHE A 1 8   ? -1.212  -8.848  8.646   1.00 39.70 ? 327 PHE A C   1 
ATOM   59   O O   . PHE A 1 8   ? -2.146  -9.200  7.916   1.00 40.53 ? 327 PHE A O   1 
ATOM   60   C CB  . PHE A 1 8   ? 0.365   -8.455  6.748   1.00 37.57 ? 327 PHE A CB  1 
ATOM   61   C CG  . PHE A 1 8   ? 1.763   -8.487  6.223   1.00 36.16 ? 327 PHE A CG  1 
ATOM   62   C CD1 . PHE A 1 8   ? 2.236   -9.595  5.534   1.00 34.32 ? 327 PHE A CD1 1 
ATOM   63   C CD2 . PHE A 1 8   ? 2.632   -7.430  6.472   1.00 35.39 ? 327 PHE A CD2 1 
ATOM   64   C CE1 . PHE A 1 8   ? 3.563   -9.654  5.098   1.00 36.08 ? 327 PHE A CE1 1 
ATOM   65   C CE2 . PHE A 1 8   ? 3.953   -7.477  6.046   1.00 35.62 ? 327 PHE A CE2 1 
ATOM   66   C CZ  . PHE A 1 8   ? 4.424   -8.592  5.357   1.00 35.30 ? 327 PHE A CZ  1 
ATOM   67   N N   . LYS A 1 9   ? -1.391  -8.344  9.865   1.00 40.06 ? 328 LYS A N   1 
ATOM   68   C CA  . LYS A 1 9   ? -2.719  -8.152  10.434  1.00 41.46 ? 328 LYS A CA  1 
ATOM   69   C C   . LYS A 1 9   ? -3.168  -6.724  10.120  1.00 41.84 ? 328 LYS A C   1 
ATOM   70   O O   . LYS A 1 9   ? -2.646  -5.764  10.690  1.00 39.56 ? 328 LYS A O   1 
ATOM   71   C CB  . LYS A 1 9   ? -2.692  -8.332  11.959  1.00 44.13 ? 328 LYS A CB  1 
ATOM   72   C CG  . LYS A 1 9   ? -1.877  -9.516  12.469  1.00 50.12 ? 328 LYS A CG  1 
ATOM   73   C CD  . LYS A 1 9   ? -2.482  -10.868 12.108  1.00 52.49 ? 328 LYS A CD  1 
ATOM   74   C CE  . LYS A 1 9   ? -1.652  -12.001 12.706  1.00 52.76 ? 328 LYS A CE  1 
ATOM   75   N NZ  . LYS A 1 9   ? -2.175  -13.343 12.332  1.00 56.27 ? 328 LYS A NZ  1 
ATOM   76   N N   . ILE A 1 10  ? -4.123  -6.586  9.208   1.00 42.16 ? 329 ILE A N   1 
ATOM   77   C CA  . ILE A 1 10  ? -4.633  -5.275  8.845   1.00 43.66 ? 329 ILE A CA  1 
ATOM   78   C C   . ILE A 1 10  ? -5.922  -5.056  9.621   1.00 45.13 ? 329 ILE A C   1 
ATOM   79   O O   . ILE A 1 10  ? -6.873  -5.828  9.502   1.00 44.23 ? 329 ILE A O   1 
ATOM   80   C CB  . ILE A 1 10  ? -4.910  -5.174  7.325   1.00 43.61 ? 329 ILE A CB  1 
ATOM   81   C CG1 . ILE A 1 10  ? -3.596  -5.299  6.546   1.00 43.86 ? 329 ILE A CG1 1 
ATOM   82   C CG2 . ILE A 1 10  ? -5.581  -3.855  7.007   1.00 42.16 ? 329 ILE A CG2 1 
ATOM   83   C CD1 . ILE A 1 10  ? -3.758  -5.229  5.030   1.00 42.17 ? 329 ILE A CD1 1 
ATOM   84   N N   . SER A 1 11  ? -5.945  -4.009  10.431  1.00 46.10 ? 330 SER A N   1 
ATOM   85   C CA  . SER A 1 11  ? -7.116  -3.721  11.241  1.00 48.77 ? 330 SER A CA  1 
ATOM   86   C C   . SER A 1 11  ? -7.281  -2.212  11.366  1.00 50.22 ? 330 SER A C   1 
ATOM   87   O O   . SER A 1 11  ? -6.877  -1.465  10.480  1.00 50.48 ? 330 SER A O   1 
ATOM   88   C CB  . SER A 1 11  ? -6.944  -4.370  12.622  1.00 47.52 ? 330 SER A CB  1 
ATOM   89   O OG  . SER A 1 11  ? -8.131  -4.289  13.391  1.00 50.44 ? 330 SER A OG  1 
ATOM   90   N N   . HIS A 1 12  ? -7.876  -1.761  12.463  1.00 54.10 ? 331 HIS A N   1 
ATOM   91   C CA  . HIS A 1 12  ? -8.068  -0.334  12.673  1.00 57.44 ? 331 HIS A CA  1 
ATOM   92   C C   . HIS A 1 12  ? -8.170  0.026   14.153  1.00 59.30 ? 331 HIS A C   1 
ATOM   93   O O   . HIS A 1 12  ? -8.778  -0.695  14.945  1.00 59.86 ? 331 HIS A O   1 
ATOM   94   C CB  . HIS A 1 12  ? -9.314  0.148   11.923  1.00 58.56 ? 331 HIS A CB  1 
ATOM   95   C CG  . HIS A 1 12  ? -10.568 -0.582  12.294  1.00 62.93 ? 331 HIS A CG  1 
ATOM   96   N ND1 . HIS A 1 12  ? -11.152 -0.479  13.539  1.00 65.02 ? 331 HIS A ND1 1 
ATOM   97   C CD2 . HIS A 1 12  ? -11.353 -1.425  11.580  1.00 64.84 ? 331 HIS A CD2 1 
ATOM   98   C CE1 . HIS A 1 12  ? -12.242 -1.226  13.577  1.00 66.27 ? 331 HIS A CE1 1 
ATOM   99   N NE2 . HIS A 1 12  ? -12.386 -1.811  12.401  1.00 66.96 ? 331 HIS A NE2 1 
ATOM   100  N N   . SER A 1 13  ? -7.545  1.140   14.515  1.00 61.26 ? 332 SER A N   1 
ATOM   101  C CA  . SER A 1 13  ? -7.553  1.637   15.885  1.00 61.38 ? 332 SER A CA  1 
ATOM   102  C C   . SER A 1 13  ? -8.081  3.059   15.829  1.00 61.61 ? 332 SER A C   1 
ATOM   103  O O   . SER A 1 13  ? -7.477  3.932   15.196  1.00 61.28 ? 332 SER A O   1 
ATOM   104  C CB  . SER A 1 13  ? -6.140  1.638   16.464  1.00 63.28 ? 332 SER A CB  1 
ATOM   105  O OG  . SER A 1 13  ? -6.116  2.259   17.739  1.00 66.32 ? 332 SER A OG  1 
ATOM   106  N N   . GLY A 1 14  ? -9.212  3.294   16.485  1.00 60.67 ? 333 GLY A N   1 
ATOM   107  C CA  . GLY A 1 14  ? -9.797  4.619   16.462  1.00 58.12 ? 333 GLY A CA  1 
ATOM   108  C C   . GLY A 1 14  ? -10.087 4.988   15.022  1.00 56.63 ? 333 GLY A C   1 
ATOM   109  O O   . GLY A 1 14  ? -10.820 4.272   14.343  1.00 56.93 ? 333 GLY A O   1 
ATOM   110  N N   . PRO A 1 15  ? -9.527  6.102   14.523  1.00 55.68 ? 334 PRO A N   1 
ATOM   111  C CA  . PRO A 1 15  ? -9.741  6.548   13.142  1.00 54.85 ? 334 PRO A CA  1 
ATOM   112  C C   . PRO A 1 15  ? -8.661  6.034   12.184  1.00 53.78 ? 334 PRO A C   1 
ATOM   113  O O   . PRO A 1 15  ? -8.778  6.172   10.958  1.00 54.26 ? 334 PRO A O   1 
ATOM   114  C CB  . PRO A 1 15  ? -9.697  8.061   13.278  1.00 55.46 ? 334 PRO A CB  1 
ATOM   115  C CG  . PRO A 1 15  ? -8.591  8.240   14.282  1.00 54.20 ? 334 PRO A CG  1 
ATOM   116  C CD  . PRO A 1 15  ? -8.888  7.166   15.320  1.00 55.73 ? 334 PRO A CD  1 
ATOM   117  N N   . PHE A 1 16  ? -7.618  5.435   12.754  1.00 50.94 ? 335 PHE A N   1 
ATOM   118  C CA  . PHE A 1 16  ? -6.492  4.932   11.976  1.00 47.32 ? 335 PHE A CA  1 
ATOM   119  C C   . PHE A 1 16  ? -6.578  3.472   11.567  1.00 45.48 ? 335 PHE A C   1 
ATOM   120  O O   . PHE A 1 16  ? -6.906  2.611   12.381  1.00 47.04 ? 335 PHE A O   1 
ATOM   121  C CB  . PHE A 1 16  ? -5.187  5.082   12.766  1.00 45.72 ? 335 PHE A CB  1 
ATOM   122  C CG  . PHE A 1 16  ? -4.955  6.451   13.324  1.00 44.58 ? 335 PHE A CG  1 
ATOM   123  C CD1 . PHE A 1 16  ? -4.994  6.668   14.700  1.00 43.43 ? 335 PHE A CD1 1 
ATOM   124  C CD2 . PHE A 1 16  ? -4.661  7.516   12.484  1.00 43.43 ? 335 PHE A CD2 1 
ATOM   125  C CE1 . PHE A 1 16  ? -4.742  7.925   15.234  1.00 41.82 ? 335 PHE A CE1 1 
ATOM   126  C CE2 . PHE A 1 16  ? -4.407  8.780   13.007  1.00 43.72 ? 335 PHE A CE2 1 
ATOM   127  C CZ  . PHE A 1 16  ? -4.448  8.984   14.390  1.00 42.82 ? 335 PHE A CZ  1 
ATOM   128  N N   . ALA A 1 17  ? -6.262  3.188   10.308  1.00 42.10 ? 336 ALA A N   1 
ATOM   129  C CA  . ALA A 1 17  ? -6.218  1.805   9.854   1.00 38.80 ? 336 ALA A CA  1 
ATOM   130  C C   . ALA A 1 17  ? -4.809  1.388   10.306  1.00 38.23 ? 336 ALA A C   1 
ATOM   131  O O   . ALA A 1 17  ? -3.908  2.234   10.394  1.00 35.04 ? 336 ALA A O   1 
ATOM   132  C CB  . ALA A 1 17  ? -6.337  1.736   8.336   1.00 38.50 ? 336 ALA A CB  1 
ATOM   133  N N   . THR A 1 18  ? -4.604  0.110   10.605  1.00 36.48 ? 337 THR A N   1 
ATOM   134  C CA  . THR A 1 18  ? -3.293  -0.324  11.063  1.00 34.61 ? 337 THR A CA  1 
ATOM   135  C C   . THR A 1 18  ? -2.829  -1.611  10.418  1.00 34.39 ? 337 THR A C   1 
ATOM   136  O O   . THR A 1 18  ? -3.629  -2.433  9.972   1.00 35.64 ? 337 THR A O   1 
ATOM   137  C CB  . THR A 1 18  ? -3.274  -0.578  12.588  1.00 36.66 ? 337 THR A CB  1 
ATOM   138  O OG1 . THR A 1 18  ? -4.102  -1.713  12.888  1.00 36.46 ? 337 THR A OG1 1 
ATOM   139  C CG2 . THR A 1 18  ? -3.784  0.641   13.349  1.00 35.51 ? 337 THR A CG2 1 
ATOM   140  N N   . ILE A 1 19  ? -1.516  -1.780  10.391  1.00 31.60 ? 338 ILE A N   1 
ATOM   141  C CA  . ILE A 1 19  ? -0.905  -2.975  9.856   1.00 32.04 ? 338 ILE A CA  1 
ATOM   142  C C   . ILE A 1 19  ? 0.036   -3.409  10.978  1.00 34.13 ? 338 ILE A C   1 
ATOM   143  O O   . ILE A 1 19  ? 0.927   -2.658  11.390  1.00 35.69 ? 338 ILE A O   1 
ATOM   144  C CB  . ILE A 1 19  ? -0.176  -2.674  8.518   1.00 30.84 ? 338 ILE A CB  1 
ATOM   145  C CG1 . ILE A 1 19  ? 0.503   -3.932  7.996   1.00 29.77 ? 338 ILE A CG1 1 
ATOM   146  C CG2 . ILE A 1 19  ? 0.790   -1.515  8.684   1.00 27.40 ? 338 ILE A CG2 1 
ATOM   147  C CD1 . ILE A 1 19  ? 0.951   -3.808  6.547   1.00 29.23 ? 338 ILE A CD1 1 
ATOM   148  N N   . ASN A 1 20  ? -0.204  -4.611  11.488  1.00 35.08 ? 339 ASN A N   1 
ATOM   149  C CA  . ASN A 1 20  ? 0.545   -5.160  12.608  1.00 37.18 ? 339 ASN A CA  1 
ATOM   150  C C   . ASN A 1 20  ? 0.657   -4.127  13.730  1.00 37.88 ? 339 ASN A C   1 
ATOM   151  O O   . ASN A 1 20  ? 1.710   -3.949  14.338  1.00 40.58 ? 339 ASN A O   1 
ATOM   152  C CB  . ASN A 1 20  ? 1.928   -5.648  12.165  1.00 37.51 ? 339 ASN A CB  1 
ATOM   153  C CG  . ASN A 1 20  ? 1.847   -6.876  11.272  1.00 38.57 ? 339 ASN A CG  1 
ATOM   154  O OD1 . ASN A 1 20  ? 0.980   -7.732  11.453  1.00 41.44 ? 339 ASN A OD1 1 
ATOM   155  N ND2 . ASN A 1 20  ? 2.756   -6.975  10.311  1.00 38.27 ? 339 ASN A ND2 1 
ATOM   156  N N   . GLY A 1 21  ? -0.441  -3.430  13.988  1.00 38.19 ? 340 GLY A N   1 
ATOM   157  C CA  . GLY A 1 21  ? -0.450  -2.445  15.057  1.00 38.61 ? 340 GLY A CA  1 
ATOM   158  C C   . GLY A 1 21  ? 0.014   -1.040  14.717  1.00 38.93 ? 340 GLY A C   1 
ATOM   159  O O   . GLY A 1 21  ? -0.292  -0.099  15.449  1.00 36.96 ? 340 GLY A O   1 
ATOM   160  N N   . LEU A 1 22  ? 0.747   -0.887  13.615  1.00 39.16 ? 341 LEU A N   1 
ATOM   161  C CA  . LEU A 1 22  ? 1.246   0.431   13.217  1.00 38.24 ? 341 LEU A CA  1 
ATOM   162  C C   . LEU A 1 22  ? 0.170   1.250   12.492  1.00 39.09 ? 341 LEU A C   1 
ATOM   163  O O   . LEU A 1 22  ? -0.373  0.829   11.467  1.00 38.36 ? 341 LEU A O   1 
ATOM   164  C CB  . LEU A 1 22  ? 2.483   0.278   12.324  1.00 38.20 ? 341 LEU A CB  1 
ATOM   165  C CG  . LEU A 1 22  ? 3.600   -0.618  12.868  1.00 39.00 ? 341 LEU A CG  1 
ATOM   166  C CD1 . LEU A 1 22  ? 4.696   -0.729  11.827  1.00 36.11 ? 341 LEU A CD1 1 
ATOM   167  C CD2 . LEU A 1 22  ? 4.149   -0.063  14.172  1.00 36.74 ? 341 LEU A CD2 1 
ATOM   168  N N   . ARG A 1 23  ? -0.123  2.427   13.031  1.00 38.47 ? 342 ARG A N   1 
ATOM   169  C CA  . ARG A 1 23  ? -1.135  3.300   12.466  1.00 39.05 ? 342 ARG A CA  1 
ATOM   170  C C   . ARG A 1 23  ? -0.675  4.012   11.197  1.00 39.00 ? 342 ARG A C   1 
ATOM   171  O O   . ARG A 1 23  ? 0.298   4.756   11.229  1.00 38.64 ? 342 ARG A O   1 
ATOM   172  C CB  . ARG A 1 23  ? -1.557  4.323   13.525  1.00 39.51 ? 342 ARG A CB  1 
ATOM   173  C CG  . ARG A 1 23  ? -2.158  3.697   14.793  1.00 42.07 ? 342 ARG A CG  1 
ATOM   174  C CD  . ARG A 1 23  ? -2.130  4.656   15.975  1.00 41.16 ? 342 ARG A CD  1 
ATOM   175  N NE  . ARG A 1 23  ? -0.762  4.964   16.376  1.00 43.58 ? 342 ARG A NE  1 
ATOM   176  C CZ  . ARG A 1 23  ? -0.416  5.947   17.197  1.00 44.77 ? 342 ARG A CZ  1 
ATOM   177  N NH1 . ARG A 1 23  ? -1.339  6.735   17.715  1.00 45.45 ? 342 ARG A NH1 1 
ATOM   178  N NH2 . ARG A 1 23  ? 0.860   6.144   17.491  1.00 46.05 ? 342 ARG A NH2 1 
ATOM   179  N N   . LEU A 1 24  ? -1.372  3.769   10.084  1.00 38.00 ? 343 LEU A N   1 
ATOM   180  C CA  . LEU A 1 24  ? -1.035  4.413   8.816   1.00 39.39 ? 343 LEU A CA  1 
ATOM   181  C C   . LEU A 1 24  ? -1.942  5.630   8.639   1.00 40.38 ? 343 LEU A C   1 
ATOM   182  O O   . LEU A 1 24  ? -3.035  5.548   8.073   1.00 39.40 ? 343 LEU A O   1 
ATOM   183  C CB  . LEU A 1 24  ? -1.212  3.450   7.632   1.00 38.20 ? 343 LEU A CB  1 
ATOM   184  C CG  . LEU A 1 24  ? -0.653  3.940   6.284   1.00 38.42 ? 343 LEU A CG  1 
ATOM   185  C CD1 . LEU A 1 24  ? 0.831   4.283   6.427   1.00 37.10 ? 343 LEU A CD1 1 
ATOM   186  C CD2 . LEU A 1 24  ? -0.846  2.865   5.215   1.00 36.54 ? 343 LEU A CD2 1 
ATOM   187  N N   . GLY A 1 25  ? -1.479  6.759   9.154   1.00 40.61 ? 344 GLY A N   1 
ATOM   188  C CA  . GLY A 1 25  ? -2.246  7.980   9.067   1.00 41.92 ? 344 GLY A CA  1 
ATOM   189  C C   . GLY A 1 25  ? -1.899  8.830   10.263  1.00 44.26 ? 344 GLY A C   1 
ATOM   190  O O   . GLY A 1 25  ? -1.066  8.441   11.088  1.00 43.99 ? 344 GLY A O   1 
ATOM   191  N N   . SER A 1 26  ? -2.537  9.988   10.365  1.00 44.83 ? 345 SER A N   1 
ATOM   192  C CA  . SER A 1 26  ? -2.289  10.889  11.476  1.00 46.98 ? 345 SER A CA  1 
ATOM   193  C C   . SER A 1 26  ? -3.283  12.039  11.403  1.00 48.92 ? 345 SER A C   1 
ATOM   194  O O   . SER A 1 26  ? -3.604  12.518  10.313  1.00 48.04 ? 345 SER A O   1 
ATOM   195  C CB  . SER A 1 26  ? -0.854  11.423  11.402  1.00 44.72 ? 345 SER A CB  1 
ATOM   196  O OG  . SER A 1 26  ? -0.573  12.324  12.458  1.00 44.98 ? 345 SER A OG  1 
ATOM   197  N N   . ILE A 1 27  ? -3.790  12.462  12.558  1.00 50.36 ? 346 ILE A N   1 
ATOM   198  C CA  . ILE A 1 27  ? -4.731  13.578  12.609  1.00 53.29 ? 346 ILE A CA  1 
ATOM   199  C C   . ILE A 1 27  ? -4.354  14.540  13.733  1.00 54.45 ? 346 ILE A C   1 
ATOM   200  O O   . ILE A 1 27  ? -3.819  14.126  14.759  1.00 55.25 ? 346 ILE A O   1 
ATOM   201  C CB  . ILE A 1 27  ? -6.192  13.093  12.795  1.00 52.56 ? 346 ILE A CB  1 
ATOM   202  C CG1 . ILE A 1 27  ? -6.290  12.126  13.974  1.00 53.05 ? 346 ILE A CG1 1 
ATOM   203  C CG2 . ILE A 1 27  ? -6.684  12.429  11.518  1.00 52.61 ? 346 ILE A CG2 1 
ATOM   204  C CD1 . ILE A 1 27  ? -7.715  11.718  14.295  1.00 50.95 ? 346 ILE A CD1 1 
ATOM   205  N N   . PRO A 1 28  ? -4.621  15.844  13.545  1.00 55.69 ? 347 PRO A N   1 
ATOM   206  C CA  . PRO A 1 28  ? -4.305  16.878  14.537  1.00 57.09 ? 347 PRO A CA  1 
ATOM   207  C C   . PRO A 1 28  ? -4.663  16.515  15.979  1.00 58.65 ? 347 PRO A C   1 
ATOM   208  O O   . PRO A 1 28  ? -3.911  16.826  16.908  1.00 58.96 ? 347 PRO A O   1 
ATOM   209  C CB  . PRO A 1 28  ? -5.081  18.085  14.023  1.00 57.33 ? 347 PRO A CB  1 
ATOM   210  C CG  . PRO A 1 28  ? -4.988  17.909  12.534  1.00 56.43 ? 347 PRO A CG  1 
ATOM   211  C CD  . PRO A 1 28  ? -5.303  16.434  12.378  1.00 55.72 ? 347 PRO A CD  1 
ATOM   212  N N   . GLU A 1 29  ? -5.807  15.859  16.161  1.00 59.62 ? 348 GLU A N   1 
ATOM   213  C CA  . GLU A 1 29  ? -6.248  15.452  17.493  1.00 60.92 ? 348 GLU A CA  1 
ATOM   214  C C   . GLU A 1 29  ? -5.318  14.388  18.073  1.00 61.25 ? 348 GLU A C   1 
ATOM   215  O O   . GLU A 1 29  ? -4.939  14.451  19.243  1.00 62.98 ? 348 GLU A O   1 
ATOM   216  C CB  . GLU A 1 29  ? -7.674  14.890  17.443  1.00 61.84 ? 348 GLU A CB  1 
ATOM   217  C CG  . GLU A 1 29  ? -8.767  15.885  17.051  1.00 63.98 ? 348 GLU A CG  1 
ATOM   218  C CD  . GLU A 1 29  ? -8.627  16.410  15.627  1.00 65.03 ? 348 GLU A CD  1 
ATOM   219  O OE1 . GLU A 1 29  ? -8.502  15.593  14.690  1.00 64.37 ? 348 GLU A OE1 1 
ATOM   220  O OE2 . GLU A 1 29  ? -8.653  17.647  15.445  1.00 65.66 ? 348 GLU A OE2 1 
ATOM   221  N N   . SER A 1 30  ? -4.960  13.409  17.244  1.00 60.35 ? 349 SER A N   1 
ATOM   222  C CA  . SER A 1 30  ? -4.093  12.307  17.661  1.00 57.89 ? 349 SER A CA  1 
ATOM   223  C C   . SER A 1 30  ? -2.943  12.122  16.674  1.00 56.10 ? 349 SER A C   1 
ATOM   224  O O   . SER A 1 30  ? -3.018  11.292  15.768  1.00 53.07 ? 349 SER A O   1 
ATOM   225  C CB  . SER A 1 30  ? -4.916  11.017  17.757  1.00 59.58 ? 349 SER A CB  1 
ATOM   226  O OG  . SER A 1 30  ? -4.109  9.905   18.108  1.00 62.21 ? 349 SER A OG  1 
ATOM   227  N N   . VAL A 1 31  ? -1.879  12.901  16.863  1.00 54.32 ? 350 VAL A N   1 
ATOM   228  C CA  . VAL A 1 31  ? -0.704  12.857  15.997  1.00 51.89 ? 350 VAL A CA  1 
ATOM   229  C C   . VAL A 1 31  ? 0.075   11.542  16.078  1.00 50.62 ? 350 VAL A C   1 
ATOM   230  O O   . VAL A 1 31  ? 0.367   11.040  17.168  1.00 50.34 ? 350 VAL A O   1 
ATOM   231  C CB  . VAL A 1 31  ? 0.271   14.015  16.324  1.00 51.76 ? 350 VAL A CB  1 
ATOM   232  C CG1 . VAL A 1 31  ? 1.517   13.912  15.453  1.00 49.73 ? 350 VAL A CG1 1 
ATOM   233  C CG2 . VAL A 1 31  ? -0.420  15.358  16.110  1.00 51.81 ? 350 VAL A CG2 1 
ATOM   234  N N   . VAL A 1 32  ? 0.397   10.990  14.911  1.00 47.73 ? 351 VAL A N   1 
ATOM   235  C CA  . VAL A 1 32  ? 1.166   9.756   14.815  1.00 44.65 ? 351 VAL A CA  1 
ATOM   236  C C   . VAL A 1 32  ? 2.531   10.132  14.263  1.00 43.70 ? 351 VAL A C   1 
ATOM   237  O O   . VAL A 1 32  ? 2.630   10.802  13.238  1.00 42.63 ? 351 VAL A O   1 
ATOM   238  C CB  . VAL A 1 32  ? 0.503   8.746   13.871  1.00 44.10 ? 351 VAL A CB  1 
ATOM   239  C CG1 . VAL A 1 32  ? 1.411   7.545   13.671  1.00 43.80 ? 351 VAL A CG1 1 
ATOM   240  C CG2 . VAL A 1 32  ? -0.821  8.294   14.456  1.00 44.59 ? 351 VAL A CG2 1 
ATOM   241  N N   . PRO A 1 33  ? 3.605   9.718   14.945  1.00 44.17 ? 352 PRO A N   1 
ATOM   242  C CA  . PRO A 1 33  ? 4.952   10.053  14.471  1.00 44.01 ? 352 PRO A CA  1 
ATOM   243  C C   . PRO A 1 33  ? 5.320   9.443   13.117  1.00 44.36 ? 352 PRO A C   1 
ATOM   244  O O   . PRO A 1 33  ? 4.948   8.310   12.806  1.00 45.31 ? 352 PRO A O   1 
ATOM   245  C CB  . PRO A 1 33  ? 5.852   9.573   15.611  1.00 43.81 ? 352 PRO A CB  1 
ATOM   246  C CG  . PRO A 1 33  ? 5.074   8.443   16.217  1.00 45.10 ? 352 PRO A CG  1 
ATOM   247  C CD  . PRO A 1 33  ? 3.651   8.948   16.202  1.00 42.57 ? 352 PRO A CD  1 
ATOM   248  N N   . TRP A 1 34  ? 6.050   10.209  12.316  1.00 42.61 ? 353 TRP A N   1 
ATOM   249  C CA  . TRP A 1 34  ? 6.465   9.747   11.000  1.00 42.29 ? 353 TRP A CA  1 
ATOM   250  C C   . TRP A 1 34  ? 7.238   8.433   11.031  1.00 40.79 ? 353 TRP A C   1 
ATOM   251  O O   . TRP A 1 34  ? 7.246   7.691   10.047  1.00 39.92 ? 353 TRP A O   1 
ATOM   252  C CB  . TRP A 1 34  ? 7.292   10.826  10.301  1.00 41.16 ? 353 TRP A CB  1 
ATOM   253  C CG  . TRP A 1 34  ? 6.453   11.917  9.718   1.00 42.68 ? 353 TRP A CG  1 
ATOM   254  C CD1 . TRP A 1 34  ? 6.401   13.218  10.125  1.00 43.54 ? 353 TRP A CD1 1 
ATOM   255  C CD2 . TRP A 1 34  ? 5.544   11.805  8.611   1.00 41.65 ? 353 TRP A CD2 1 
ATOM   256  N NE1 . TRP A 1 34  ? 5.519   13.924  9.339   1.00 43.66 ? 353 TRP A NE1 1 
ATOM   257  C CE2 . TRP A 1 34  ? 4.981   13.083  8.404   1.00 41.94 ? 353 TRP A CE2 1 
ATOM   258  C CE3 . TRP A 1 34  ? 5.157   10.753  7.775   1.00 42.88 ? 353 TRP A CE3 1 
ATOM   259  C CZ2 . TRP A 1 34  ? 4.046   13.337  7.391   1.00 43.02 ? 353 TRP A CZ2 1 
ATOM   260  C CZ3 . TRP A 1 34  ? 4.228   11.004  6.766   1.00 42.78 ? 353 TRP A CZ3 1 
ATOM   261  C CH2 . TRP A 1 34  ? 3.684   12.289  6.584   1.00 42.80 ? 353 TRP A CH2 1 
ATOM   262  N N   . LYS A 1 35  ? 7.893   8.145   12.152  1.00 41.53 ? 354 LYS A N   1 
ATOM   263  C CA  . LYS A 1 35  ? 8.646   6.902   12.270  1.00 41.16 ? 354 LYS A CA  1 
ATOM   264  C C   . LYS A 1 35  ? 7.674   5.730   12.213  1.00 38.76 ? 354 LYS A C   1 
ATOM   265  O O   . LYS A 1 35  ? 7.969   4.690   11.628  1.00 39.79 ? 354 LYS A O   1 
ATOM   266  C CB  . LYS A 1 35  ? 9.426   6.855   13.587  1.00 42.83 ? 354 LYS A CB  1 
ATOM   267  C CG  . LYS A 1 35  ? 10.900  7.246   13.463  1.00 46.40 ? 354 LYS A CG  1 
ATOM   268  C CD  . LYS A 1 35  ? 11.638  6.968   14.771  1.00 48.97 ? 354 LYS A CD  1 
ATOM   269  C CE  . LYS A 1 35  ? 13.096  7.368   14.693  1.00 51.53 ? 354 LYS A CE  1 
ATOM   270  N NZ  . LYS A 1 35  ? 13.278  8.832   14.483  1.00 60.25 ? 354 LYS A NZ  1 
ATOM   271  N N   . GLU A 1 36  ? 6.513   5.908   12.827  1.00 36.23 ? 355 GLU A N   1 
ATOM   272  C CA  . GLU A 1 36  ? 5.496   4.876   12.838  1.00 34.96 ? 355 GLU A CA  1 
ATOM   273  C C   . GLU A 1 36  ? 4.878   4.759   11.452  1.00 34.33 ? 355 GLU A C   1 
ATOM   274  O O   . GLU A 1 36  ? 4.710   3.655   10.925  1.00 33.66 ? 355 GLU A O   1 
ATOM   275  C CB  . GLU A 1 36  ? 4.412   5.207   13.866  1.00 33.86 ? 355 GLU A CB  1 
ATOM   276  C CG  . GLU A 1 36  ? 3.248   4.237   13.820  1.00 35.75 ? 355 GLU A CG  1 
ATOM   277  C CD  . GLU A 1 36  ? 2.401   4.287   15.065  1.00 39.06 ? 355 GLU A CD  1 
ATOM   278  O OE1 . GLU A 1 36  ? 1.349   3.611   15.087  1.00 38.80 ? 355 GLU A OE1 1 
ATOM   279  O OE2 . GLU A 1 36  ? 2.791   4.998   16.022  1.00 40.60 ? 355 GLU A OE2 1 
ATOM   280  N N   . ILE A 1 37  ? 4.553   5.905   10.865  1.00 29.70 ? 356 ILE A N   1 
ATOM   281  C CA  . ILE A 1 37  ? 3.968   5.923   9.544   1.00 30.63 ? 356 ILE A CA  1 
ATOM   282  C C   . ILE A 1 37  ? 4.911   5.315   8.519   1.00 29.51 ? 356 ILE A C   1 
ATOM   283  O O   . ILE A 1 37  ? 4.473   4.550   7.668   1.00 30.61 ? 356 ILE A O   1 
ATOM   284  C CB  . ILE A 1 37  ? 3.588   7.373   9.116   1.00 31.95 ? 356 ILE A CB  1 
ATOM   285  C CG1 . ILE A 1 37  ? 2.385   7.843   9.946   1.00 30.07 ? 356 ILE A CG1 1 
ATOM   286  C CG2 . ILE A 1 37  ? 3.284   7.425   7.606   1.00 29.89 ? 356 ILE A CG2 1 
ATOM   287  C CD1 . ILE A 1 37  ? 1.977   9.292   9.713   1.00 30.50 ? 356 ILE A CD1 1 
ATOM   288  N N   . ASN A 1 38  ? 6.202   5.631   8.606   1.00 29.99 ? 357 ASN A N   1 
ATOM   289  C CA  . ASN A 1 38  ? 7.162   5.094   7.642   1.00 30.40 ? 357 ASN A CA  1 
ATOM   290  C C   . ASN A 1 38  ? 7.386   3.591   7.836   1.00 31.75 ? 357 ASN A C   1 
ATOM   291  O O   . ASN A 1 38  ? 7.592   2.847   6.865   1.00 31.05 ? 357 ASN A O   1 
ATOM   292  C CB  . ASN A 1 38  ? 8.495   5.846   7.732   1.00 29.86 ? 357 ASN A CB  1 
ATOM   293  C CG  . ASN A 1 38  ? 8.358   7.321   7.396   1.00 30.96 ? 357 ASN A CG  1 
ATOM   294  O OD1 . ASN A 1 38  ? 7.503   7.713   6.601   1.00 28.82 ? 357 ASN A OD1 1 
ATOM   295  N ND2 . ASN A 1 38  ? 9.216   8.144   7.985   1.00 30.87 ? 357 ASN A ND2 1 
ATOM   296  N N   . ALA A 1 39  ? 7.340   3.140   9.087   1.00 30.92 ? 358 ALA A N   1 
ATOM   297  C CA  . ALA A 1 39  ? 7.507   1.717   9.365   1.00 32.29 ? 358 ALA A CA  1 
ATOM   298  C C   . ALA A 1 39  ? 6.284   0.990   8.800   1.00 31.51 ? 358 ALA A C   1 
ATOM   299  O O   . ALA A 1 39  ? 6.401   -0.108  8.248   1.00 33.55 ? 358 ALA A O   1 
ATOM   300  C CB  . ALA A 1 39  ? 7.617   1.482   10.873  1.00 31.58 ? 358 ALA A CB  1 
ATOM   301  N N   . ALA A 1 40  ? 5.112   1.611   8.928   1.00 28.78 ? 359 ALA A N   1 
ATOM   302  C CA  . ALA A 1 40  ? 3.884   1.004   8.422   1.00 28.85 ? 359 ALA A CA  1 
ATOM   303  C C   . ALA A 1 40  ? 3.986   0.878   6.901   1.00 30.54 ? 359 ALA A C   1 
ATOM   304  O O   . ALA A 1 40  ? 3.671   -0.173  6.332   1.00 29.71 ? 359 ALA A O   1 
ATOM   305  C CB  . ALA A 1 40  ? 2.668   1.851   8.812   1.00 24.03 ? 359 ALA A CB  1 
ATOM   306  N N   . LEU A 1 41  ? 4.436   1.946   6.240   1.00 30.33 ? 360 LEU A N   1 
ATOM   307  C CA  . LEU A 1 41  ? 4.583   1.896   4.789   1.00 30.40 ? 360 LEU A CA  1 
ATOM   308  C C   . LEU A 1 41  ? 5.589   0.803   4.427   1.00 30.26 ? 360 LEU A C   1 
ATOM   309  O O   . LEU A 1 41  ? 5.381   0.064   3.462   1.00 30.30 ? 360 LEU A O   1 
ATOM   310  C CB  . LEU A 1 41  ? 5.029   3.260   4.243   1.00 29.59 ? 360 LEU A CB  1 
ATOM   311  C CG  . LEU A 1 41  ? 3.912   4.312   4.286   1.00 29.93 ? 360 LEU A CG  1 
ATOM   312  C CD1 . LEU A 1 41  ? 4.475   5.686   3.967   1.00 30.65 ? 360 LEU A CD1 1 
ATOM   313  C CD2 . LEU A 1 41  ? 2.798   3.924   3.305   1.00 29.22 ? 360 LEU A CD2 1 
ATOM   314  N N   . GLY A 1 42  ? 6.664   0.692   5.215   1.00 28.97 ? 361 GLY A N   1 
ATOM   315  C CA  . GLY A 1 42  ? 7.665   -0.334  4.967   1.00 28.95 ? 361 GLY A CA  1 
ATOM   316  C C   . GLY A 1 42  ? 7.063   -1.736  4.997   1.00 32.53 ? 361 GLY A C   1 
ATOM   317  O O   . GLY A 1 42  ? 7.397   -2.588  4.171   1.00 33.26 ? 361 GLY A O   1 
ATOM   318  N N   . GLN A 1 43  ? 6.177   -1.989  5.958   1.00 32.15 ? 362 GLN A N   1 
ATOM   319  C CA  . GLN A 1 43  ? 5.523   -3.288  6.055   1.00 31.11 ? 362 GLN A CA  1 
ATOM   320  C C   . GLN A 1 43  ? 4.580   -3.525  4.867   1.00 31.44 ? 362 GLN A C   1 
ATOM   321  O O   . GLN A 1 43  ? 4.467   -4.650  4.365   1.00 30.83 ? 362 GLN A O   1 
ATOM   322  C CB  . GLN A 1 43  ? 4.768   -3.411  7.389   1.00 30.96 ? 362 GLN A CB  1 
ATOM   323  C CG  . GLN A 1 43  ? 5.717   -3.688  8.569   1.00 30.97 ? 362 GLN A CG  1 
ATOM   324  C CD  . GLN A 1 43  ? 5.007   -4.048  9.865   1.00 32.21 ? 362 GLN A CD  1 
ATOM   325  O OE1 . GLN A 1 43  ? 3.918   -4.633  9.858   1.00 32.68 ? 362 GLN A OE1 1 
ATOM   326  N NE2 . GLN A 1 43  ? 5.635   -3.716  10.992  1.00 31.45 ? 362 GLN A NE2 1 
ATOM   327  N N   . LEU A 1 44  ? 3.924   -2.463  4.406   1.00 31.50 ? 363 LEU A N   1 
ATOM   328  C CA  . LEU A 1 44  ? 3.020   -2.567  3.270   1.00 30.65 ? 363 LEU A CA  1 
ATOM   329  C C   . LEU A 1 44  ? 3.813   -2.972  2.021   1.00 32.27 ? 363 LEU A C   1 
ATOM   330  O O   . LEU A 1 44  ? 3.412   -3.867  1.272   1.00 33.89 ? 363 LEU A O   1 
ATOM   331  C CB  . LEU A 1 44  ? 2.324   -1.230  3.040   1.00 30.78 ? 363 LEU A CB  1 
ATOM   332  C CG  . LEU A 1 44  ? 1.602   -1.047  1.698   1.00 33.36 ? 363 LEU A CG  1 
ATOM   333  C CD1 . LEU A 1 44  ? 0.516   -2.111  1.517   1.00 32.91 ? 363 LEU A CD1 1 
ATOM   334  C CD2 . LEU A 1 44  ? 1.009   0.353   1.652   1.00 31.83 ? 363 LEU A CD2 1 
ATOM   335  N N   . ILE A 1 45  ? 4.950   -2.322  1.806   1.00 32.50 ? 364 ILE A N   1 
ATOM   336  C CA  . ILE A 1 45  ? 5.790   -2.632  0.660   1.00 32.68 ? 364 ILE A CA  1 
ATOM   337  C C   . ILE A 1 45  ? 6.271   -4.076  0.761   1.00 32.42 ? 364 ILE A C   1 
ATOM   338  O O   . ILE A 1 45  ? 6.314   -4.795  -0.236  1.00 31.11 ? 364 ILE A O   1 
ATOM   339  C CB  . ILE A 1 45  ? 7.000   -1.677  0.587   1.00 32.66 ? 364 ILE A CB  1 
ATOM   340  C CG1 . ILE A 1 45  ? 6.504   -0.244  0.379   1.00 31.92 ? 364 ILE A CG1 1 
ATOM   341  C CG2 . ILE A 1 45  ? 7.941   -2.092  -0.543  1.00 33.00 ? 364 ILE A CG2 1 
ATOM   342  C CD1 . ILE A 1 45  ? 5.631   -0.062  -0.852  1.00 32.30 ? 364 ILE A CD1 1 
ATOM   343  N N   . LEU A 1 46  ? 6.623   -4.506  1.968   1.00 33.77 ? 365 LEU A N   1 
ATOM   344  C CA  . LEU A 1 46  ? 7.075   -5.882  2.157   1.00 33.30 ? 365 LEU A CA  1 
ATOM   345  C C   . LEU A 1 46  ? 5.914   -6.828  1.871   1.00 34.25 ? 365 LEU A C   1 
ATOM   346  O O   . LEU A 1 46  ? 6.087   -7.876  1.250   1.00 37.17 ? 365 LEU A O   1 
ATOM   347  C CB  . LEU A 1 46  ? 7.580   -6.102  3.587   1.00 29.91 ? 365 LEU A CB  1 
ATOM   348  C CG  . LEU A 1 46  ? 7.947   -7.557  3.919   1.00 28.91 ? 365 LEU A CG  1 
ATOM   349  C CD1 . LEU A 1 46  ? 9.105   -8.014  3.038   1.00 27.75 ? 365 LEU A CD1 1 
ATOM   350  C CD2 . LEU A 1 46  ? 8.311   -7.669  5.401   1.00 29.88 ? 365 LEU A CD2 1 
ATOM   351  N N   . LEU A 1 47  ? 4.724   -6.455  2.326   1.00 34.89 ? 366 LEU A N   1 
ATOM   352  C CA  . LEU A 1 47  ? 3.547   -7.283  2.093   1.00 37.69 ? 366 LEU A CA  1 
ATOM   353  C C   . LEU A 1 47  ? 3.322   -7.466  0.588   1.00 37.71 ? 366 LEU A C   1 
ATOM   354  O O   . LEU A 1 47  ? 3.106   -8.582  0.115   1.00 36.82 ? 366 LEU A O   1 
ATOM   355  C CB  . LEU A 1 47  ? 2.311   -6.640  2.735   1.00 38.71 ? 366 LEU A CB  1 
ATOM   356  C CG  . LEU A 1 47  ? 0.963   -7.276  2.379   1.00 40.89 ? 366 LEU A CG  1 
ATOM   357  C CD1 . LEU A 1 47  ? 1.001   -8.771  2.690   1.00 42.77 ? 366 LEU A CD1 1 
ATOM   358  C CD2 . LEU A 1 47  ? -0.150  -6.586  3.152   1.00 39.57 ? 366 LEU A CD2 1 
ATOM   359  N N   . LEU A 1 48  ? 3.384   -6.364  -0.157  1.00 37.16 ? 367 LEU A N   1 
ATOM   360  C CA  . LEU A 1 48  ? 3.184   -6.406  -1.606  1.00 37.67 ? 367 LEU A CA  1 
ATOM   361  C C   . LEU A 1 48  ? 4.229   -7.255  -2.318  1.00 38.82 ? 367 LEU A C   1 
ATOM   362  O O   . LEU A 1 48  ? 3.907   -7.989  -3.257  1.00 38.19 ? 367 LEU A O   1 
ATOM   363  C CB  . LEU A 1 48  ? 3.194   -4.985  -2.188  1.00 38.06 ? 367 LEU A CB  1 
ATOM   364  C CG  . LEU A 1 48  ? 1.986   -4.104  -1.852  1.00 37.90 ? 367 LEU A CG  1 
ATOM   365  C CD1 . LEU A 1 48  ? 2.126   -2.746  -2.537  1.00 35.84 ? 367 LEU A CD1 1 
ATOM   366  C CD2 . LEU A 1 48  ? 0.706   -4.795  -2.320  1.00 36.13 ? 367 LEU A CD2 1 
ATOM   367  N N   . ALA A 1 49  ? 5.482   -7.153  -1.877  1.00 39.19 ? 368 ALA A N   1 
ATOM   368  C CA  . ALA A 1 49  ? 6.562   -7.929  -2.476  1.00 39.63 ? 368 ALA A CA  1 
ATOM   369  C C   . ALA A 1 49  ? 6.362   -9.410  -2.140  1.00 40.83 ? 368 ALA A C   1 
ATOM   370  O O   . ALA A 1 49  ? 6.714   -10.297 -2.926  1.00 40.66 ? 368 ALA A O   1 
ATOM   371  C CB  . ALA A 1 49  ? 7.925   -7.436  -1.956  1.00 36.32 ? 368 ALA A CB  1 
ATOM   372  N N   . THR A 1 50  ? 5.784   -9.673  -0.973  1.00 40.81 ? 369 THR A N   1 
ATOM   373  C CA  . THR A 1 50  ? 5.535   -11.040 -0.541  1.00 41.39 ? 369 THR A CA  1 
ATOM   374  C C   . THR A 1 50  ? 4.513   -11.692 -1.470  1.00 42.56 ? 369 THR A C   1 
ATOM   375  O O   . THR A 1 50  ? 4.666   -12.847 -1.863  1.00 42.75 ? 369 THR A O   1 
ATOM   376  C CB  . THR A 1 50  ? 5.017   -11.063 0.912   1.00 39.69 ? 369 THR A CB  1 
ATOM   377  O OG1 . THR A 1 50  ? 5.978   -10.424 1.755   1.00 38.56 ? 369 THR A OG1 1 
ATOM   378  C CG2 . THR A 1 50  ? 4.803   -12.489 1.398   1.00 37.48 ? 369 THR A CG2 1 
ATOM   379  N N   . ILE A 1 51  ? 3.471   -10.946 -1.819  1.00 43.15 ? 370 ILE A N   1 
ATOM   380  C CA  . ILE A 1 51  ? 2.440   -11.450 -2.720  1.00 43.90 ? 370 ILE A CA  1 
ATOM   381  C C   . ILE A 1 51  ? 3.045   -11.744 -4.093  1.00 45.72 ? 370 ILE A C   1 
ATOM   382  O O   . ILE A 1 51  ? 2.765   -12.782 -4.689  1.00 47.02 ? 370 ILE A O   1 
ATOM   383  C CB  . ILE A 1 51  ? 1.306   -10.428 -2.905  1.00 41.88 ? 370 ILE A CB  1 
ATOM   384  C CG1 . ILE A 1 51  ? 0.569   -10.221 -1.584  1.00 41.31 ? 370 ILE A CG1 1 
ATOM   385  C CG2 . ILE A 1 51  ? 0.344   -10.898 -3.990  1.00 39.94 ? 370 ILE A CG2 1 
ATOM   386  C CD1 . ILE A 1 51  ? -0.458  -9.099  -1.643  1.00 41.09 ? 370 ILE A CD1 1 
ATOM   387  N N   . ASN A 1 52  ? 3.875   -10.830 -4.586  1.00 46.92 ? 371 ASN A N   1 
ATOM   388  C CA  . ASN A 1 52  ? 4.503   -10.993 -5.894  1.00 50.72 ? 371 ASN A CA  1 
ATOM   389  C C   . ASN A 1 52  ? 5.459   -12.178 -5.923  1.00 53.23 ? 371 ASN A C   1 
ATOM   390  O O   . ASN A 1 52  ? 5.538   -12.911 -6.912  1.00 52.48 ? 371 ASN A O   1 
ATOM   391  C CB  . ASN A 1 52  ? 5.262   -9.718  -6.281  1.00 50.10 ? 371 ASN A CB  1 
ATOM   392  C CG  . ASN A 1 52  ? 4.335   -8.591  -6.720  1.00 51.95 ? 371 ASN A CG  1 
ATOM   393  O OD1 . ASN A 1 52  ? 3.110   -8.701  -6.628  1.00 50.78 ? 371 ASN A OD1 1 
ATOM   394  N ND2 . ASN A 1 52  ? 4.921   -7.501  -7.198  1.00 49.68 ? 371 ASN A ND2 1 
ATOM   395  N N   . LYS A 1 53  ? 6.180   -12.358 -4.825  1.00 55.14 ? 372 LYS A N   1 
ATOM   396  C CA  . LYS A 1 53  ? 7.144   -13.441 -4.699  1.00 57.85 ? 372 LYS A CA  1 
ATOM   397  C C   . LYS A 1 53  ? 6.446   -14.799 -4.713  1.00 57.61 ? 372 LYS A C   1 
ATOM   398  O O   . LYS A 1 53  ? 6.804   -15.691 -5.482  1.00 58.28 ? 372 LYS A O   1 
ATOM   399  C CB  . LYS A 1 53  ? 7.927   -13.275 -3.392  1.00 61.16 ? 372 LYS A CB  1 
ATOM   400  C CG  . LYS A 1 53  ? 9.080   -14.238 -3.207  1.00 66.41 ? 372 LYS A CG  1 
ATOM   401  C CD  . LYS A 1 53  ? 10.214  -13.938 -4.176  1.00 70.44 ? 372 LYS A CD  1 
ATOM   402  C CE  . LYS A 1 53  ? 11.421  -14.828 -3.910  1.00 72.22 ? 372 LYS A CE  1 
ATOM   403  N NZ  . LYS A 1 53  ? 12.534  -14.551 -4.870  1.00 74.27 ? 372 LYS A NZ  1 
ATOM   404  N N   . ASN A 1 54  ? 5.435   -14.937 -3.865  1.00 55.29 ? 373 ASN A N   1 
ATOM   405  C CA  . ASN A 1 54  ? 4.698   -16.181 -3.743  1.00 55.72 ? 373 ASN A CA  1 
ATOM   406  C C   . ASN A 1 54  ? 3.806   -16.564 -4.918  1.00 56.24 ? 373 ASN A C   1 
ATOM   407  O O   . ASN A 1 54  ? 3.723   -17.738 -5.274  1.00 55.66 ? 373 ASN A O   1 
ATOM   408  C CB  . ASN A 1 54  ? 3.879   -16.155 -2.453  1.00 55.28 ? 373 ASN A CB  1 
ATOM   409  C CG  . ASN A 1 54  ? 4.741   -16.337 -1.220  1.00 55.74 ? 373 ASN A CG  1 
ATOM   410  O OD1 . ASN A 1 54  ? 5.145   -17.454 -0.893  1.00 57.10 ? 373 ASN A OD1 1 
ATOM   411  N ND2 . ASN A 1 54  ? 5.046   -15.238 -0.540  1.00 53.09 ? 373 ASN A ND2 1 
ATOM   412  N N   . LEU A 1 55  ? 3.133   -15.591 -5.519  1.00 56.23 ? 374 LEU A N   1 
ATOM   413  C CA  . LEU A 1 55  ? 2.257   -15.897 -6.639  1.00 57.00 ? 374 LEU A CA  1 
ATOM   414  C C   . LEU A 1 55  ? 2.957   -15.796 -7.991  1.00 57.73 ? 374 LEU A C   1 
ATOM   415  O O   . LEU A 1 55  ? 2.330   -15.940 -9.040  1.00 58.61 ? 374 LEU A O   1 
ATOM   416  C CB  . LEU A 1 55  ? 1.017   -14.998 -6.605  1.00 56.02 ? 374 LEU A CB  1 
ATOM   417  C CG  . LEU A 1 55  ? -0.049  -15.461 -5.607  1.00 55.98 ? 374 LEU A CG  1 
ATOM   418  C CD1 . LEU A 1 55  ? 0.403   -15.178 -4.187  1.00 58.42 ? 374 LEU A CD1 1 
ATOM   419  C CD2 . LEU A 1 55  ? -1.352  -14.760 -5.886  1.00 57.47 ? 374 LEU A CD2 1 
ATOM   420  N N   . LYS A 1 56  ? 4.264   -15.569 -7.957  1.00 59.76 ? 375 LYS A N   1 
ATOM   421  C CA  . LYS A 1 56  ? 5.052   -15.459 -9.177  1.00 62.12 ? 375 LYS A CA  1 
ATOM   422  C C   . LYS A 1 56  ? 4.514   -14.353 -10.080 1.00 62.07 ? 375 LYS A C   1 
ATOM   423  O O   . LYS A 1 56  ? 4.311   -14.555 -11.279 1.00 60.74 ? 375 LYS A O   1 
ATOM   424  C CB  . LYS A 1 56  ? 5.043   -16.787 -9.939  1.00 64.19 ? 375 LYS A CB  1 
ATOM   425  C CG  . LYS A 1 56  ? 5.596   -17.973 -9.162  1.00 67.43 ? 375 LYS A CG  1 
ATOM   426  C CD  . LYS A 1 56  ? 5.513   -19.248 -10.001 1.00 71.71 ? 375 LYS A CD  1 
ATOM   427  C CE  . LYS A 1 56  ? 5.989   -20.474 -9.231  1.00 72.96 ? 375 LYS A CE  1 
ATOM   428  N NZ  . LYS A 1 56  ? 5.948   -21.702 -10.086 1.00 75.62 ? 375 LYS A NZ  1 
ATOM   429  N N   . ILE A 1 57  ? 4.276   -13.186 -9.495  1.00 61.78 ? 376 ILE A N   1 
ATOM   430  C CA  . ILE A 1 57  ? 3.781   -12.053 -10.258 1.00 61.74 ? 376 ILE A CA  1 
ATOM   431  C C   . ILE A 1 57  ? 4.961   -11.224 -10.731 1.00 62.21 ? 376 ILE A C   1 
ATOM   432  O O   . ILE A 1 57  ? 5.817   -10.826 -9.936  1.00 62.94 ? 376 ILE A O   1 
ATOM   433  C CB  . ILE A 1 57  ? 2.850   -11.171 -9.411  1.00 60.94 ? 376 ILE A CB  1 
ATOM   434  C CG1 . ILE A 1 57  ? 1.528   -11.902 -9.185  1.00 59.92 ? 376 ILE A CG1 1 
ATOM   435  C CG2 . ILE A 1 57  ? 2.633   -9.827  -10.090 1.00 58.44 ? 376 ILE A CG2 1 
ATOM   436  C CD1 . ILE A 1 57  ? 0.522   -11.100 -8.411  1.00 60.55 ? 376 ILE A CD1 1 
ATOM   437  N N   . ASN A 1 58  ? 5.004   -10.967 -12.030 1.00 61.82 ? 377 ASN A N   1 
ATOM   438  C CA  . ASN A 1 58  ? 6.085   -10.185 -12.607 1.00 62.95 ? 377 ASN A CA  1 
ATOM   439  C C   . ASN A 1 58  ? 5.630   -8.763  -12.920 1.00 61.20 ? 377 ASN A C   1 
ATOM   440  O O   . ASN A 1 58  ? 4.773   -8.554  -13.780 1.00 61.09 ? 377 ASN A O   1 
ATOM   441  C CB  . ASN A 1 58  ? 6.579   -10.848 -13.895 1.00 65.95 ? 377 ASN A CB  1 
ATOM   442  C CG  . ASN A 1 58  ? 7.724   -10.090 -14.535 1.00 69.80 ? 377 ASN A CG  1 
ATOM   443  O OD1 . ASN A 1 58  ? 8.010   -10.260 -15.726 1.00 70.94 ? 377 ASN A OD1 1 
ATOM   444  N ND2 . ASN A 1 58  ? 8.398   -9.253  -13.743 1.00 70.09 ? 377 ASN A ND2 1 
ATOM   445  N N   . LEU A 1 59  ? 6.194   -7.787  -12.217 1.00 58.91 ? 378 LEU A N   1 
ATOM   446  C CA  . LEU A 1 59  ? 5.847   -6.395  -12.469 1.00 56.73 ? 378 LEU A CA  1 
ATOM   447  C C   . LEU A 1 59  ? 6.894   -5.857  -13.428 1.00 55.89 ? 378 LEU A C   1 
ATOM   448  O O   . LEU A 1 59  ? 8.054   -5.667  -13.053 1.00 57.00 ? 378 LEU A O   1 
ATOM   449  C CB  . LEU A 1 59  ? 5.858   -5.583  -11.175 1.00 57.11 ? 378 LEU A CB  1 
ATOM   450  C CG  . LEU A 1 59  ? 4.804   -5.950  -10.129 1.00 56.60 ? 378 LEU A CG  1 
ATOM   451  C CD1 . LEU A 1 59  ? 4.943   -5.021  -8.933  1.00 57.52 ? 378 LEU A CD1 1 
ATOM   452  C CD2 . LEU A 1 59  ? 3.409   -5.835  -10.727 1.00 55.22 ? 378 LEU A CD2 1 
ATOM   453  N N   . VAL A 1 60  ? 6.482   -5.620  -14.668 1.00 53.05 ? 379 VAL A N   1 
ATOM   454  C CA  . VAL A 1 60  ? 7.391   -5.130  -15.693 1.00 51.41 ? 379 VAL A CA  1 
ATOM   455  C C   . VAL A 1 60  ? 7.946   -3.733  -15.448 1.00 49.46 ? 379 VAL A C   1 
ATOM   456  O O   . VAL A 1 60  ? 9.155   -3.525  -15.522 1.00 49.47 ? 379 VAL A O   1 
ATOM   457  C CB  . VAL A 1 60  ? 6.716   -5.133  -17.085 1.00 52.23 ? 379 VAL A CB  1 
ATOM   458  C CG1 . VAL A 1 60  ? 7.654   -4.519  -18.119 1.00 52.11 ? 379 VAL A CG1 1 
ATOM   459  C CG2 . VAL A 1 60  ? 6.359   -6.555  -17.486 1.00 51.46 ? 379 VAL A CG2 1 
ATOM   460  N N   . ASP A 1 61  ? 7.071   -2.779  -15.153 1.00 47.21 ? 380 ASP A N   1 
ATOM   461  C CA  . ASP A 1 61  ? 7.510   -1.403  -14.953 1.00 45.90 ? 380 ASP A CA  1 
ATOM   462  C C   . ASP A 1 61  ? 7.710   -0.964  -13.513 1.00 44.99 ? 380 ASP A C   1 
ATOM   463  O O   . ASP A 1 61  ? 7.867   0.228   -13.246 1.00 44.90 ? 380 ASP A O   1 
ATOM   464  C CB  . ASP A 1 61  ? 6.529   -0.449  -15.627 1.00 48.24 ? 380 ASP A CB  1 
ATOM   465  C CG  . ASP A 1 61  ? 6.277   -0.810  -17.079 1.00 48.68 ? 380 ASP A CG  1 
ATOM   466  O OD1 . ASP A 1 61  ? 7.265   -0.995  -17.824 1.00 48.47 ? 380 ASP A OD1 1 
ATOM   467  O OD2 . ASP A 1 61  ? 5.094   -0.909  -17.466 1.00 49.45 ? 380 ASP A OD2 1 
ATOM   468  N N   . TYR A 1 62  ? 7.705   -1.910  -12.583 1.00 42.61 ? 381 TYR A N   1 
ATOM   469  C CA  . TYR A 1 62  ? 7.895   -1.553  -11.188 1.00 43.16 ? 381 TYR A CA  1 
ATOM   470  C C   . TYR A 1 62  ? 8.744   -2.563  -10.458 1.00 43.30 ? 381 TYR A C   1 
ATOM   471  O O   . TYR A 1 62  ? 8.842   -3.729  -10.846 1.00 44.47 ? 381 TYR A O   1 
ATOM   472  C CB  . TYR A 1 62  ? 6.561   -1.439  -10.441 1.00 40.45 ? 381 TYR A CB  1 
ATOM   473  C CG  . TYR A 1 62  ? 5.529   -0.551  -11.086 1.00 38.92 ? 381 TYR A CG  1 
ATOM   474  C CD1 . TYR A 1 62  ? 4.571   -1.079  -11.947 1.00 38.01 ? 381 TYR A CD1 1 
ATOM   475  C CD2 . TYR A 1 62  ? 5.497   0.817   -10.820 1.00 38.52 ? 381 TYR A CD2 1 
ATOM   476  C CE1 . TYR A 1 62  ? 3.601   -0.269  -12.525 1.00 39.28 ? 381 TYR A CE1 1 
ATOM   477  C CE2 . TYR A 1 62  ? 4.535   1.635   -11.393 1.00 36.56 ? 381 TYR A CE2 1 
ATOM   478  C CZ  . TYR A 1 62  ? 3.587   1.087   -12.244 1.00 39.73 ? 381 TYR A CZ  1 
ATOM   479  O OH  . TYR A 1 62  ? 2.614   1.892   -12.800 1.00 39.40 ? 381 TYR A OH  1 
ATOM   480  N N   . GLU A 1 63  ? 9.366   -2.093  -9.391  1.00 43.35 ? 382 GLU A N   1 
ATOM   481  C CA  . GLU A 1 63  ? 10.181  -2.952  -8.571  1.00 44.73 ? 382 GLU A CA  1 
ATOM   482  C C   . GLU A 1 63  ? 10.014  -2.499  -7.130  1.00 43.86 ? 382 GLU A C   1 
ATOM   483  O O   . GLU A 1 63  ? 10.276  -1.345  -6.794  1.00 42.87 ? 382 GLU A O   1 
ATOM   484  C CB  . GLU A 1 63  ? 11.642  -2.871  -8.992  1.00 48.56 ? 382 GLU A CB  1 
ATOM   485  C CG  . GLU A 1 63  ? 12.482  -3.974  -8.394  1.00 53.89 ? 382 GLU A CG  1 
ATOM   486  C CD  . GLU A 1 63  ? 13.938  -3.854  -8.757  1.00 58.37 ? 382 GLU A CD  1 
ATOM   487  O OE1 . GLU A 1 63  ? 14.253  -3.858  -9.971  1.00 61.59 ? 382 GLU A OE1 1 
ATOM   488  O OE2 . GLU A 1 63  ? 14.765  -3.756  -7.825  1.00 59.33 ? 382 GLU A OE2 1 
ATOM   489  N N   . LEU A 1 64  ? 9.545   -3.412  -6.292  1.00 42.34 ? 383 LEU A N   1 
ATOM   490  C CA  . LEU A 1 64  ? 9.349   -3.121  -4.884  1.00 42.30 ? 383 LEU A CA  1 
ATOM   491  C C   . LEU A 1 64  ? 10.643  -3.393  -4.132  1.00 41.43 ? 383 LEU A C   1 
ATOM   492  O O   . LEU A 1 64  ? 11.266  -4.430  -4.330  1.00 44.23 ? 383 LEU A O   1 
ATOM   493  C CB  . LEU A 1 64  ? 8.231   -3.999  -4.324  1.00 40.98 ? 383 LEU A CB  1 
ATOM   494  C CG  . LEU A 1 64  ? 6.831   -3.744  -4.876  1.00 39.83 ? 383 LEU A CG  1 
ATOM   495  C CD1 . LEU A 1 64  ? 5.915   -4.879  -4.468  1.00 40.92 ? 383 LEU A CD1 1 
ATOM   496  C CD2 . LEU A 1 64  ? 6.308   -2.408  -4.357  1.00 40.63 ? 383 LEU A CD2 1 
ATOM   497  N N   . GLN A 1 65  ? 11.047  -2.457  -3.279  1.00 40.25 ? 384 GLN A N   1 
ATOM   498  C CA  . GLN A 1 65  ? 12.267  -2.616  -2.491  1.00 40.51 ? 384 GLN A CA  1 
ATOM   499  C C   . GLN A 1 65  ? 11.971  -2.429  -1.008  1.00 37.43 ? 384 GLN A C   1 
ATOM   500  O O   . GLN A 1 65  ? 12.084  -1.319  -0.484  1.00 36.17 ? 384 GLN A O   1 
ATOM   501  C CB  . GLN A 1 65  ? 13.335  -1.596  -2.922  1.00 43.41 ? 384 GLN A CB  1 
ATOM   502  C CG  . GLN A 1 65  ? 13.807  -1.749  -4.367  1.00 49.93 ? 384 GLN A CG  1 
ATOM   503  C CD  . GLN A 1 65  ? 14.926  -0.780  -4.739  1.00 53.86 ? 384 GLN A CD  1 
ATOM   504  O OE1 . GLN A 1 65  ? 15.478  -0.849  -5.838  1.00 56.08 ? 384 GLN A OE1 1 
ATOM   505  N NE2 . GLN A 1 65  ? 15.264  0.124   -3.823  1.00 54.28 ? 384 GLN A NE2 1 
ATOM   506  N N   . PRO A 1 66  ? 11.554  -3.501  -0.315  1.00 36.96 ? 385 PRO A N   1 
ATOM   507  C CA  . PRO A 1 66  ? 11.284  -3.307  1.113   1.00 35.57 ? 385 PRO A CA  1 
ATOM   508  C C   . PRO A 1 66  ? 12.623  -2.950  1.753   1.00 36.66 ? 385 PRO A C   1 
ATOM   509  O O   . PRO A 1 66  ? 13.647  -3.557  1.441   1.00 38.40 ? 385 PRO A O   1 
ATOM   510  C CB  . PRO A 1 66  ? 10.756  -4.665  1.551   1.00 36.07 ? 385 PRO A CB  1 
ATOM   511  C CG  . PRO A 1 66  ? 10.107  -5.195  0.288   1.00 35.07 ? 385 PRO A CG  1 
ATOM   512  C CD  . PRO A 1 66  ? 11.150  -4.852  -0.744  1.00 34.64 ? 385 PRO A CD  1 
ATOM   513  N N   . MET A 1 67  ? 12.619  -1.949  2.622   1.00 35.78 ? 386 MET A N   1 
ATOM   514  C CA  . MET A 1 67  ? 13.845  -1.498  3.262   1.00 36.16 ? 386 MET A CA  1 
ATOM   515  C C   . MET A 1 67  ? 13.443  -0.848  4.587   1.00 36.12 ? 386 MET A C   1 
ATOM   516  O O   . MET A 1 67  ? 13.863  0.264   4.909   1.00 34.72 ? 386 MET A O   1 
ATOM   517  C CB  . MET A 1 67  ? 14.536  -0.483  2.340   1.00 37.80 ? 386 MET A CB  1 
ATOM   518  C CG  . MET A 1 67  ? 15.877  0.069   2.820   1.00 41.92 ? 386 MET A CG  1 
ATOM   519  S SD  . MET A 1 67  ? 17.190  -1.154  2.846   1.00 44.67 ? 386 MET A SD  1 
ATOM   520  C CE  . MET A 1 67  ? 17.580  -1.263  1.105   1.00 43.75 ? 386 MET A CE  1 
ATOM   521  N N   . GLY A 1 68  ? 12.601  -1.545  5.343   1.00 34.98 ? 387 GLY A N   1 
ATOM   522  C CA  . GLY A 1 68  ? 12.162  -1.014  6.616   1.00 33.52 ? 387 GLY A CA  1 
ATOM   523  C C   . GLY A 1 68  ? 11.523  0.348   6.456   1.00 33.51 ? 387 GLY A C   1 
ATOM   524  O O   . GLY A 1 68  ? 10.630  0.526   5.626   1.00 34.90 ? 387 GLY A O   1 
ATOM   525  N N   . SER A 1 69  ? 11.990  1.312   7.241   1.00 31.66 ? 388 SER A N   1 
ATOM   526  C CA  . SER A 1 69  ? 11.441  2.665   7.211   1.00 32.41 ? 388 SER A CA  1 
ATOM   527  C C   . SER A 1 69  ? 11.931  3.493   6.033   1.00 31.67 ? 388 SER A C   1 
ATOM   528  O O   . SER A 1 69  ? 11.529  4.643   5.879   1.00 30.40 ? 388 SER A O   1 
ATOM   529  C CB  . SER A 1 69  ? 11.767  3.396   8.514   1.00 30.49 ? 388 SER A CB  1 
ATOM   530  O OG  . SER A 1 69  ? 11.412  2.595   9.629   1.00 33.71 ? 388 SER A OG  1 
ATOM   531  N N   . PHE A 1 70  ? 12.816  2.923   5.221   1.00 31.41 ? 389 PHE A N   1 
ATOM   532  C CA  . PHE A 1 70  ? 13.317  3.636   4.052   1.00 32.68 ? 389 PHE A CA  1 
ATOM   533  C C   . PHE A 1 70  ? 13.077  2.797   2.805   1.00 32.60 ? 389 PHE A C   1 
ATOM   534  O O   . PHE A 1 70  ? 13.955  2.677   1.940   1.00 34.04 ? 389 PHE A O   1 
ATOM   535  C CB  . PHE A 1 70  ? 14.810  3.950   4.208   1.00 32.48 ? 389 PHE A CB  1 
ATOM   536  C CG  . PHE A 1 70  ? 15.118  4.806   5.404   1.00 34.07 ? 389 PHE A CG  1 
ATOM   537  C CD1 . PHE A 1 70  ? 15.473  4.228   6.619   1.00 32.63 ? 389 PHE A CD1 1 
ATOM   538  C CD2 . PHE A 1 70  ? 15.016  6.195   5.324   1.00 33.89 ? 389 PHE A CD2 1 
ATOM   539  C CE1 . PHE A 1 70  ? 15.723  5.015   7.732   1.00 33.08 ? 389 PHE A CE1 1 
ATOM   540  C CE2 . PHE A 1 70  ? 15.265  6.996   6.437   1.00 33.18 ? 389 PHE A CE2 1 
ATOM   541  C CZ  . PHE A 1 70  ? 15.618  6.408   7.642   1.00 34.45 ? 389 PHE A CZ  1 
ATOM   542  N N   . SER A 1 71  ? 11.875  2.225   2.726   1.00 31.31 ? 390 SER A N   1 
ATOM   543  C CA  . SER A 1 71  ? 11.479  1.387   1.600   1.00 31.78 ? 390 SER A CA  1 
ATOM   544  C C   . SER A 1 71  ? 11.292  2.237   0.364   1.00 31.80 ? 390 SER A C   1 
ATOM   545  O O   . SER A 1 71  ? 10.966  3.419   0.459   1.00 33.49 ? 390 SER A O   1 
ATOM   546  C CB  . SER A 1 71  ? 10.178  0.640   1.913   1.00 30.69 ? 390 SER A CB  1 
ATOM   547  O OG  . SER A 1 71  ? 10.401  -0.328  2.918   1.00 32.72 ? 390 SER A OG  1 
ATOM   548  N N   . LYS A 1 72  ? 11.478  1.628   -0.800  1.00 32.88 ? 391 LYS A N   1 
ATOM   549  C CA  . LYS A 1 72  ? 11.354  2.364   -2.045  1.00 36.49 ? 391 LYS A CA  1 
ATOM   550  C C   . LYS A 1 72  ? 10.653  1.582   -3.142  1.00 37.83 ? 391 LYS A C   1 
ATOM   551  O O   . LYS A 1 72  ? 10.473  0.367   -3.052  1.00 39.28 ? 391 LYS A O   1 
ATOM   552  C CB  . LYS A 1 72  ? 12.750  2.773   -2.535  1.00 36.86 ? 391 LYS A CB  1 
ATOM   553  C CG  . LYS A 1 72  ? 13.519  3.610   -1.522  1.00 39.01 ? 391 LYS A CG  1 
ATOM   554  C CD  . LYS A 1 72  ? 14.905  3.964   -2.003  1.00 42.14 ? 391 LYS A CD  1 
ATOM   555  C CE  . LYS A 1 72  ? 15.653  4.758   -0.945  1.00 41.33 ? 391 LYS A CE  1 
ATOM   556  N NZ  . LYS A 1 72  ? 15.826  3.948   0.307   1.00 43.40 ? 391 LYS A NZ  1 
ATOM   557  N N   . ILE A 1 73  ? 10.257  2.308   -4.179  1.00 37.07 ? 392 ILE A N   1 
ATOM   558  C CA  . ILE A 1 73  ? 9.621   1.729   -5.349  1.00 37.88 ? 392 ILE A CA  1 
ATOM   559  C C   . ILE A 1 73  ? 10.426  2.234   -6.537  1.00 38.84 ? 392 ILE A C   1 
ATOM   560  O O   . ILE A 1 73  ? 10.714  3.429   -6.627  1.00 36.57 ? 392 ILE A O   1 
ATOM   561  C CB  . ILE A 1 73  ? 8.170   2.228   -5.534  1.00 36.83 ? 392 ILE A CB  1 
ATOM   562  C CG1 . ILE A 1 73  ? 7.254   1.621   -4.475  1.00 39.18 ? 392 ILE A CG1 1 
ATOM   563  C CG2 . ILE A 1 73  ? 7.679   1.883   -6.929  1.00 35.54 ? 392 ILE A CG2 1 
ATOM   564  C CD1 . ILE A 1 73  ? 5.893   2.293   -4.431  1.00 39.47 ? 392 ILE A CD1 1 
ATOM   565  N N   . LYS A 1 74  ? 10.812  1.329   -7.430  1.00 41.43 ? 393 LYS A N   1 
ATOM   566  C CA  . LYS A 1 74  ? 11.538  1.740   -8.629  1.00 44.58 ? 393 LYS A CA  1 
ATOM   567  C C   . LYS A 1 74  ? 10.523  1.731   -9.760  1.00 44.64 ? 393 LYS A C   1 
ATOM   568  O O   . LYS A 1 74  ? 9.938   0.696   -10.068 1.00 45.11 ? 393 LYS A O   1 
ATOM   569  C CB  . LYS A 1 74  ? 12.674  0.770   -8.970  1.00 46.26 ? 393 LYS A CB  1 
ATOM   570  C CG  . LYS A 1 74  ? 13.736  0.621   -7.891  1.00 49.22 ? 393 LYS A CG  1 
ATOM   571  C CD  . LYS A 1 74  ? 15.138  0.547   -8.498  1.00 52.50 ? 393 LYS A CD  1 
ATOM   572  C CE  . LYS A 1 74  ? 15.223  -0.466  -9.632  1.00 56.51 ? 393 LYS A CE  1 
ATOM   573  N NZ  . LYS A 1 74  ? 16.607  -0.575  -10.189 1.00 59.17 ? 393 LYS A NZ  1 
ATOM   574  N N   . LYS A 1 75  ? 10.312  2.890   -10.366 1.00 44.94 ? 394 LYS A N   1 
ATOM   575  C CA  . LYS A 1 75  ? 9.365   3.021   -11.457 1.00 47.68 ? 394 LYS A CA  1 
ATOM   576  C C   . LYS A 1 75  ? 10.099  3.251   -12.774 1.00 50.26 ? 394 LYS A C   1 
ATOM   577  O O   . LYS A 1 75  ? 10.891  4.186   -12.895 1.00 48.65 ? 394 LYS A O   1 
ATOM   578  C CB  . LYS A 1 75  ? 8.430   4.192   -11.178 1.00 48.22 ? 394 LYS A CB  1 
ATOM   579  C CG  . LYS A 1 75  ? 7.424   4.448   -12.271 1.00 52.67 ? 394 LYS A CG  1 
ATOM   580  C CD  . LYS A 1 75  ? 6.458   5.540   -11.855 1.00 54.06 ? 394 LYS A CD  1 
ATOM   581  C CE  . LYS A 1 75  ? 5.353   5.722   -12.880 1.00 57.47 ? 394 LYS A CE  1 
ATOM   582  N NZ  . LYS A 1 75  ? 4.449   6.855   -12.503 1.00 60.07 ? 394 LYS A NZ  1 
ATOM   583  N N   . ARG A 1 76  ? 9.838   2.395   -13.758 1.00 52.48 ? 395 ARG A N   1 
ATOM   584  C CA  . ARG A 1 76  ? 10.478  2.532   -15.060 1.00 55.55 ? 395 ARG A CA  1 
ATOM   585  C C   . ARG A 1 76  ? 9.989   3.796   -15.755 1.00 57.41 ? 395 ARG A C   1 
ATOM   586  O O   . ARG A 1 76  ? 8.785   3.976   -15.923 1.00 57.04 ? 395 ARG A O   1 
ATOM   587  C CB  . ARG A 1 76  ? 10.144  1.338   -15.948 1.00 56.11 ? 395 ARG A CB  1 
ATOM   588  C CG  . ARG A 1 76  ? 10.541  1.540   -17.400 1.00 58.64 ? 395 ARG A CG  1 
ATOM   589  C CD  . ARG A 1 76  ? 9.844   0.556   -18.315 1.00 61.04 ? 395 ARG A CD  1 
ATOM   590  N NE  . ARG A 1 76  ? 10.076  -0.816  -17.886 1.00 62.31 ? 395 ARG A NE  1 
ATOM   591  C CZ  . ARG A 1 76  ? 11.279  -1.355  -17.756 1.00 64.15 ? 395 ARG A CZ  1 
ATOM   592  N NH1 . ARG A 1 76  ? 12.355  -0.635  -18.025 1.00 66.99 ? 395 ARG A NH1 1 
ATOM   593  N NH2 . ARG A 1 76  ? 11.411  -2.608  -17.353 1.00 64.45 ? 395 ARG A NH2 1 
ATOM   594  N N   . MET A 1 77  ? 10.908  4.676   -16.141 1.00 60.85 ? 396 MET A N   1 
ATOM   595  C CA  . MET A 1 77  ? 10.546  5.897   -16.866 1.00 66.04 ? 396 MET A CA  1 
ATOM   596  C C   . MET A 1 77  ? 11.766  6.415   -17.613 1.00 67.00 ? 396 MET A C   1 
ATOM   597  O O   . MET A 1 77  ? 11.661  6.863   -18.756 1.00 69.02 ? 396 MET A O   1 
ATOM   598  C CB  . MET A 1 77  ? 10.014  6.968   -15.913 1.00 67.75 ? 396 MET A CB  1 
ATOM   599  C CG  . MET A 1 77  ? 8.648   6.644   -15.306 1.00 71.21 ? 396 MET A CG  1 
ATOM   600  S SD  . MET A 1 77  ? 8.293   7.616   -13.829 1.00 77.16 ? 396 MET A SD  1 
ATOM   601  C CE  . MET A 1 77  ? 9.541   8.961   -13.952 1.00 74.25 ? 396 MET A CE  1 
ATOM   602  N N   . ASP A 1 93  ? 17.121  5.200   -16.607 1.00 68.38 ? 412 ASP A N   1 
ATOM   603  C CA  . ASP A 1 93  ? 16.225  4.053   -16.708 1.00 68.83 ? 412 ASP A CA  1 
ATOM   604  C C   . ASP A 1 93  ? 15.077  4.085   -15.694 1.00 67.56 ? 412 ASP A C   1 
ATOM   605  O O   . ASP A 1 93  ? 13.941  4.430   -16.031 1.00 67.14 ? 412 ASP A O   1 
ATOM   606  C CB  . ASP A 1 93  ? 17.012  2.751   -16.531 1.00 71.58 ? 412 ASP A CB  1 
ATOM   607  C CG  . ASP A 1 93  ? 17.188  1.993   -17.834 1.00 74.56 ? 412 ASP A CG  1 
ATOM   608  O OD1 . ASP A 1 93  ? 16.174  1.778   -18.540 1.00 74.47 ? 412 ASP A OD1 1 
ATOM   609  O OD2 . ASP A 1 93  ? 18.336  1.603   -18.142 1.00 75.76 ? 412 ASP A OD2 1 
ATOM   610  N N   . TRP A 1 94  ? 15.387  3.719   -14.452 1.00 64.79 ? 413 TRP A N   1 
ATOM   611  C CA  . TRP A 1 94  ? 14.398  3.682   -13.381 1.00 61.27 ? 413 TRP A CA  1 
ATOM   612  C C   . TRP A 1 94  ? 14.405  4.894   -12.453 1.00 57.71 ? 413 TRP A C   1 
ATOM   613  O O   . TRP A 1 94  ? 15.456  5.470   -12.168 1.00 59.01 ? 413 TRP A O   1 
ATOM   614  C CB  . TRP A 1 94  ? 14.606  2.437   -12.525 1.00 64.19 ? 413 TRP A CB  1 
ATOM   615  C CG  . TRP A 1 94  ? 14.509  1.154   -13.274 1.00 68.86 ? 413 TRP A CG  1 
ATOM   616  C CD1 . TRP A 1 94  ? 15.460  0.600   -14.088 1.00 69.88 ? 413 TRP A CD1 1 
ATOM   617  C CD2 . TRP A 1 94  ? 13.400  0.246   -13.275 1.00 69.47 ? 413 TRP A CD2 1 
ATOM   618  N NE1 . TRP A 1 94  ? 15.010  -0.599  -14.591 1.00 71.14 ? 413 TRP A NE1 1 
ATOM   619  C CE2 . TRP A 1 94  ? 13.749  -0.841  -14.108 1.00 70.53 ? 413 TRP A CE2 1 
ATOM   620  C CE3 . TRP A 1 94  ? 12.145  0.246   -12.651 1.00 69.48 ? 413 TRP A CE3 1 
ATOM   621  C CZ2 . TRP A 1 94  ? 12.886  -1.920  -14.333 1.00 70.55 ? 413 TRP A CZ2 1 
ATOM   622  C CZ3 . TRP A 1 94  ? 11.285  -0.831  -12.876 1.00 69.05 ? 413 TRP A CZ3 1 
ATOM   623  C CH2 . TRP A 1 94  ? 11.663  -1.898  -13.709 1.00 69.47 ? 413 TRP A CH2 1 
ATOM   624  N N   . LEU A 1 95  ? 13.222  5.271   -11.976 1.00 52.12 ? 414 LEU A N   1 
ATOM   625  C CA  . LEU A 1 95  ? 13.088  6.382   -11.041 1.00 46.82 ? 414 LEU A CA  1 
ATOM   626  C C   . LEU A 1 95  ? 12.843  5.793   -9.657  1.00 44.24 ? 414 LEU A C   1 
ATOM   627  O O   . LEU A 1 95  ? 11.904  5.025   -9.460  1.00 42.58 ? 414 LEU A O   1 
ATOM   628  C CB  . LEU A 1 95  ? 11.909  7.284   -11.410 1.00 44.50 ? 414 LEU A CB  1 
ATOM   629  C CG  . LEU A 1 95  ? 11.539  8.315   -10.335 1.00 46.94 ? 414 LEU A CG  1 
ATOM   630  C CD1 . LEU A 1 95  ? 12.645  9.352   -10.207 1.00 46.34 ? 414 LEU A CD1 1 
ATOM   631  C CD2 . LEU A 1 95  ? 10.216  8.990   -10.684 1.00 45.14 ? 414 LEU A CD2 1 
ATOM   632  N N   . ILE A 1 96  ? 13.690  6.150   -8.700  1.00 41.27 ? 415 ILE A N   1 
ATOM   633  C CA  . ILE A 1 96  ? 13.537  5.642   -7.347  1.00 39.75 ? 415 ILE A CA  1 
ATOM   634  C C   . ILE A 1 96  ? 12.710  6.607   -6.518  1.00 38.93 ? 415 ILE A C   1 
ATOM   635  O O   . ILE A 1 96  ? 13.055  7.776   -6.357  1.00 36.96 ? 415 ILE A O   1 
ATOM   636  C CB  . ILE A 1 96  ? 14.906  5.414   -6.674  1.00 41.21 ? 415 ILE A CB  1 
ATOM   637  C CG1 . ILE A 1 96  ? 15.737  4.472   -7.551  1.00 42.36 ? 415 ILE A CG1 1 
ATOM   638  C CG2 . ILE A 1 96  ? 14.715  4.810   -5.261  1.00 38.73 ? 415 ILE A CG2 1 
ATOM   639  C CD1 . ILE A 1 96  ? 17.082  4.108   -6.965  1.00 46.89 ? 415 ILE A CD1 1 
ATOM   640  N N   . LEU A 1 97  ? 11.596  6.097   -6.009  1.00 38.62 ? 416 LEU A N   1 
ATOM   641  C CA  . LEU A 1 97  ? 10.683  6.882   -5.203  1.00 37.44 ? 416 LEU A CA  1 
ATOM   642  C C   . LEU A 1 97  ? 10.771  6.466   -3.734  1.00 36.76 ? 416 LEU A C   1 
ATOM   643  O O   . LEU A 1 97  ? 10.880  5.283   -3.424  1.00 36.49 ? 416 LEU A O   1 
ATOM   644  C CB  . LEU A 1 97  ? 9.262   6.672   -5.719  1.00 38.43 ? 416 LEU A CB  1 
ATOM   645  C CG  . LEU A 1 97  ? 9.047   7.148   -7.156  1.00 40.07 ? 416 LEU A CG  1 
ATOM   646  C CD1 . LEU A 1 97  ? 7.735   6.591   -7.706  1.00 40.31 ? 416 LEU A CD1 1 
ATOM   647  C CD2 . LEU A 1 97  ? 9.045   8.676   -7.172  1.00 39.21 ? 416 LEU A CD2 1 
ATOM   648  N N   . PRO A 1 98  ? 10.749  7.443   -2.814  1.00 35.61 ? 417 PRO A N   1 
ATOM   649  C CA  . PRO A 1 98  ? 10.821  7.124   -1.385  1.00 34.28 ? 417 PRO A CA  1 
ATOM   650  C C   . PRO A 1 98  ? 9.427   6.897   -0.802  1.00 33.37 ? 417 PRO A C   1 
ATOM   651  O O   . PRO A 1 98  ? 8.585   7.797   -0.828  1.00 31.92 ? 417 PRO A O   1 
ATOM   652  C CB  . PRO A 1 98  ? 11.483  8.364   -0.793  1.00 33.27 ? 417 PRO A CB  1 
ATOM   653  C CG  . PRO A 1 98  ? 10.858  9.471   -1.614  1.00 32.24 ? 417 PRO A CG  1 
ATOM   654  C CD  . PRO A 1 98  ? 10.899  8.896   -3.041  1.00 34.13 ? 417 PRO A CD  1 
ATOM   655  N N   . VAL A 1 99  ? 9.177   5.695   -0.289  1.00 32.52 ? 418 VAL A N   1 
ATOM   656  C CA  . VAL A 1 99  ? 7.880   5.413   0.320   1.00 34.32 ? 418 VAL A CA  1 
ATOM   657  C C   . VAL A 1 99  ? 7.985   5.679   1.820   1.00 36.12 ? 418 VAL A C   1 
ATOM   658  O O   . VAL A 1 99  ? 7.810   4.776   2.645   1.00 36.26 ? 418 VAL A O   1 
ATOM   659  C CB  . VAL A 1 99  ? 7.441   3.953   0.111   1.00 34.80 ? 418 VAL A CB  1 
ATOM   660  C CG1 . VAL A 1 99  ? 5.958   3.828   0.424   1.00 32.76 ? 418 VAL A CG1 1 
ATOM   661  C CG2 . VAL A 1 99  ? 7.731   3.510   -1.334  1.00 32.78 ? 418 VAL A CG2 1 
ATOM   662  N N   . TYR A 1 100 ? 8.278   6.933   2.151   1.00 36.10 ? 419 TYR A N   1 
ATOM   663  C CA  . TYR A 1 100 ? 8.429   7.384   3.531   1.00 39.87 ? 419 TYR A CA  1 
ATOM   664  C C   . TYR A 1 100 ? 8.609   8.892   3.481   1.00 42.91 ? 419 TYR A C   1 
ATOM   665  O O   . TYR A 1 100 ? 8.872   9.439   2.408   1.00 41.72 ? 419 TYR A O   1 
ATOM   666  C CB  . TYR A 1 100 ? 9.656   6.726   4.175   1.00 35.94 ? 419 TYR A CB  1 
ATOM   667  C CG  . TYR A 1 100 ? 10.947  6.933   3.404   1.00 36.32 ? 419 TYR A CG  1 
ATOM   668  C CD1 . TYR A 1 100 ? 11.755  8.057   3.626   1.00 36.96 ? 419 TYR A CD1 1 
ATOM   669  C CD2 . TYR A 1 100 ? 11.358  6.007   2.446   1.00 34.52 ? 419 TYR A CD2 1 
ATOM   670  C CE1 . TYR A 1 100 ? 12.947  8.245   2.908   1.00 37.20 ? 419 TYR A CE1 1 
ATOM   671  C CE2 . TYR A 1 100 ? 12.531  6.182   1.728   1.00 35.93 ? 419 TYR A CE2 1 
ATOM   672  C CZ  . TYR A 1 100 ? 13.325  7.301   1.963   1.00 37.88 ? 419 TYR A CZ  1 
ATOM   673  O OH  . TYR A 1 100 ? 14.495  7.459   1.261   1.00 38.63 ? 419 TYR A OH  1 
ATOM   674  N N   . TYR A 1 101 ? 8.473   9.560   4.626   1.00 48.84 ? 420 TYR A N   1 
ATOM   675  C CA  . TYR A 1 101 ? 8.621   11.016  4.677   1.00 56.00 ? 420 TYR A CA  1 
ATOM   676  C C   . TYR A 1 101 ? 9.701   11.498  5.659   1.00 60.96 ? 420 TYR A C   1 
ATOM   677  O O   . TYR A 1 101 ? 9.676   11.120  6.828   1.00 61.99 ? 420 TYR A O   1 
ATOM   678  C CB  . TYR A 1 101 ? 7.297   11.662  5.067   1.00 58.54 ? 420 TYR A CB  1 
ATOM   679  C CG  . TYR A 1 101 ? 7.235   13.144  4.768   1.00 63.65 ? 420 TYR A CG  1 
ATOM   680  C CD1 . TYR A 1 101 ? 7.318   13.609  3.451   1.00 65.23 ? 420 TYR A CD1 1 
ATOM   681  C CD2 . TYR A 1 101 ? 7.087   14.080  5.790   1.00 64.62 ? 420 TYR A CD2 1 
ATOM   682  C CE1 . TYR A 1 101 ? 7.249   14.970  3.159   1.00 67.72 ? 420 TYR A CE1 1 
ATOM   683  C CE2 . TYR A 1 101 ? 7.016   15.450  5.510   1.00 66.53 ? 420 TYR A CE2 1 
ATOM   684  C CZ  . TYR A 1 101 ? 7.098   15.886  4.194   1.00 68.10 ? 420 TYR A CZ  1 
ATOM   685  O OH  . TYR A 1 101 ? 7.016   17.231  3.900   1.00 70.20 ? 420 TYR A OH  1 
ATOM   686  N N   . ASP A 1 102 ? 10.627  12.338  5.168   1.00 66.12 ? 421 ASP A N   1 
ATOM   687  C CA  . ASP A 1 102 ? 11.743  12.946  5.935   1.00 69.76 ? 421 ASP A CA  1 
ATOM   688  C C   . ASP A 1 102 ? 13.089  12.738  5.255   1.00 71.04 ? 421 ASP A C   1 
ATOM   689  O O   . ASP A 1 102 ? 13.210  12.863  4.025   1.00 73.03 ? 421 ASP A O   1 
ATOM   690  C CB  . ASP A 1 102 ? 11.812  12.397  7.364   1.00 73.78 ? 421 ASP A CB  1 
ATOM   691  C CG  . ASP A 1 102 ? 11.461  13.439  8.409   1.00 77.72 ? 421 ASP A CG  1 
ATOM   692  O OD1 . ASP A 1 102 ? 10.414  14.106  8.253   1.00 81.34 ? 421 ASP A OD1 1 
ATOM   693  O OD2 . ASP A 1 102 ? 12.225  13.591  9.389   1.00 79.79 ? 421 ASP A OD2 1 
ATOM   694  N N   . GLU A 1 114 ? 3.252   16.409  -6.420  1.00 57.99 ? 433 GLU A N   1 
ATOM   695  C CA  . GLU A 1 114 ? 4.019   17.385  -5.651  1.00 58.18 ? 433 GLU A CA  1 
ATOM   696  C C   . GLU A 1 114 ? 5.325   16.763  -5.152  1.00 56.21 ? 433 GLU A C   1 
ATOM   697  O O   . GLU A 1 114 ? 6.294   16.649  -5.905  1.00 56.70 ? 433 GLU A O   1 
ATOM   698  C CB  . GLU A 1 114 ? 3.186   17.892  -4.466  1.00 59.67 ? 433 GLU A CB  1 
ATOM   699  N N   . THR A 1 115 ? 5.339   16.356  -3.886  1.00 52.93 ? 434 THR A N   1 
ATOM   700  C CA  . THR A 1 115 ? 6.521   15.743  -3.291  1.00 49.52 ? 434 THR A CA  1 
ATOM   701  C C   . THR A 1 115 ? 6.769   14.335  -3.849  1.00 47.51 ? 434 THR A C   1 
ATOM   702  O O   . THR A 1 115 ? 5.864   13.699  -4.405  1.00 45.75 ? 434 THR A O   1 
ATOM   703  C CB  . THR A 1 115 ? 6.373   15.627  -1.768  1.00 50.08 ? 434 THR A CB  1 
ATOM   704  O OG1 . THR A 1 115 ? 5.370   14.650  -1.464  1.00 52.28 ? 434 THR A OG1 1 
ATOM   705  C CG2 . THR A 1 115 ? 5.954   16.966  -1.168  1.00 50.80 ? 434 THR A CG2 1 
ATOM   706  N N   . LYS A 1 116 ? 8.000   13.860  -3.701  1.00 43.46 ? 435 LYS A N   1 
ATOM   707  C CA  . LYS A 1 116 ? 8.374   12.525  -4.151  1.00 44.53 ? 435 LYS A CA  1 
ATOM   708  C C   . LYS A 1 116 ? 7.579   11.494  -3.338  1.00 42.28 ? 435 LYS A C   1 
ATOM   709  O O   . LYS A 1 116 ? 7.276   10.403  -3.823  1.00 40.20 ? 435 LYS A O   1 
ATOM   710  C CB  . LYS A 1 116 ? 9.885   12.304  -3.965  1.00 44.89 ? 435 LYS A CB  1 
ATOM   711  C CG  . LYS A 1 116 ? 10.745  12.947  -5.048  1.00 48.39 ? 435 LYS A CG  1 
ATOM   712  C CD  . LYS A 1 116 ? 12.236  12.892  -4.718  1.00 52.09 ? 435 LYS A CD  1 
ATOM   713  C CE  . LYS A 1 116 ? 12.575  13.804  -3.548  1.00 54.07 ? 435 LYS A CE  1 
ATOM   714  N NZ  . LYS A 1 116 ? 14.031  13.843  -3.273  1.00 59.97 ? 435 LYS A NZ  1 
ATOM   715  N N   . PHE A 1 117 ? 7.246   11.858  -2.101  1.00 40.40 ? 436 PHE A N   1 
ATOM   716  C CA  . PHE A 1 117 ? 6.468   10.996  -1.221  1.00 39.69 ? 436 PHE A CA  1 
ATOM   717  C C   . PHE A 1 117 ? 5.068   10.822  -1.821  1.00 38.74 ? 436 PHE A C   1 
ATOM   718  O O   . PHE A 1 117 ? 4.540   9.706   -1.876  1.00 36.86 ? 436 PHE A O   1 
ATOM   719  C CB  . PHE A 1 117 ? 6.382   11.624  0.178   1.00 39.39 ? 436 PHE A CB  1 
ATOM   720  C CG  . PHE A 1 117 ? 5.592   10.812  1.166   1.00 40.10 ? 436 PHE A CG  1 
ATOM   721  C CD1 . PHE A 1 117 ? 5.934   9.491   1.438   1.00 41.14 ? 436 PHE A CD1 1 
ATOM   722  C CD2 . PHE A 1 117 ? 4.516   11.375  1.841   1.00 41.81 ? 436 PHE A CD2 1 
ATOM   723  C CE1 . PHE A 1 117 ? 5.220   8.746   2.371   1.00 41.23 ? 436 PHE A CE1 1 
ATOM   724  C CE2 . PHE A 1 117 ? 3.791   10.633  2.781   1.00 41.82 ? 436 PHE A CE2 1 
ATOM   725  C CZ  . PHE A 1 117 ? 4.145   9.320   3.045   1.00 40.85 ? 436 PHE A CZ  1 
ATOM   726  N N   . ASP A 1 118 ? 4.480   11.924  -2.283  1.00 38.66 ? 437 ASP A N   1 
ATOM   727  C CA  . ASP A 1 118 ? 3.147   11.894  -2.898  1.00 39.96 ? 437 ASP A CA  1 
ATOM   728  C C   . ASP A 1 118 ? 3.127   10.963  -4.102  1.00 38.80 ? 437 ASP A C   1 
ATOM   729  O O   . ASP A 1 118 ? 2.176   10.205  -4.300  1.00 38.99 ? 437 ASP A O   1 
ATOM   730  C CB  . ASP A 1 118 ? 2.722   13.292  -3.369  1.00 42.87 ? 437 ASP A CB  1 
ATOM   731  C CG  . ASP A 1 118 ? 2.273   14.184  -2.233  1.00 45.29 ? 437 ASP A CG  1 
ATOM   732  O OD1 . ASP A 1 118 ? 2.138   13.690  -1.093  1.00 47.39 ? 437 ASP A OD1 1 
ATOM   733  O OD2 . ASP A 1 118 ? 2.043   15.384  -2.485  1.00 47.73 ? 437 ASP A OD2 1 
ATOM   734  N N   . LYS A 1 119 ? 4.184   11.025  -4.902  1.00 38.74 ? 438 LYS A N   1 
ATOM   735  C CA  . LYS A 1 119 ? 4.283   10.195  -6.092  1.00 39.72 ? 438 LYS A CA  1 
ATOM   736  C C   . LYS A 1 119 ? 4.460   8.721   -5.748  1.00 38.12 ? 438 LYS A C   1 
ATOM   737  O O   . LYS A 1 119 ? 4.041   7.849   -6.509  1.00 37.30 ? 438 LYS A O   1 
ATOM   738  C CB  . LYS A 1 119 ? 5.432   10.681  -6.985  1.00 44.48 ? 438 LYS A CB  1 
ATOM   739  C CG  . LYS A 1 119 ? 5.360   10.137  -8.403  1.00 50.61 ? 438 LYS A CG  1 
ATOM   740  C CD  . LYS A 1 119 ? 6.349   10.825  -9.336  1.00 57.87 ? 438 LYS A CD  1 
ATOM   741  C CE  . LYS A 1 119 ? 6.275   10.226  -10.742 1.00 60.80 ? 438 LYS A CE  1 
ATOM   742  N NZ  . LYS A 1 119 ? 7.164   10.927  -11.720 1.00 64.16 ? 438 LYS A NZ  1 
ATOM   743  N N   . SER A 1 120 ? 5.074   8.443   -4.602  1.00 37.38 ? 439 SER A N   1 
ATOM   744  C CA  . SER A 1 120 ? 5.267   7.066   -4.155  1.00 37.22 ? 439 SER A CA  1 
ATOM   745  C C   . SER A 1 120 ? 3.917   6.460   -3.775  1.00 35.12 ? 439 SER A C   1 
ATOM   746  O O   . SER A 1 120 ? 3.654   5.295   -4.061  1.00 32.44 ? 439 SER A O   1 
ATOM   747  C CB  . SER A 1 120 ? 6.185   7.014   -2.924  1.00 39.36 ? 439 SER A CB  1 
ATOM   748  O OG  . SER A 1 120 ? 7.517   7.370   -3.259  1.00 47.10 ? 439 SER A OG  1 
ATOM   749  N N   . LEU A 1 121 ? 3.076   7.256   -3.116  1.00 34.71 ? 440 LEU A N   1 
ATOM   750  C CA  . LEU A 1 121 ? 1.769   6.780   -2.682  1.00 35.67 ? 440 LEU A CA  1 
ATOM   751  C C   . LEU A 1 121 ? 0.827   6.542   -3.863  1.00 37.21 ? 440 LEU A C   1 
ATOM   752  O O   . LEU A 1 121 ? 0.093   5.556   -3.878  1.00 37.70 ? 440 LEU A O   1 
ATOM   753  C CB  . LEU A 1 121 ? 1.157   7.742   -1.651  1.00 32.53 ? 440 LEU A CB  1 
ATOM   754  C CG  . LEU A 1 121 ? 1.939   7.802   -0.320  1.00 33.63 ? 440 LEU A CG  1 
ATOM   755  C CD1 . LEU A 1 121 ? 1.231   8.696   0.674   1.00 33.22 ? 440 LEU A CD1 1 
ATOM   756  C CD2 . LEU A 1 121 ? 2.084   6.407   0.265   1.00 32.88 ? 440 LEU A CD2 1 
ATOM   757  N N   . GLU A 1 122 ? 0.862   7.422   -4.861  1.00 37.42 ? 441 GLU A N   1 
ATOM   758  C CA  . GLU A 1 122 ? 0.019   7.229   -6.037  1.00 37.90 ? 441 GLU A CA  1 
ATOM   759  C C   . GLU A 1 122 ? 0.515   5.986   -6.782  1.00 37.79 ? 441 GLU A C   1 
ATOM   760  O O   . GLU A 1 122 ? -0.285  5.168   -7.237  1.00 40.83 ? 441 GLU A O   1 
ATOM   761  C CB  . GLU A 1 122 ? 0.078   8.440   -6.981  1.00 39.75 ? 441 GLU A CB  1 
ATOM   762  C CG  . GLU A 1 122 ? -0.900  8.309   -8.160  1.00 41.80 ? 441 GLU A CG  1 
ATOM   763  C CD  . GLU A 1 122 ? -0.895  9.495   -9.115  1.00 41.72 ? 441 GLU A CD  1 
ATOM   764  O OE1 . GLU A 1 122 ? -0.835  10.655  -8.657  1.00 43.88 ? 441 GLU A OE1 1 
ATOM   765  O OE2 . GLU A 1 122 ? -0.979  9.268   -10.335 1.00 42.72 ? 441 GLU A OE2 1 
ATOM   766  N N   . THR A 1 123 ? 1.836   5.847   -6.889  1.00 36.36 ? 442 THR A N   1 
ATOM   767  C CA  . THR A 1 123 ? 2.442   4.710   -7.573  1.00 33.94 ? 442 THR A CA  1 
ATOM   768  C C   . THR A 1 123 ? 2.104   3.398   -6.863  1.00 33.87 ? 442 THR A C   1 
ATOM   769  O O   . THR A 1 123 ? 2.025   2.334   -7.487  1.00 32.29 ? 442 THR A O   1 
ATOM   770  C CB  . THR A 1 123 ? 3.985   4.849   -7.642  1.00 33.20 ? 442 THR A CB  1 
ATOM   771  O OG1 . THR A 1 123 ? 4.339   6.084   -8.282  1.00 32.45 ? 442 THR A OG1 1 
ATOM   772  C CG2 . THR A 1 123 ? 4.575   3.703   -8.443  1.00 30.15 ? 442 THR A CG2 1 
ATOM   773  N N   . THR A 1 124 ? 1.922   3.477   -5.551  1.00 33.07 ? 443 THR A N   1 
ATOM   774  C CA  . THR A 1 124 ? 1.566   2.305   -4.769  1.00 32.56 ? 443 THR A CA  1 
ATOM   775  C C   . THR A 1 124 ? 0.185   1.866   -5.241  1.00 30.72 ? 443 THR A C   1 
ATOM   776  O O   . THR A 1 124 ? -0.079  0.670   -5.363  1.00 30.73 ? 443 THR A O   1 
ATOM   777  C CB  . THR A 1 124 ? 1.545   2.633   -3.254  1.00 32.19 ? 443 THR A CB  1 
ATOM   778  O OG1 . THR A 1 124 ? 2.882   2.905   -2.824  1.00 36.15 ? 443 THR A OG1 1 
ATOM   779  C CG2 . THR A 1 124 ? 1.000   1.461   -2.443  1.00 30.80 ? 443 THR A CG2 1 
ATOM   780  N N   . LEU A 1 125 ? -0.689  2.832   -5.512  1.00 32.04 ? 444 LEU A N   1 
ATOM   781  C CA  . LEU A 1 125 ? -2.031  2.509   -6.013  1.00 35.60 ? 444 LEU A CA  1 
ATOM   782  C C   . LEU A 1 125 ? -1.918  1.836   -7.388  1.00 35.91 ? 444 LEU A C   1 
ATOM   783  O O   . LEU A 1 125 ? -2.597  0.840   -7.664  1.00 36.69 ? 444 LEU A O   1 
ATOM   784  C CB  . LEU A 1 125 ? -2.896  3.767   -6.138  1.00 32.12 ? 444 LEU A CB  1 
ATOM   785  C CG  . LEU A 1 125 ? -3.315  4.484   -4.852  1.00 34.95 ? 444 LEU A CG  1 
ATOM   786  C CD1 . LEU A 1 125 ? -4.338  5.545   -5.210  1.00 30.92 ? 444 LEU A CD1 1 
ATOM   787  C CD2 . LEU A 1 125 ? -3.915  3.503   -3.853  1.00 32.19 ? 444 LEU A CD2 1 
ATOM   788  N N   . GLU A 1 126 ? -1.056  2.376   -8.242  1.00 34.96 ? 445 GLU A N   1 
ATOM   789  C CA  . GLU A 1 126 ? -0.863  1.808   -9.578  1.00 37.72 ? 445 GLU A CA  1 
ATOM   790  C C   . GLU A 1 126 ? -0.410  0.358   -9.457  1.00 37.79 ? 445 GLU A C   1 
ATOM   791  O O   . GLU A 1 126 ? -0.873  -0.524  -10.180 1.00 39.59 ? 445 GLU A O   1 
ATOM   792  C CB  . GLU A 1 126 ? 0.198   2.599   -10.340 1.00 39.09 ? 445 GLU A CB  1 
ATOM   793  C CG  . GLU A 1 126 ? -0.250  3.972   -10.798 1.00 42.10 ? 445 GLU A CG  1 
ATOM   794  C CD  . GLU A 1 126 ? 0.893   4.797   -11.357 1.00 46.16 ? 445 GLU A CD  1 
ATOM   795  O OE1 . GLU A 1 126 ? 1.767   4.223   -12.048 1.00 46.61 ? 445 GLU A OE1 1 
ATOM   796  O OE2 . GLU A 1 126 ? 0.913   6.024   -11.114 1.00 49.40 ? 445 GLU A OE2 1 
ATOM   797  N N   . ILE A 1 127 ? 0.499   0.122   -8.522  1.00 37.29 ? 446 ILE A N   1 
ATOM   798  C CA  . ILE A 1 127 ? 1.011   -1.208  -8.290  1.00 36.19 ? 446 ILE A CA  1 
ATOM   799  C C   . ILE A 1 127 ? -0.089  -2.143  -7.775  1.00 36.42 ? 446 ILE A C   1 
ATOM   800  O O   . ILE A 1 127 ? -0.206  -3.288  -8.229  1.00 35.01 ? 446 ILE A O   1 
ATOM   801  C CB  . ILE A 1 127 ? 2.188   -1.151  -7.297  1.00 37.07 ? 446 ILE A CB  1 
ATOM   802  C CG1 . ILE A 1 127 ? 3.402   -0.522  -8.004  1.00 36.49 ? 446 ILE A CG1 1 
ATOM   803  C CG2 . ILE A 1 127 ? 2.498   -2.550  -6.750  1.00 33.31 ? 446 ILE A CG2 1 
ATOM   804  C CD1 . ILE A 1 127 ? 4.669   -0.465  -7.166  1.00 33.86 ? 446 ILE A CD1 1 
ATOM   805  N N   . ILE A 1 128 ? -0.901  -1.660  -6.841  1.00 34.57 ? 447 ILE A N   1 
ATOM   806  C CA  . ILE A 1 128 ? -1.969  -2.496  -6.311  1.00 36.00 ? 447 ILE A CA  1 
ATOM   807  C C   . ILE A 1 128 ? -2.911  -2.865  -7.456  1.00 36.63 ? 447 ILE A C   1 
ATOM   808  O O   . ILE A 1 128 ? -3.345  -4.011  -7.550  1.00 36.74 ? 447 ILE A O   1 
ATOM   809  C CB  . ILE A 1 128 ? -2.736  -1.778  -5.165  1.00 33.03 ? 447 ILE A CB  1 
ATOM   810  C CG1 . ILE A 1 128 ? -1.816  -1.645  -3.944  1.00 31.79 ? 447 ILE A CG1 1 
ATOM   811  C CG2 . ILE A 1 128 ? -3.982  -2.564  -4.791  1.00 31.77 ? 447 ILE A CG2 1 
ATOM   812  C CD1 . ILE A 1 128 ? -2.347  -0.718  -2.867  1.00 28.11 ? 447 ILE A CD1 1 
ATOM   813  N N   . SER A 1 129 ? -3.203  -1.908  -8.335  1.00 37.54 ? 448 SER A N   1 
ATOM   814  C CA  . SER A 1 129 ? -4.078  -2.175  -9.482  1.00 39.64 ? 448 SER A CA  1 
ATOM   815  C C   . SER A 1 129 ? -3.472  -3.250  -10.378 1.00 39.51 ? 448 SER A C   1 
ATOM   816  O O   . SER A 1 129 ? -4.155  -4.190  -10.770 1.00 39.20 ? 448 SER A O   1 
ATOM   817  C CB  . SER A 1 129 ? -4.300  -0.910  -10.321 1.00 40.06 ? 448 SER A CB  1 
ATOM   818  O OG  . SER A 1 129 ? -4.994  0.084   -9.589  1.00 43.85 ? 448 SER A OG  1 
ATOM   819  N N   . GLU A 1 130 ? -2.186  -3.106  -10.696 1.00 40.03 ? 449 GLU A N   1 
ATOM   820  C CA  . GLU A 1 130 ? -1.481  -4.060  -11.558 1.00 39.54 ? 449 GLU A CA  1 
ATOM   821  C C   . GLU A 1 130 ? -1.407  -5.475  -10.986 1.00 40.46 ? 449 GLU A C   1 
ATOM   822  O O   . GLU A 1 130 ? -1.528  -6.456  -11.725 1.00 40.24 ? 449 GLU A O   1 
ATOM   823  C CB  . GLU A 1 130 ? -0.065  -3.553  -11.843 1.00 40.24 ? 449 GLU A CB  1 
ATOM   824  C CG  . GLU A 1 130 ? 0.780   -4.444  -12.751 1.00 42.32 ? 449 GLU A CG  1 
ATOM   825  C CD  . GLU A 1 130 ? 0.156   -4.664  -14.129 1.00 46.15 ? 449 GLU A CD  1 
ATOM   826  O OE1 . GLU A 1 130 ? -0.527  -3.747  -14.645 1.00 47.56 ? 449 GLU A OE1 1 
ATOM   827  O OE2 . GLU A 1 130 ? 0.360   -5.755  -14.702 1.00 46.61 ? 449 GLU A OE2 1 
ATOM   828  N N   . ILE A 1 131 ? -1.191  -5.587  -9.676  1.00 40.05 ? 450 ILE A N   1 
ATOM   829  C CA  . ILE A 1 131 ? -1.118  -6.899  -9.038  1.00 38.85 ? 450 ILE A CA  1 
ATOM   830  C C   . ILE A 1 131 ? -2.500  -7.538  -9.085  1.00 40.20 ? 450 ILE A C   1 
ATOM   831  O O   . ILE A 1 131 ? -2.633  -8.750  -9.259  1.00 40.66 ? 450 ILE A O   1 
ATOM   832  C CB  . ILE A 1 131 ? -0.660  -6.795  -7.552  1.00 38.61 ? 450 ILE A CB  1 
ATOM   833  C CG1 . ILE A 1 131 ? 0.809   -6.358  -7.488  1.00 33.17 ? 450 ILE A CG1 1 
ATOM   834  C CG2 . ILE A 1 131 ? -0.859  -8.142  -6.838  1.00 34.29 ? 450 ILE A CG2 1 
ATOM   835  C CD1 . ILE A 1 131 ? 1.251   -5.903  -6.114  1.00 29.58 ? 450 ILE A CD1 1 
ATOM   836  N N   . THR A 1 132 ? -3.526  -6.709  -8.925  1.00 40.49 ? 451 THR A N   1 
ATOM   837  C CA  . THR A 1 132 ? -4.905  -7.177  -8.955  1.00 43.69 ? 451 THR A CA  1 
ATOM   838  C C   . THR A 1 132 ? -5.194  -7.743  -10.344 1.00 45.13 ? 451 THR A C   1 
ATOM   839  O O   . THR A 1 132 ? -5.719  -8.846  -10.482 1.00 43.65 ? 451 THR A O   1 
ATOM   840  C CB  . THR A 1 132 ? -5.894  -6.019  -8.667  1.00 42.96 ? 451 THR A CB  1 
ATOM   841  O OG1 . THR A 1 132 ? -5.650  -5.494  -7.356  1.00 42.06 ? 451 THR A OG1 1 
ATOM   842  C CG2 . THR A 1 132 ? -7.334  -6.508  -8.742  1.00 42.68 ? 451 THR A CG2 1 
ATOM   843  N N   . ARG A 1 133 ? -4.827  -6.976  -11.365 1.00 47.34 ? 452 ARG A N   1 
ATOM   844  C CA  . ARG A 1 133 ? -5.033  -7.367  -12.753 1.00 50.73 ? 452 ARG A CA  1 
ATOM   845  C C   . ARG A 1 133 ? -4.393  -8.719  -13.072 1.00 51.12 ? 452 ARG A C   1 
ATOM   846  O O   . ARG A 1 133 ? -5.018  -9.574  -13.694 1.00 50.74 ? 452 ARG A O   1 
ATOM   847  C CB  . ARG A 1 133 ? -4.449  -6.303  -13.679 1.00 52.14 ? 452 ARG A CB  1 
ATOM   848  C CG  . ARG A 1 133 ? -5.064  -6.282  -15.051 1.00 59.13 ? 452 ARG A CG  1 
ATOM   849  C CD  . ARG A 1 133 ? -4.082  -5.727  -16.055 1.00 64.71 ? 452 ARG A CD  1 
ATOM   850  N NE  . ARG A 1 133 ? -2.894  -6.570  -16.112 1.00 69.48 ? 452 ARG A NE  1 
ATOM   851  C CZ  . ARG A 1 133 ? -1.921  -6.432  -17.004 1.00 72.19 ? 452 ARG A CZ  1 
ATOM   852  N NH1 . ARG A 1 133 ? -1.992  -5.477  -17.923 1.00 74.20 ? 452 ARG A NH1 1 
ATOM   853  N NH2 . ARG A 1 133 ? -0.883  -7.258  -16.987 1.00 73.45 ? 452 ARG A NH2 1 
ATOM   854  N N   . GLN A 1 134 ? -3.145  -8.909  -12.650 1.00 52.63 ? 453 GLN A N   1 
ATOM   855  C CA  . GLN A 1 134 ? -2.447  -10.163 -12.906 1.00 53.42 ? 453 GLN A CA  1 
ATOM   856  C C   . GLN A 1 134 ? -2.980  -11.299 -12.060 1.00 55.06 ? 453 GLN A C   1 
ATOM   857  O O   . GLN A 1 134 ? -2.828  -12.467 -12.408 1.00 56.70 ? 453 GLN A O   1 
ATOM   858  C CB  . GLN A 1 134 ? -0.954  -9.998  -12.664 1.00 54.35 ? 453 GLN A CB  1 
ATOM   859  C CG  . GLN A 1 134 ? -0.273  -9.186  -13.741 1.00 56.02 ? 453 GLN A CG  1 
ATOM   860  C CD  . GLN A 1 134 ? 1.228   -9.278  -13.662 1.00 56.76 ? 453 GLN A CD  1 
ATOM   861  O OE1 . GLN A 1 134 ? 1.784   -10.367 -13.507 1.00 55.58 ? 453 GLN A OE1 1 
ATOM   862  N NE2 . GLN A 1 134 ? 1.902   -8.136  -13.778 1.00 58.07 ? 453 GLN A NE2 1 
ATOM   863  N N   . LEU A 1 135 ? -3.604  -10.954 -10.942 1.00 56.58 ? 454 LEU A N   1 
ATOM   864  C CA  . LEU A 1 135 ? -4.174  -11.950 -10.053 1.00 57.27 ? 454 LEU A CA  1 
ATOM   865  C C   . LEU A 1 135 ? -5.402  -12.540 -10.736 1.00 58.50 ? 454 LEU A C   1 
ATOM   866  O O   . LEU A 1 135 ? -5.616  -13.752 -10.706 1.00 57.48 ? 454 LEU A O   1 
ATOM   867  C CB  . LEU A 1 135 ? -4.570  -11.302 -8.724  1.00 58.13 ? 454 LEU A CB  1 
ATOM   868  C CG  . LEU A 1 135 ? -4.075  -11.961 -7.434  1.00 59.38 ? 454 LEU A CG  1 
ATOM   869  C CD1 . LEU A 1 135 ? -2.587  -12.236 -7.538  1.00 59.25 ? 454 LEU A CD1 1 
ATOM   870  C CD2 . LEU A 1 135 ? -4.363  -11.048 -6.246  1.00 59.59 ? 454 LEU A CD2 1 
ATOM   871  N N   . SER A 1 136 ? -6.209  -11.685 -11.358 1.00 59.15 ? 455 SER A N   1 
ATOM   872  C CA  . SER A 1 136 ? -7.407  -12.166 -12.041 1.00 61.50 ? 455 SER A CA  1 
ATOM   873  C C   . SER A 1 136 ? -7.007  -13.039 -13.228 1.00 61.21 ? 455 SER A C   1 
ATOM   874  O O   . SER A 1 136 ? -7.680  -14.022 -13.539 1.00 61.66 ? 455 SER A O   1 
ATOM   875  C CB  . SER A 1 136 ? -8.269  -10.996 -12.512 1.00 60.61 ? 455 SER A CB  1 
ATOM   876  O OG  . SER A 1 136 ? -7.544  -10.171 -13.397 1.00 65.21 ? 455 SER A OG  1 
ATOM   877  N N   . THR A 1 137 ? -5.907  -12.683 -13.882 1.00 61.61 ? 456 THR A N   1 
ATOM   878  C CA  . THR A 1 137 ? -5.416  -13.461 -15.011 1.00 62.78 ? 456 THR A CA  1 
ATOM   879  C C   . THR A 1 137 ? -5.050  -14.857 -14.525 1.00 63.62 ? 456 THR A C   1 
ATOM   880  O O   . THR A 1 137 ? -5.454  -15.856 -15.114 1.00 64.33 ? 456 THR A O   1 
ATOM   881  C CB  . THR A 1 137 ? -4.160  -12.815 -15.644 1.00 62.49 ? 456 THR A CB  1 
ATOM   882  O OG1 . THR A 1 137 ? -4.534  -11.620 -16.341 1.00 62.33 ? 456 THR A OG1 1 
ATOM   883  C CG2 . THR A 1 137 ? -3.493  -13.778 -16.614 1.00 61.36 ? 456 THR A CG2 1 
ATOM   884  N N   . ILE A 1 138 ? -4.282  -14.916 -13.444 1.00 65.85 ? 457 ILE A N   1 
ATOM   885  C CA  . ILE A 1 138 ? -3.859  -16.189 -12.872 1.00 68.71 ? 457 ILE A CA  1 
ATOM   886  C C   . ILE A 1 138 ? -5.062  -17.019 -12.427 1.00 70.58 ? 457 ILE A C   1 
ATOM   887  O O   . ILE A 1 138 ? -5.087  -18.237 -12.603 1.00 71.38 ? 457 ILE A O   1 
ATOM   888  C CB  . ILE A 1 138 ? -2.928  -15.976 -11.655 1.00 68.16 ? 457 ILE A CB  1 
ATOM   889  C CG1 . ILE A 1 138 ? -1.664  -15.227 -12.089 1.00 67.93 ? 457 ILE A CG1 1 
ATOM   890  C CG2 . ILE A 1 138 ? -2.562  -17.319 -11.043 1.00 67.78 ? 457 ILE A CG2 1 
ATOM   891  C CD1 . ILE A 1 138 ? -0.693  -14.950 -10.961 1.00 68.97 ? 457 ILE A CD1 1 
ATOM   892  N N   . ALA A 1 139 ? -6.054  -16.351 -11.849 1.00 72.02 ? 458 ALA A N   1 
ATOM   893  C CA  . ALA A 1 139 ? -7.259  -17.026 -11.380 1.00 74.89 ? 458 ALA A CA  1 
ATOM   894  C C   . ALA A 1 139 ? -7.940  -17.798 -12.514 1.00 76.16 ? 458 ALA A C   1 
ATOM   895  O O   . ALA A 1 139 ? -8.243  -18.985 -12.377 1.00 76.97 ? 458 ALA A O   1 
ATOM   896  C CB  . ALA A 1 139 ? -8.231  -16.005 -10.782 1.00 73.68 ? 458 ALA A CB  1 
ATOM   897  N N   . SER A 1 140 ? -8.171  -17.119 -13.632 1.00 76.98 ? 459 SER A N   1 
ATOM   898  C CA  . SER A 1 140 ? -8.825  -17.730 -14.783 1.00 79.00 ? 459 SER A CA  1 
ATOM   899  C C   . SER A 1 140 ? -8.151  -19.026 -15.247 1.00 80.70 ? 459 SER A C   1 
ATOM   900  O O   . SER A 1 140 ? -8.828  -20.025 -15.502 1.00 81.31 ? 459 SER A O   1 
ATOM   901  C CB  . SER A 1 140 ? -8.884  -16.723 -15.936 1.00 78.74 ? 459 SER A CB  1 
ATOM   902  O OG  . SER A 1 140 ? -9.596  -15.556 -15.552 1.00 76.78 ? 459 SER A OG  1 
ATOM   903  N N   . SER A 1 141 ? -6.823  -19.008 -15.350 1.00 81.39 ? 460 SER A N   1 
ATOM   904  C CA  . SER A 1 141 ? -6.067  -20.183 -15.780 1.00 81.79 ? 460 SER A CA  1 
ATOM   905  C C   . SER A 1 141 ? -6.040  -21.257 -14.696 1.00 82.17 ? 460 SER A C   1 
ATOM   906  O O   . SER A 1 141 ? -7.063  -21.572 -14.083 1.00 82.71 ? 460 SER A O   1 
ATOM   907  C CB  . SER A 1 141 ? -4.643  -19.779 -16.146 1.00 81.74 ? 460 SER A CB  1 
ATOM   908  N N   . LEU A 1 169 ? -12.088 -11.510 -9.124  1.00 64.77 ? 488 LEU A N   1 
ATOM   909  C CA  . LEU A 1 169 ? -11.037 -10.771 -8.431  1.00 64.64 ? 488 LEU A CA  1 
ATOM   910  C C   . LEU A 1 169 ? -11.096 -9.288  -8.749  1.00 63.13 ? 488 LEU A C   1 
ATOM   911  O O   . LEU A 1 169 ? -10.691 -8.847  -9.828  1.00 62.79 ? 488 LEU A O   1 
ATOM   912  C CB  . LEU A 1 169 ? -9.653  -11.328 -8.791  1.00 65.99 ? 488 LEU A CB  1 
ATOM   913  C CG  . LEU A 1 169 ? -9.060  -12.336 -7.797  1.00 67.05 ? 488 LEU A CG  1 
ATOM   914  C CD1 . LEU A 1 169 ? -10.046 -13.468 -7.538  1.00 68.79 ? 488 LEU A CD1 1 
ATOM   915  C CD2 . LEU A 1 169 ? -7.755  -12.879 -8.344  1.00 67.99 ? 488 LEU A CD2 1 
ATOM   916  N N   . GLU A 1 170 ? -11.602 -8.528  -7.782  1.00 60.17 ? 489 GLU A N   1 
ATOM   917  C CA  . GLU A 1 170 ? -11.746 -7.087  -7.913  1.00 58.43 ? 489 GLU A CA  1 
ATOM   918  C C   . GLU A 1 170 ? -11.745 -6.477  -6.514  1.00 56.32 ? 489 GLU A C   1 
ATOM   919  O O   . GLU A 1 170 ? -12.299 -7.060  -5.579  1.00 56.04 ? 489 GLU A O   1 
ATOM   920  C CB  . GLU A 1 170 ? -13.063 -6.773  -8.615  1.00 60.61 ? 489 GLU A CB  1 
ATOM   921  C CG  . GLU A 1 170 ? -13.323 -5.305  -8.822  1.00 61.84 ? 489 GLU A CG  1 
ATOM   922  C CD  . GLU A 1 170 ? -14.665 -5.055  -9.472  1.00 61.90 ? 489 GLU A CD  1 
ATOM   923  O OE1 . GLU A 1 170 ? -14.895 -5.570  -10.589 1.00 60.90 ? 489 GLU A OE1 1 
ATOM   924  O OE2 . GLU A 1 170 ? -15.490 -4.346  -8.862  1.00 61.84 ? 489 GLU A OE2 1 
ATOM   925  N N   . LEU A 1 171 ? -11.125 -5.311  -6.365  1.00 53.44 ? 490 LEU A N   1 
ATOM   926  C CA  . LEU A 1 171 ? -11.068 -4.665  -5.057  1.00 51.33 ? 490 LEU A CA  1 
ATOM   927  C C   . LEU A 1 171 ? -12.283 -3.770  -4.825  1.00 49.10 ? 490 LEU A C   1 
ATOM   928  O O   . LEU A 1 171 ? -12.879 -3.257  -5.774  1.00 49.33 ? 490 LEU A O   1 
ATOM   929  C CB  . LEU A 1 171 ? -9.768  -3.865  -4.925  1.00 49.21 ? 490 LEU A CB  1 
ATOM   930  C CG  . LEU A 1 171 ? -8.517  -4.706  -5.202  1.00 48.22 ? 490 LEU A CG  1 
ATOM   931  C CD1 . LEU A 1 171 ? -7.274  -3.867  -4.989  1.00 45.53 ? 490 LEU A CD1 1 
ATOM   932  C CD2 . LEU A 1 171 ? -8.503  -5.934  -4.291  1.00 47.82 ? 490 LEU A CD2 1 
ATOM   933  N N   . PRO A 1 172 ? -12.669 -3.576  -3.554  1.00 47.27 ? 491 PRO A N   1 
ATOM   934  C CA  . PRO A 1 172 ? -13.823 -2.746  -3.187  1.00 47.30 ? 491 PRO A CA  1 
ATOM   935  C C   . PRO A 1 172 ? -13.773 -1.261  -3.545  1.00 46.95 ? 491 PRO A C   1 
ATOM   936  O O   . PRO A 1 172 ? -14.795 -0.685  -3.929  1.00 45.72 ? 491 PRO A O   1 
ATOM   937  C CB  . PRO A 1 172 ? -13.945 -2.970  -1.678  1.00 46.41 ? 491 PRO A CB  1 
ATOM   938  C CG  . PRO A 1 172 ? -12.539 -3.247  -1.259  1.00 46.89 ? 491 PRO A CG  1 
ATOM   939  C CD  . PRO A 1 172 ? -12.058 -4.175  -2.356  1.00 45.72 ? 491 PRO A CD  1 
ATOM   940  N N   . TYR A 1 173 ? -12.605 -0.638  -3.426  1.00 44.76 ? 492 TYR A N   1 
ATOM   941  C CA  . TYR A 1 173 ? -12.498 0.786   -3.727  1.00 44.83 ? 492 TYR A CA  1 
ATOM   942  C C   . TYR A 1 173 ? -11.814 1.075   -5.046  1.00 44.23 ? 492 TYR A C   1 
ATOM   943  O O   . TYR A 1 173 ? -10.801 0.466   -5.373  1.00 43.50 ? 492 TYR A O   1 
ATOM   944  C CB  . TYR A 1 173 ? -11.750 1.501   -2.607  1.00 43.92 ? 492 TYR A CB  1 
ATOM   945  C CG  . TYR A 1 173 ? -12.431 1.387   -1.277  1.00 46.13 ? 492 TYR A CG  1 
ATOM   946  C CD1 . TYR A 1 173 ? -11.707 1.070   -0.129  1.00 47.45 ? 492 TYR A CD1 1 
ATOM   947  C CD2 . TYR A 1 173 ? -13.808 1.602   -1.157  1.00 48.11 ? 492 TYR A CD2 1 
ATOM   948  C CE1 . TYR A 1 173 ? -12.333 0.965   1.110   1.00 47.60 ? 492 TYR A CE1 1 
ATOM   949  C CE2 . TYR A 1 173 ? -14.447 1.502   0.077   1.00 47.41 ? 492 TYR A CE2 1 
ATOM   950  C CZ  . TYR A 1 173 ? -13.704 1.185   1.207   1.00 49.24 ? 492 TYR A CZ  1 
ATOM   951  O OH  . TYR A 1 173 ? -14.328 1.091   2.433   1.00 49.16 ? 492 TYR A OH  1 
ATOM   952  N N   . ILE A 1 174 ? -12.370 2.014   -5.804  1.00 45.07 ? 493 ILE A N   1 
ATOM   953  C CA  . ILE A 1 174 ? -11.768 2.367   -7.074  1.00 45.19 ? 493 ILE A CA  1 
ATOM   954  C C   . ILE A 1 174 ? -10.529 3.220   -6.829  1.00 44.58 ? 493 ILE A C   1 
ATOM   955  O O   . ILE A 1 174 ? -10.469 4.026   -5.887  1.00 41.03 ? 493 ILE A O   1 
ATOM   956  C CB  . ILE A 1 174 ? -12.743 3.149   -8.002  1.00 48.36 ? 493 ILE A CB  1 
ATOM   957  C CG1 . ILE A 1 174 ? -13.102 4.493   -7.388  1.00 50.12 ? 493 ILE A CG1 1 
ATOM   958  C CG2 . ILE A 1 174 ? -14.013 2.345   -8.236  1.00 49.58 ? 493 ILE A CG2 1 
ATOM   959  C CD1 . ILE A 1 174 ? -14.054 5.294   -8.248  1.00 54.16 ? 493 ILE A CD1 1 
ATOM   960  N N   . MET A 1 175 ? -9.535  3.014   -7.682  1.00 43.80 ? 494 MET A N   1 
ATOM   961  C CA  . MET A 1 175 ? -8.288  3.751   -7.608  1.00 42.76 ? 494 MET A CA  1 
ATOM   962  C C   . MET A 1 175 ? -8.062  4.402   -8.961  1.00 43.01 ? 494 MET A C   1 
ATOM   963  O O   . MET A 1 175 ? -7.874  3.719   -9.969  1.00 42.32 ? 494 MET A O   1 
ATOM   964  C CB  . MET A 1 175 ? -7.137  2.800   -7.257  1.00 39.63 ? 494 MET A CB  1 
ATOM   965  C CG  . MET A 1 175 ? -7.341  2.118   -5.912  1.00 38.49 ? 494 MET A CG  1 
ATOM   966  S SD  . MET A 1 175 ? -6.151  0.840   -5.530  1.00 39.94 ? 494 MET A SD  1 
ATOM   967  C CE  . MET A 1 175 ? -6.595  -0.398  -6.734  1.00 34.72 ? 494 MET A CE  1 
ATOM   968  N N   . ASN A 1 176 ? -8.115  5.728   -8.976  1.00 43.81 ? 495 ASN A N   1 
ATOM   969  C CA  . ASN A 1 176 ? -7.907  6.507   -10.190 1.00 44.76 ? 495 ASN A CA  1 
ATOM   970  C C   . ASN A 1 176 ? -6.827  7.531   -9.880  1.00 42.66 ? 495 ASN A C   1 
ATOM   971  O O   . ASN A 1 176 ? -7.061  8.479   -9.129  1.00 41.43 ? 495 ASN A O   1 
ATOM   972  C CB  . ASN A 1 176 ? -9.205  7.217   -10.602 1.00 48.55 ? 495 ASN A CB  1 
ATOM   973  C CG  . ASN A 1 176 ? -8.969  8.336   -11.616 1.00 54.88 ? 495 ASN A CG  1 
ATOM   974  O OD1 . ASN A 1 176 ? -8.477  8.097   -12.725 1.00 57.35 ? 495 ASN A OD1 1 
ATOM   975  N ND2 . ASN A 1 176 ? -9.320  9.565   -11.235 1.00 56.13 ? 495 ASN A ND2 1 
ATOM   976  N N   . LYS A 1 177 ? -5.643  7.340   -10.455 1.00 40.85 ? 496 LYS A N   1 
ATOM   977  C CA  . LYS A 1 177 ? -4.539  8.255   -10.205 1.00 42.70 ? 496 LYS A CA  1 
ATOM   978  C C   . LYS A 1 177 ? -4.195  8.305   -8.712  1.00 41.79 ? 496 LYS A C   1 
ATOM   979  O O   . LYS A 1 177 ? -3.916  7.275   -8.100  1.00 40.41 ? 496 LYS A O   1 
ATOM   980  C CB  . LYS A 1 177 ? -4.889  9.661   -10.712 1.00 45.05 ? 496 LYS A CB  1 
ATOM   981  C CG  . LYS A 1 177 ? -4.776  9.805   -12.216 1.00 49.39 ? 496 LYS A CG  1 
ATOM   982  C CD  . LYS A 1 177 ? -4.951  11.243  -12.657 1.00 53.27 ? 496 LYS A CD  1 
ATOM   983  C CE  . LYS A 1 177 ? -4.505  11.417  -14.106 1.00 56.15 ? 496 LYS A CE  1 
ATOM   984  N NZ  . LYS A 1 177 ? -5.153  10.422  -15.010 1.00 56.44 ? 496 LYS A NZ  1 
ATOM   985  N N   . ASP A 1 178 ? -4.222  9.500   -8.133  1.00 41.63 ? 497 ASP A N   1 
ATOM   986  C CA  . ASP A 1 178 ? -3.896  9.683   -6.720  1.00 42.21 ? 497 ASP A CA  1 
ATOM   987  C C   . ASP A 1 178 ? -5.112  9.498   -5.816  1.00 42.65 ? 497 ASP A C   1 
ATOM   988  O O   . ASP A 1 178 ? -5.026  9.695   -4.601  1.00 43.00 ? 497 ASP A O   1 
ATOM   989  C CB  . ASP A 1 178 ? -3.360  11.089  -6.494  1.00 43.74 ? 497 ASP A CB  1 
ATOM   990  C CG  . ASP A 1 178 ? -4.430  12.147  -6.690  1.00 46.04 ? 497 ASP A CG  1 
ATOM   991  O OD1 . ASP A 1 178 ? -4.905  12.309  -7.833  1.00 48.74 ? 497 ASP A OD1 1 
ATOM   992  O OD2 . ASP A 1 178 ? -4.809  12.810  -5.703  1.00 47.72 ? 497 ASP A OD2 1 
ATOM   993  N N   . LYS A 1 179 ? -6.244  9.129   -6.396  1.00 41.24 ? 498 LYS A N   1 
ATOM   994  C CA  . LYS A 1 179 ? -7.446  8.976   -5.599  1.00 41.51 ? 498 LYS A CA  1 
ATOM   995  C C   . LYS A 1 179 ? -7.968  7.561   -5.457  1.00 40.56 ? 498 LYS A C   1 
ATOM   996  O O   . LYS A 1 179 ? -8.028  6.800   -6.422  1.00 39.45 ? 498 LYS A O   1 
ATOM   997  C CB  . LYS A 1 179 ? -8.546  9.885   -6.149  1.00 44.96 ? 498 LYS A CB  1 
ATOM   998  C CG  . LYS A 1 179 ? -8.192  11.353  -6.015  1.00 47.23 ? 498 LYS A CG  1 
ATOM   999  C CD  . LYS A 1 179 ? -9.354  12.263  -6.308  1.00 51.56 ? 498 LYS A CD  1 
ATOM   1000 C CE  . LYS A 1 179 ? -8.965  13.715  -6.060  1.00 53.18 ? 498 LYS A CE  1 
ATOM   1001 N NZ  . LYS A 1 179 ? -10.124 14.637  -6.264  1.00 57.86 ? 498 LYS A NZ  1 
ATOM   1002 N N   . ILE A 1 180 ? -8.314  7.218   -4.222  1.00 38.60 ? 499 ILE A N   1 
ATOM   1003 C CA  . ILE A 1 180 ? -8.871  5.919   -3.901  1.00 37.18 ? 499 ILE A CA  1 
ATOM   1004 C C   . ILE A 1 180 ? -10.206 6.234   -3.221  1.00 37.08 ? 499 ILE A C   1 
ATOM   1005 O O   . ILE A 1 180 ? -10.269 7.022   -2.276  1.00 35.43 ? 499 ILE A O   1 
ATOM   1006 C CB  . ILE A 1 180 ? -7.920  5.113   -2.979  1.00 35.94 ? 499 ILE A CB  1 
ATOM   1007 C CG1 . ILE A 1 180 ? -8.551  3.757   -2.633  1.00 36.42 ? 499 ILE A CG1 1 
ATOM   1008 C CG2 . ILE A 1 180 ? -7.580  5.917   -1.736  1.00 32.49 ? 499 ILE A CG2 1 
ATOM   1009 C CD1 . ILE A 1 180 ? -7.610  2.818   -1.877  1.00 35.23 ? 499 ILE A CD1 1 
ATOM   1010 N N   . ASN A 1 181 ? -11.273 5.640   -3.739  1.00 39.84 ? 500 ASN A N   1 
ATOM   1011 C CA  . ASN A 1 181 ? -12.625 5.878   -3.244  1.00 39.95 ? 500 ASN A CA  1 
ATOM   1012 C C   . ASN A 1 181 ? -12.906 7.376   -3.125  1.00 41.47 ? 500 ASN A C   1 
ATOM   1013 O O   . ASN A 1 181 ? -13.583 7.823   -2.195  1.00 42.40 ? 500 ASN A O   1 
ATOM   1014 C CB  . ASN A 1 181 ? -12.856 5.205   -1.889  1.00 41.08 ? 500 ASN A CB  1 
ATOM   1015 C CG  . ASN A 1 181 ? -14.341 5.071   -1.561  1.00 42.84 ? 500 ASN A CG  1 
ATOM   1016 O OD1 . ASN A 1 181 ? -15.127 4.650   -2.406  1.00 43.30 ? 500 ASN A OD1 1 
ATOM   1017 N ND2 . ASN A 1 181 ? -14.726 5.421   -0.335  1.00 42.80 ? 500 ASN A ND2 1 
ATOM   1018 N N   . GLY A 1 182 ? -12.369 8.147   -4.067  1.00 41.81 ? 501 GLY A N   1 
ATOM   1019 C CA  . GLY A 1 182 ? -12.588 9.584   -4.068  1.00 42.09 ? 501 GLY A CA  1 
ATOM   1020 C C   . GLY A 1 182 ? -11.627 10.429  -3.253  1.00 44.27 ? 501 GLY A C   1 
ATOM   1021 O O   . GLY A 1 182 ? -11.637 11.657  -3.376  1.00 45.04 ? 501 GLY A O   1 
ATOM   1022 N N   . LEU A 1 183 ? -10.795 9.805   -2.425  1.00 42.93 ? 502 LEU A N   1 
ATOM   1023 C CA  . LEU A 1 183 ? -9.866  10.583  -1.611  1.00 43.34 ? 502 LEU A CA  1 
ATOM   1024 C C   . LEU A 1 183 ? -8.423  10.502  -2.091  1.00 42.79 ? 502 LEU A C   1 
ATOM   1025 O O   . LEU A 1 183 ? -7.963  9.463   -2.576  1.00 42.89 ? 502 LEU A O   1 
ATOM   1026 C CB  . LEU A 1 183 ? -9.964  10.158  -0.143  1.00 42.82 ? 502 LEU A CB  1 
ATOM   1027 C CG  . LEU A 1 183 ? -11.383 10.251  0.433   1.00 45.26 ? 502 LEU A CG  1 
ATOM   1028 C CD1 . LEU A 1 183 ? -11.372 9.912   1.919   1.00 44.07 ? 502 LEU A CD1 1 
ATOM   1029 C CD2 . LEU A 1 183 ? -11.930 11.660  0.214   1.00 44.51 ? 502 LEU A CD2 1 
ATOM   1030 N N   . SER A 1 184 ? -7.706  11.611  -1.955  1.00 43.03 ? 503 SER A N   1 
ATOM   1031 C CA  . SER A 1 184 ? -6.325  11.661  -2.397  1.00 42.30 ? 503 SER A CA  1 
ATOM   1032 C C   . SER A 1 184 ? -5.334  11.107  -1.372  1.00 41.22 ? 503 SER A C   1 
ATOM   1033 O O   . SER A 1 184 ? -5.451  11.346  -0.167  1.00 40.12 ? 503 SER A O   1 
ATOM   1034 C CB  . SER A 1 184 ? -5.949  13.099  -2.761  1.00 42.79 ? 503 SER A CB  1 
ATOM   1035 O OG  . SER A 1 184 ? -4.652  13.154  -3.350  1.00 45.09 ? 503 SER A OG  1 
ATOM   1036 N N   . VAL A 1 185 ? -4.361  10.350  -1.865  1.00 40.80 ? 504 VAL A N   1 
ATOM   1037 C CA  . VAL A 1 185 ? -3.326  9.783   -1.012  1.00 39.63 ? 504 VAL A CA  1 
ATOM   1038 C C   . VAL A 1 185 ? -2.174  10.781  -0.909  1.00 41.86 ? 504 VAL A C   1 
ATOM   1039 O O   . VAL A 1 185 ? -1.150  10.496  -0.293  1.00 43.25 ? 504 VAL A O   1 
ATOM   1040 C CB  . VAL A 1 185 ? -2.780  8.469   -1.592  1.00 37.63 ? 504 VAL A CB  1 
ATOM   1041 C CG1 . VAL A 1 185 ? -3.893  7.436   -1.668  1.00 33.01 ? 504 VAL A CG1 1 
ATOM   1042 C CG2 . VAL A 1 185 ? -2.160  8.728   -2.971  1.00 32.78 ? 504 VAL A CG2 1 
ATOM   1043 N N   . LYS A 1 186 ? -2.345  11.952  -1.512  1.00 43.13 ? 505 LYS A N   1 
ATOM   1044 C CA  . LYS A 1 186 ? -1.306  12.974  -1.481  1.00 46.70 ? 505 LYS A CA  1 
ATOM   1045 C C   . LYS A 1 186 ? -1.624  14.081  -0.476  1.00 48.53 ? 505 LYS A C   1 
ATOM   1046 O O   . LYS A 1 186 ? -2.787  14.433  -0.270  1.00 49.77 ? 505 LYS A O   1 
ATOM   1047 C CB  . LYS A 1 186 ? -1.133  13.589  -2.874  1.00 46.36 ? 505 LYS A CB  1 
ATOM   1048 C CG  . LYS A 1 186 ? -0.988  12.564  -3.990  1.00 47.08 ? 505 LYS A CG  1 
ATOM   1049 C CD  . LYS A 1 186 ? -0.400  13.176  -5.257  1.00 51.67 ? 505 LYS A CD  1 
ATOM   1050 C CE  . LYS A 1 186 ? -1.198  14.381  -5.731  1.00 53.45 ? 505 LYS A CE  1 
ATOM   1051 N NZ  . LYS A 1 186 ? -0.584  14.976  -6.948  1.00 58.45 ? 505 LYS A NZ  1 
ATOM   1052 N N   . LEU A 1 187 ? -0.589  14.614  0.164   1.00 50.62 ? 506 LEU A N   1 
ATOM   1053 C CA  . LEU A 1 187 ? -0.783  15.703  1.117   1.00 54.10 ? 506 LEU A CA  1 
ATOM   1054 C C   . LEU A 1 187 ? 0.106   16.906  0.776   1.00 54.38 ? 506 LEU A C   1 
ATOM   1055 O O   . LEU A 1 187 ? 0.219   17.853  1.551   1.00 55.53 ? 506 LEU A O   1 
ATOM   1056 C CB  . LEU A 1 187 ? -0.536  15.222  2.554   1.00 55.12 ? 506 LEU A CB  1 
ATOM   1057 C CG  . LEU A 1 187 ? 0.238   13.923  2.744   1.00 56.80 ? 506 LEU A CG  1 
ATOM   1058 C CD1 . LEU A 1 187 ? 1.668   14.123  2.289   1.00 57.54 ? 506 LEU A CD1 1 
ATOM   1059 C CD2 . LEU A 1 187 ? 0.188   13.508  4.204   1.00 57.06 ? 506 LEU A CD2 1 
ATOM   1060 N N   . HIS A 1 188 ? 0.716   16.851  -0.405  1.00 54.93 ? 507 HIS A N   1 
ATOM   1061 C CA  . HIS A 1 188 ? 1.577   17.915  -0.915  1.00 56.17 ? 507 HIS A CA  1 
ATOM   1062 C C   . HIS A 1 188 ? 2.471   18.572  0.131   1.00 56.70 ? 507 HIS A C   1 
ATOM   1063 O O   . HIS A 1 188 ? 2.399   19.779  0.345   1.00 57.31 ? 507 HIS A O   1 
ATOM   1064 C CB  . HIS A 1 188 ? 0.727   18.996  -1.605  1.00 55.24 ? 507 HIS A CB  1 
ATOM   1065 C CG  . HIS A 1 188 ? -0.318  18.452  -2.534  1.00 56.05 ? 507 HIS A CG  1 
ATOM   1066 N ND1 . HIS A 1 188 ? -1.539  17.983  -2.091  1.00 55.59 ? 507 HIS A ND1 1 
ATOM   1067 C CD2 . HIS A 1 188 ? -0.315  18.277  -3.876  1.00 55.73 ? 507 HIS A CD2 1 
ATOM   1068 C CE1 . HIS A 1 188 ? -2.240  17.544  -3.120  1.00 54.74 ? 507 HIS A CE1 1 
ATOM   1069 N NE2 . HIS A 1 188 ? -1.522  17.709  -4.217  1.00 55.27 ? 507 HIS A NE2 1 
ATOM   1070 N N   . GLY A 1 189 ? 3.313   17.779  0.783   1.00 58.25 ? 508 GLY A N   1 
ATOM   1071 C CA  . GLY A 1 189 ? 4.217   18.330  1.781   1.00 59.22 ? 508 GLY A CA  1 
ATOM   1072 C C   . GLY A 1 189 ? 3.590   18.708  3.110   1.00 60.62 ? 508 GLY A C   1 
ATOM   1073 O O   . GLY A 1 189 ? 4.290   18.804  4.120   1.00 62.03 ? 508 GLY A O   1 
ATOM   1074 N N   . SER A 1 190 ? 2.280   18.935  3.123   1.00 60.72 ? 509 SER A N   1 
ATOM   1075 C CA  . SER A 1 190 ? 1.589   19.300  4.356   1.00 59.77 ? 509 SER A CA  1 
ATOM   1076 C C   . SER A 1 190 ? 1.582   18.119  5.326   1.00 59.36 ? 509 SER A C   1 
ATOM   1077 O O   . SER A 1 190 ? 2.018   17.017  4.983   1.00 58.29 ? 509 SER A O   1 
ATOM   1078 C CB  . SER A 1 190 ? 0.165   19.735  4.047   1.00 59.37 ? 509 SER A CB  1 
ATOM   1079 N N   . SER A 1 191 ? 1.101   18.352  6.544   1.00 58.75 ? 510 SER A N   1 
ATOM   1080 C CA  . SER A 1 191 ? 1.042   17.288  7.541   1.00 57.57 ? 510 SER A CA  1 
ATOM   1081 C C   . SER A 1 191 ? -0.255  16.501  7.358   1.00 56.50 ? 510 SER A C   1 
ATOM   1082 O O   . SER A 1 191 ? -1.237  17.015  6.813   1.00 54.78 ? 510 SER A O   1 
ATOM   1083 C CB  . SER A 1 191 ? 1.124   17.872  8.958   1.00 59.97 ? 510 SER A CB  1 
ATOM   1084 O OG  . SER A 1 191 ? 0.157   18.892  9.162   1.00 63.65 ? 510 SER A OG  1 
ATOM   1085 N N   . PRO A 1 192 ? -0.276  15.236  7.805   1.00 55.14 ? 511 PRO A N   1 
ATOM   1086 C CA  . PRO A 1 192 ? -1.472  14.402  7.670   1.00 54.65 ? 511 PRO A CA  1 
ATOM   1087 C C   . PRO A 1 192 ? -2.743  15.043  8.236   1.00 54.06 ? 511 PRO A C   1 
ATOM   1088 O O   . PRO A 1 192 ? -2.697  15.800  9.207   1.00 53.97 ? 511 PRO A O   1 
ATOM   1089 C CB  . PRO A 1 192 ? -1.087  13.125  8.415   1.00 54.92 ? 511 PRO A CB  1 
ATOM   1090 C CG  . PRO A 1 192 ? 0.394   13.062  8.236   1.00 54.32 ? 511 PRO A CG  1 
ATOM   1091 C CD  . PRO A 1 192 ? 0.802   14.491  8.479   1.00 54.99 ? 511 PRO A CD  1 
ATOM   1092 N N   . ASN A 1 193 ? -3.872  14.723  7.614   1.00 52.50 ? 512 ASN A N   1 
ATOM   1093 C CA  . ASN A 1 193 ? -5.178  15.225  8.022   1.00 50.03 ? 512 ASN A CA  1 
ATOM   1094 C C   . ASN A 1 193 ? -6.138  14.039  8.002   1.00 49.09 ? 512 ASN A C   1 
ATOM   1095 O O   . ASN A 1 193 ? -5.762  12.938  7.587   1.00 47.51 ? 512 ASN A O   1 
ATOM   1096 C CB  . ASN A 1 193 ? -5.668  16.282  7.036   1.00 50.35 ? 512 ASN A CB  1 
ATOM   1097 C CG  . ASN A 1 193 ? -5.669  15.780  5.607   1.00 51.87 ? 512 ASN A CG  1 
ATOM   1098 O OD1 . ASN A 1 193 ? -5.867  14.591  5.359   1.00 53.41 ? 512 ASN A OD1 1 
ATOM   1099 N ND2 . ASN A 1 193 ? -5.460  16.683  4.656   1.00 53.41 ? 512 ASN A ND2 1 
ATOM   1100 N N   . LEU A 1 194 ? -7.379  14.267  8.428   1.00 47.42 ? 513 LEU A N   1 
ATOM   1101 C CA  . LEU A 1 194 ? -8.373  13.205  8.450   1.00 45.97 ? 513 LEU A CA  1 
ATOM   1102 C C   . LEU A 1 194 ? -8.620  12.598  7.070   1.00 45.42 ? 513 LEU A C   1 
ATOM   1103 O O   . LEU A 1 194 ? -8.805  11.387  6.947   1.00 44.99 ? 513 LEU A O   1 
ATOM   1104 C CB  . LEU A 1 194 ? -9.689  13.722  9.015   1.00 46.13 ? 513 LEU A CB  1 
ATOM   1105 C CG  . LEU A 1 194 ? -10.776 12.662  9.188   1.00 48.00 ? 513 LEU A CG  1 
ATOM   1106 C CD1 . LEU A 1 194 ? -10.290 11.583  10.150  1.00 48.66 ? 513 LEU A CD1 1 
ATOM   1107 C CD2 . LEU A 1 194 ? -12.047 13.312  9.722   1.00 47.89 ? 513 LEU A CD2 1 
ATOM   1108 N N   . GLU A 1 195 ? -8.623  13.432  6.032   1.00 44.08 ? 514 GLU A N   1 
ATOM   1109 C CA  . GLU A 1 195 ? -8.856  12.936  4.679   1.00 43.34 ? 514 GLU A CA  1 
ATOM   1110 C C   . GLU A 1 195 ? -7.801  11.924  4.273   1.00 41.58 ? 514 GLU A C   1 
ATOM   1111 O O   . GLU A 1 195 ? -8.127  10.810  3.862   1.00 39.96 ? 514 GLU A O   1 
ATOM   1112 C CB  . GLU A 1 195 ? -8.863  14.077  3.659   1.00 45.05 ? 514 GLU A CB  1 
ATOM   1113 C CG  . GLU A 1 195 ? -9.127  13.577  2.243   1.00 51.34 ? 514 GLU A CG  1 
ATOM   1114 C CD  . GLU A 1 195 ? -9.327  14.690  1.236   1.00 54.96 ? 514 GLU A CD  1 
ATOM   1115 O OE1 . GLU A 1 195 ? -10.026 15.673  1.572   1.00 57.63 ? 514 GLU A OE1 1 
ATOM   1116 O OE2 . GLU A 1 195 ? -8.803  14.569  0.103   1.00 55.97 ? 514 GLU A OE2 1 
ATOM   1117 N N   . TRP A 1 196 ? -6.538  12.329  4.377   1.00 41.17 ? 515 TRP A N   1 
ATOM   1118 C CA  . TRP A 1 196 ? -5.412  11.466  4.027   1.00 40.60 ? 515 TRP A CA  1 
ATOM   1119 C C   . TRP A 1 196 ? -5.444  10.194  4.881   1.00 39.44 ? 515 TRP A C   1 
ATOM   1120 O O   . TRP A 1 196 ? -5.200  9.098   4.387   1.00 38.73 ? 515 TRP A O   1 
ATOM   1121 C CB  . TRP A 1 196 ? -4.096  12.213  4.250   1.00 41.06 ? 515 TRP A CB  1 
ATOM   1122 C CG  . TRP A 1 196 ? -2.908  11.446  3.796   1.00 43.70 ? 515 TRP A CG  1 
ATOM   1123 C CD1 . TRP A 1 196 ? -2.485  11.271  2.508   1.00 44.19 ? 515 TRP A CD1 1 
ATOM   1124 C CD2 . TRP A 1 196 ? -2.009  10.695  4.620   1.00 46.01 ? 515 TRP A CD2 1 
ATOM   1125 N NE1 . TRP A 1 196 ? -1.377  10.455  2.479   1.00 45.77 ? 515 TRP A NE1 1 
ATOM   1126 C CE2 . TRP A 1 196 ? -1.064  10.088  3.761   1.00 46.31 ? 515 TRP A CE2 1 
ATOM   1127 C CE3 . TRP A 1 196 ? -1.913  10.474  6.000   1.00 48.13 ? 515 TRP A CE3 1 
ATOM   1128 C CZ2 . TRP A 1 196 ? -0.031  9.274   4.241   1.00 46.37 ? 515 TRP A CZ2 1 
ATOM   1129 C CZ3 . TRP A 1 196 ? -0.884  9.662   6.477   1.00 48.67 ? 515 TRP A CZ3 1 
ATOM   1130 C CH2 . TRP A 1 196 ? 0.042   9.072   5.596   1.00 48.81 ? 515 TRP A CH2 1 
ATOM   1131 N N   . THR A 1 197 ? -5.755  10.353  6.167   1.00 39.57 ? 516 THR A N   1 
ATOM   1132 C CA  . THR A 1 197 ? -5.836  9.221   7.088   1.00 40.11 ? 516 THR A CA  1 
ATOM   1133 C C   . THR A 1 197 ? -6.919  8.246   6.634   1.00 39.41 ? 516 THR A C   1 
ATOM   1134 O O   . THR A 1 197 ? -6.750  7.025   6.736   1.00 38.79 ? 516 THR A O   1 
ATOM   1135 C CB  . THR A 1 197 ? -6.151  9.701   8.529   1.00 40.79 ? 516 THR A CB  1 
ATOM   1136 O OG1 . THR A 1 197 ? -5.040  10.454  9.032   1.00 42.83 ? 516 THR A OG1 1 
ATOM   1137 C CG2 . THR A 1 197 ? -6.421  8.530   9.450   1.00 37.74 ? 516 THR A CG2 1 
ATOM   1138 N N   . THR A 1 198 ? -8.029  8.785   6.132   1.00 38.58 ? 517 THR A N   1 
ATOM   1139 C CA  . THR A 1 198 ? -9.131  7.948   5.658   1.00 38.21 ? 517 THR A CA  1 
ATOM   1140 C C   . THR A 1 198 ? -8.751  7.310   4.319   1.00 37.59 ? 517 THR A C   1 
ATOM   1141 O O   . THR A 1 198 ? -9.068  6.148   4.062   1.00 36.01 ? 517 THR A O   1 
ATOM   1142 C CB  . THR A 1 198 ? -10.439 8.758   5.483   1.00 38.26 ? 517 THR A CB  1 
ATOM   1143 O OG1 . THR A 1 198 ? -10.725 9.479   6.689   1.00 38.90 ? 517 THR A OG1 1 
ATOM   1144 C CG2 . THR A 1 198 ? -11.603 7.824   5.195   1.00 34.64 ? 517 THR A CG2 1 
ATOM   1145 N N   . ALA A 1 199 ? -8.067  8.071   3.469   1.00 37.03 ? 518 ALA A N   1 
ATOM   1146 C CA  . ALA A 1 199 ? -7.636  7.541   2.183   1.00 37.39 ? 518 ALA A CA  1 
ATOM   1147 C C   . ALA A 1 199 ? -6.757  6.318   2.458   1.00 38.81 ? 518 ALA A C   1 
ATOM   1148 O O   . ALA A 1 199 ? -6.925  5.276   1.819   1.00 39.78 ? 518 ALA A O   1 
ATOM   1149 C CB  . ALA A 1 199 ? -6.856  8.600   1.408   1.00 34.93 ? 518 ALA A CB  1 
ATOM   1150 N N   . MET A 1 200 ? -5.829  6.448   3.414   1.00 38.72 ? 519 MET A N   1 
ATOM   1151 C CA  . MET A 1 200 ? -4.938  5.341   3.779   1.00 40.43 ? 519 MET A CA  1 
ATOM   1152 C C   . MET A 1 200 ? -5.744  4.148   4.296   1.00 40.06 ? 519 MET A C   1 
ATOM   1153 O O   . MET A 1 200 ? -5.367  2.994   4.093   1.00 38.65 ? 519 MET A O   1 
ATOM   1154 C CB  . MET A 1 200 ? -3.932  5.780   4.851   1.00 40.51 ? 519 MET A CB  1 
ATOM   1155 C CG  . MET A 1 200 ? -2.906  6.781   4.366   1.00 38.54 ? 519 MET A CG  1 
ATOM   1156 S SD  . MET A 1 200 ? -1.895  6.103   3.027   1.00 40.96 ? 519 MET A SD  1 
ATOM   1157 C CE  . MET A 1 200 ? -2.620  6.925   1.595   1.00 36.45 ? 519 MET A CE  1 
ATOM   1158 N N   . LYS A 1 201 ? -6.854  4.435   4.970   1.00 41.38 ? 520 LYS A N   1 
ATOM   1159 C CA  . LYS A 1 201 ? -7.722  3.386   5.495   1.00 41.19 ? 520 LYS A CA  1 
ATOM   1160 C C   . LYS A 1 201 ? -8.317  2.605   4.323   1.00 40.90 ? 520 LYS A C   1 
ATOM   1161 O O   . LYS A 1 201 ? -8.426  1.379   4.366   1.00 38.84 ? 520 LYS A O   1 
ATOM   1162 C CB  . LYS A 1 201 ? -8.853  3.999   6.327   1.00 44.40 ? 520 LYS A CB  1 
ATOM   1163 C CG  . LYS A 1 201 ? -9.804  2.960   6.919   1.00 49.33 ? 520 LYS A CG  1 
ATOM   1164 C CD  . LYS A 1 201 ? -11.004 3.602   7.611   1.00 52.82 ? 520 LYS A CD  1 
ATOM   1165 C CE  . LYS A 1 201 ? -10.595 4.384   8.854   1.00 56.35 ? 520 LYS A CE  1 
ATOM   1166 N NZ  . LYS A 1 201 ? -11.783 5.007   9.525   1.00 59.65 ? 520 LYS A NZ  1 
ATOM   1167 N N   . PHE A 1 202 ? -8.701  3.323   3.271   1.00 39.11 ? 521 PHE A N   1 
ATOM   1168 C CA  . PHE A 1 202 ? -9.280  2.684   2.091   1.00 39.41 ? 521 PHE A CA  1 
ATOM   1169 C C   . PHE A 1 202 ? -8.218  1.864   1.373   1.00 39.90 ? 521 PHE A C   1 
ATOM   1170 O O   . PHE A 1 202 ? -8.506  0.794   0.836   1.00 38.70 ? 521 PHE A O   1 
ATOM   1171 C CB  . PHE A 1 202 ? -9.846  3.744   1.136   1.00 39.49 ? 521 PHE A CB  1 
ATOM   1172 C CG  . PHE A 1 202 ? -11.023 4.497   1.694   1.00 40.04 ? 521 PHE A CG  1 
ATOM   1173 C CD1 . PHE A 1 202 ? -11.281 5.801   1.293   1.00 39.65 ? 521 PHE A CD1 1 
ATOM   1174 C CD2 . PHE A 1 202 ? -11.879 3.899   2.620   1.00 41.29 ? 521 PHE A CD2 1 
ATOM   1175 C CE1 . PHE A 1 202 ? -12.374 6.504   1.803   1.00 40.88 ? 521 PHE A CE1 1 
ATOM   1176 C CE2 . PHE A 1 202 ? -12.976 4.592   3.134   1.00 41.45 ? 521 PHE A CE2 1 
ATOM   1177 C CZ  . PHE A 1 202 ? -13.222 5.899   2.725   1.00 39.83 ? 521 PHE A CZ  1 
ATOM   1178 N N   . LEU A 1 203 ? -6.987  2.378   1.380   1.00 39.46 ? 522 LEU A N   1 
ATOM   1179 C CA  . LEU A 1 203 ? -5.871  1.707   0.726   1.00 38.24 ? 522 LEU A CA  1 
ATOM   1180 C C   . LEU A 1 203 ? -5.592  0.362   1.372   1.00 37.71 ? 522 LEU A C   1 
ATOM   1181 O O   . LEU A 1 203 ? -5.468  -0.644  0.673   1.00 38.58 ? 522 LEU A O   1 
ATOM   1182 C CB  . LEU A 1 203 ? -4.615  2.597   0.769   1.00 39.20 ? 522 LEU A CB  1 
ATOM   1183 C CG  . LEU A 1 203 ? -3.360  2.126   0.014   1.00 39.56 ? 522 LEU A CG  1 
ATOM   1184 C CD1 . LEU A 1 203 ? -2.382  3.270   -0.156  1.00 36.48 ? 522 LEU A CD1 1 
ATOM   1185 C CD2 . LEU A 1 203 ? -2.706  0.989   0.766   1.00 39.90 ? 522 LEU A CD2 1 
ATOM   1186 N N   . LEU A 1 204 ? -5.491  0.335   2.700   1.00 37.38 ? 523 LEU A N   1 
ATOM   1187 C CA  . LEU A 1 204 ? -5.221  -0.916  3.406   1.00 35.86 ? 523 LEU A CA  1 
ATOM   1188 C C   . LEU A 1 204 ? -6.394  -1.888  3.313   1.00 35.37 ? 523 LEU A C   1 
ATOM   1189 O O   . LEU A 1 204 ? -6.205  -3.105  3.365   1.00 35.19 ? 523 LEU A O   1 
ATOM   1190 C CB  . LEU A 1 204 ? -4.857  -0.648  4.879   1.00 36.04 ? 523 LEU A CB  1 
ATOM   1191 C CG  . LEU A 1 204 ? -3.442  -0.103  5.147   1.00 35.88 ? 523 LEU A CG  1 
ATOM   1192 C CD1 . LEU A 1 204 ? -3.156  -0.144  6.649   1.00 37.92 ? 523 LEU A CD1 1 
ATOM   1193 C CD2 . LEU A 1 204 ? -2.400  -0.942  4.414   1.00 33.18 ? 523 LEU A CD2 1 
ATOM   1194 N N   . THR A 1 205 ? -7.609  -1.366  3.185   1.00 35.14 ? 524 THR A N   1 
ATOM   1195 C CA  . THR A 1 205 ? -8.763  -2.250  3.048   1.00 36.29 ? 524 THR A CA  1 
ATOM   1196 C C   . THR A 1 205 ? -8.611  -2.949  1.705   1.00 37.05 ? 524 THR A C   1 
ATOM   1197 O O   . THR A 1 205 ? -8.757  -4.169  1.596   1.00 36.62 ? 524 THR A O   1 
ATOM   1198 C CB  . THR A 1 205 ? -10.078 -1.473  3.066   1.00 36.27 ? 524 THR A CB  1 
ATOM   1199 O OG1 . THR A 1 205 ? -10.267 -0.895  4.360   1.00 38.85 ? 524 THR A OG1 1 
ATOM   1200 C CG2 . THR A 1 205 ? -11.245 -2.398  2.763   1.00 37.38 ? 524 THR A CG2 1 
ATOM   1201 N N   . ASN A 1 206 ? -8.294  -2.166  0.679   1.00 37.42 ? 525 ASN A N   1 
ATOM   1202 C CA  . ASN A 1 206 ? -8.094  -2.723  -0.648  1.00 38.67 ? 525 ASN A CA  1 
ATOM   1203 C C   . ASN A 1 206 ? -7.008  -3.786  -0.620  1.00 37.67 ? 525 ASN A C   1 
ATOM   1204 O O   . ASN A 1 206 ? -7.140  -4.829  -1.266  1.00 37.82 ? 525 ASN A O   1 
ATOM   1205 C CB  . ASN A 1 206 ? -7.720  -1.621  -1.643  1.00 37.73 ? 525 ASN A CB  1 
ATOM   1206 C CG  . ASN A 1 206 ? -8.908  -1.168  -2.468  1.00 39.98 ? 525 ASN A CG  1 
ATOM   1207 O OD1 . ASN A 1 206 ? -10.061 -1.454  -2.120  1.00 36.79 ? 525 ASN A OD1 1 
ATOM   1208 N ND2 . ASN A 1 206 ? -8.640  -0.454  -3.555  1.00 34.83 ? 525 ASN A ND2 1 
ATOM   1209 N N   . VAL A 1 207 ? -5.941  -3.522  0.138   1.00 37.16 ? 526 VAL A N   1 
ATOM   1210 C CA  . VAL A 1 207 ? -4.826  -4.463  0.240   1.00 38.76 ? 526 VAL A CA  1 
ATOM   1211 C C   . VAL A 1 207 ? -5.226  -5.720  1.014   1.00 39.33 ? 526 VAL A C   1 
ATOM   1212 O O   . VAL A 1 207 ? -4.810  -6.829  0.677   1.00 39.08 ? 526 VAL A O   1 
ATOM   1213 C CB  . VAL A 1 207 ? -3.594  -3.817  0.927   1.00 39.02 ? 526 VAL A CB  1 
ATOM   1214 C CG1 . VAL A 1 207 ? -2.509  -4.867  1.133   1.00 40.53 ? 526 VAL A CG1 1 
ATOM   1215 C CG2 . VAL A 1 207 ? -3.051  -2.677  0.074   1.00 36.87 ? 526 VAL A CG2 1 
ATOM   1216 N N   . LYS A 1 208 ? -6.033  -5.539  2.051   1.00 41.69 ? 527 LYS A N   1 
ATOM   1217 C CA  . LYS A 1 208 ? -6.498  -6.662  2.852   1.00 43.77 ? 527 LYS A CA  1 
ATOM   1218 C C   . LYS A 1 208 ? -7.230  -7.635  1.928   1.00 44.84 ? 527 LYS A C   1 
ATOM   1219 O O   . LYS A 1 208 ? -7.048  -8.848  2.029   1.00 46.05 ? 527 LYS A O   1 
ATOM   1220 C CB  . LYS A 1 208 ? -7.434  -6.161  3.949   1.00 44.48 ? 527 LYS A CB  1 
ATOM   1221 C CG  . LYS A 1 208 ? -7.725  -7.168  5.049   1.00 46.10 ? 527 LYS A CG  1 
ATOM   1222 C CD  . LYS A 1 208 ? -8.546  -6.513  6.157   1.00 45.86 ? 527 LYS A CD  1 
ATOM   1223 C CE  . LYS A 1 208 ? -8.800  -7.471  7.309   1.00 48.48 ? 527 LYS A CE  1 
ATOM   1224 N NZ  . LYS A 1 208 ? -9.361  -6.751  8.490   1.00 49.03 ? 527 LYS A NZ  1 
ATOM   1225 N N   . TRP A 1 209 ? -8.050  -7.100  1.024   1.00 45.43 ? 528 TRP A N   1 
ATOM   1226 C CA  . TRP A 1 209 ? -8.771  -7.940  0.074   1.00 45.84 ? 528 TRP A CA  1 
ATOM   1227 C C   . TRP A 1 209 ? -7.775  -8.595  -0.879  1.00 45.71 ? 528 TRP A C   1 
ATOM   1228 O O   . TRP A 1 209 ? -7.832  -9.806  -1.112  1.00 44.28 ? 528 TRP A O   1 
ATOM   1229 C CB  . TRP A 1 209 ? -9.785  -7.119  -0.726  1.00 50.08 ? 528 TRP A CB  1 
ATOM   1230 C CG  . TRP A 1 209 ? -11.023 -6.790  0.038   1.00 55.97 ? 528 TRP A CG  1 
ATOM   1231 C CD1 . TRP A 1 209 ? -11.173 -5.811  0.977   1.00 57.39 ? 528 TRP A CD1 1 
ATOM   1232 C CD2 . TRP A 1 209 ? -12.279 -7.474  -0.034  1.00 59.27 ? 528 TRP A CD2 1 
ATOM   1233 N NE1 . TRP A 1 209 ? -12.447 -5.842  1.496   1.00 59.82 ? 528 TRP A NE1 1 
ATOM   1234 C CE2 . TRP A 1 209 ? -13.147 -6.854  0.894   1.00 60.21 ? 528 TRP A CE2 1 
ATOM   1235 C CE3 . TRP A 1 209 ? -12.755 -8.554  -0.790  1.00 62.33 ? 528 TRP A CE3 1 
ATOM   1236 C CZ2 . TRP A 1 209 ? -14.469 -7.278  1.086   1.00 62.16 ? 528 TRP A CZ2 1 
ATOM   1237 C CZ3 . TRP A 1 209 ? -14.075 -8.978  -0.599  1.00 64.10 ? 528 TRP A CZ3 1 
ATOM   1238 C CH2 . TRP A 1 209 ? -14.914 -8.337  0.333   1.00 63.02 ? 528 TRP A CH2 1 
ATOM   1239 N N   . LEU A 1 210 ? -6.864  -7.791  -1.427  1.00 44.35 ? 529 LEU A N   1 
ATOM   1240 C CA  . LEU A 1 210 ? -5.845  -8.307  -2.336  1.00 45.72 ? 529 LEU A CA  1 
ATOM   1241 C C   . LEU A 1 210 ? -5.173  -9.505  -1.677  1.00 47.47 ? 529 LEU A C   1 
ATOM   1242 O O   . LEU A 1 210 ? -4.942  -10.530 -2.323  1.00 47.70 ? 529 LEU A O   1 
ATOM   1243 C CB  . LEU A 1 210 ? -4.791  -7.237  -2.624  1.00 45.52 ? 529 LEU A CB  1 
ATOM   1244 C CG  . LEU A 1 210 ? -3.766  -7.565  -3.713  1.00 46.15 ? 529 LEU A CG  1 
ATOM   1245 C CD1 . LEU A 1 210 ? -4.435  -7.468  -5.084  1.00 46.87 ? 529 LEU A CD1 1 
ATOM   1246 C CD2 . LEU A 1 210 ? -2.602  -6.591  -3.631  1.00 46.17 ? 529 LEU A CD2 1 
ATOM   1247 N N   . LEU A 1 211 ? -4.863  -9.362  -0.388  1.00 48.31 ? 530 LEU A N   1 
ATOM   1248 C CA  . LEU A 1 211 ? -4.228  -10.425 0.398   1.00 50.66 ? 530 LEU A CA  1 
ATOM   1249 C C   . LEU A 1 211 ? -5.063  -11.698 0.371   1.00 51.43 ? 530 LEU A C   1 
ATOM   1250 O O   . LEU A 1 211 ? -4.550  -12.787 0.097   1.00 50.15 ? 530 LEU A O   1 
ATOM   1251 C CB  . LEU A 1 211 ? -4.067  -9.988  1.858   1.00 50.53 ? 530 LEU A CB  1 
ATOM   1252 C CG  . LEU A 1 211 ? -2.638  -9.787  2.346   1.00 52.84 ? 530 LEU A CG  1 
ATOM   1253 C CD1 . LEU A 1 211 ? -1.969  -8.751  1.453   1.00 55.36 ? 530 LEU A CD1 1 
ATOM   1254 C CD2 . LEU A 1 211 ? -2.630  -9.348  3.811   1.00 50.76 ? 530 LEU A CD2 1 
ATOM   1255 N N   . ALA A 1 212 ? -6.351  -11.545 0.675   1.00 51.23 ? 531 ALA A N   1 
ATOM   1256 C CA  . ALA A 1 212 ? -7.277  -12.668 0.707   1.00 52.69 ? 531 ALA A CA  1 
ATOM   1257 C C   . ALA A 1 212 ? -7.241  -13.429 -0.609  1.00 53.74 ? 531 ALA A C   1 
ATOM   1258 O O   . ALA A 1 212 ? -7.004  -14.635 -0.627  1.00 53.94 ? 531 ALA A O   1 
ATOM   1259 C CB  . ALA A 1 212 ? -8.691  -12.173 0.992   1.00 50.29 ? 531 ALA A CB  1 
ATOM   1260 N N   . PHE A 1 213 ? -7.469  -12.715 -1.708  1.00 55.18 ? 532 PHE A N   1 
ATOM   1261 C CA  . PHE A 1 213 ? -7.460  -13.316 -3.038  1.00 56.77 ? 532 PHE A CA  1 
ATOM   1262 C C   . PHE A 1 213 ? -6.151  -14.053 -3.307  1.00 57.39 ? 532 PHE A C   1 
ATOM   1263 O O   . PHE A 1 213 ? -6.155  -15.197 -3.766  1.00 57.32 ? 532 PHE A O   1 
ATOM   1264 C CB  . PHE A 1 213 ? -7.661  -12.238 -4.107  1.00 59.10 ? 532 PHE A CB  1 
ATOM   1265 C CG  . PHE A 1 213 ? -9.004  -11.549 -4.042  1.00 63.90 ? 532 PHE A CG  1 
ATOM   1266 C CD1 . PHE A 1 213 ? -9.188  -10.301 -4.640  1.00 65.00 ? 532 PHE A CD1 1 
ATOM   1267 C CD2 . PHE A 1 213 ? -10.090 -12.150 -3.403  1.00 65.54 ? 532 PHE A CD2 1 
ATOM   1268 C CE1 . PHE A 1 213 ? -10.431 -9.661  -4.603  1.00 66.85 ? 532 PHE A CE1 1 
ATOM   1269 C CE2 . PHE A 1 213 ? -11.339 -11.520 -3.360  1.00 66.15 ? 532 PHE A CE2 1 
ATOM   1270 C CZ  . PHE A 1 213 ? -11.510 -10.274 -3.961  1.00 66.51 ? 532 PHE A CZ  1 
ATOM   1271 N N   . SER A 1 214 ? -5.032  -13.393 -3.028  1.00 57.45 ? 533 SER A N   1 
ATOM   1272 C CA  . SER A 1 214 ? -3.723  -13.990 -3.249  1.00 58.33 ? 533 SER A CA  1 
ATOM   1273 C C   . SER A 1 214 ? -3.627  -15.328 -2.538  1.00 60.45 ? 533 SER A C   1 
ATOM   1274 O O   . SER A 1 214 ? -3.005  -16.266 -3.039  1.00 60.32 ? 533 SER A O   1 
ATOM   1275 C CB  . SER A 1 214 ? -2.625  -13.062 -2.738  1.00 56.68 ? 533 SER A CB  1 
ATOM   1276 O OG  . SER A 1 214 ? -2.677  -11.812 -3.397  1.00 57.75 ? 533 SER A OG  1 
ATOM   1277 N N   . SER A 1 215 ? -4.245  -15.406 -1.366  1.00 62.53 ? 534 SER A N   1 
ATOM   1278 C CA  . SER A 1 215 ? -4.232  -16.626 -0.574  1.00 65.71 ? 534 SER A CA  1 
ATOM   1279 C C   . SER A 1 215 ? -5.149  -17.698 -1.157  1.00 67.87 ? 534 SER A C   1 
ATOM   1280 O O   . SER A 1 215 ? -4.782  -18.870 -1.218  1.00 68.08 ? 534 SER A O   1 
ATOM   1281 C CB  . SER A 1 215 ? -4.652  -16.327 0.863   1.00 65.21 ? 534 SER A CB  1 
ATOM   1282 O OG  . SER A 1 215 ? -4.821  -17.533 1.578   1.00 65.63 ? 534 SER A OG  1 
ATOM   1283 N N   . ASN A 1 216 ? -6.344  -17.299 -1.575  1.00 70.59 ? 535 ASN A N   1 
ATOM   1284 C CA  . ASN A 1 216 ? -7.291  -18.247 -2.153  1.00 73.75 ? 535 ASN A CA  1 
ATOM   1285 C C   . ASN A 1 216 ? -6.653  -18.931 -3.350  1.00 75.08 ? 535 ASN A C   1 
ATOM   1286 O O   . ASN A 1 216 ? -6.804  -20.137 -3.537  1.00 75.73 ? 535 ASN A O   1 
ATOM   1287 C CB  . ASN A 1 216 ? -8.572  -17.529 -2.585  1.00 74.80 ? 535 ASN A CB  1 
ATOM   1288 C CG  . ASN A 1 216 ? -9.332  -16.936 -1.414  1.00 77.69 ? 535 ASN A CG  1 
ATOM   1289 O OD1 . ASN A 1 216 ? -10.289 -16.179 -1.599  1.00 79.14 ? 535 ASN A OD1 1 
ATOM   1290 N ND2 . ASN A 1 216 ? -8.914  -17.278 -0.195  1.00 78.67 ? 535 ASN A ND2 1 
ATOM   1291 N N   . LEU A 1 217 ? -5.929  -18.154 -4.152  1.00 76.57 ? 536 LEU A N   1 
ATOM   1292 C CA  . LEU A 1 217 ? -5.261  -18.678 -5.337  1.00 77.78 ? 536 LEU A CA  1 
ATOM   1293 C C   . LEU A 1 217 ? -4.175  -19.688 -4.989  1.00 79.24 ? 536 LEU A C   1 
ATOM   1294 O O   . LEU A 1 217 ? -4.100  -20.752 -5.600  1.00 80.80 ? 536 LEU A O   1 
ATOM   1295 C CB  . LEU A 1 217 ? -4.657  -17.537 -6.160  1.00 76.78 ? 536 LEU A CB  1 
ATOM   1296 C CG  . LEU A 1 217 ? -5.653  -16.611 -6.859  1.00 76.34 ? 536 LEU A CG  1 
ATOM   1297 C CD1 . LEU A 1 217 ? -4.901  -15.553 -7.646  1.00 75.88 ? 536 LEU A CD1 1 
ATOM   1298 C CD2 . LEU A 1 217 ? -6.545  -17.424 -7.785  1.00 76.59 ? 536 LEU A CD2 1 
ATOM   1299 N N   . LEU A 1 218 ? -3.336  -19.357 -4.011  1.00 80.87 ? 537 LEU A N   1 
ATOM   1300 C CA  . LEU A 1 218 ? -2.263  -20.261 -3.602  1.00 81.76 ? 537 LEU A CA  1 
ATOM   1301 C C   . LEU A 1 218 ? -2.785  -21.608 -3.116  1.00 82.81 ? 537 LEU A C   1 
ATOM   1302 O O   . LEU A 1 218 ? -2.046  -22.590 -3.089  1.00 83.23 ? 537 LEU A O   1 
ATOM   1303 C CB  . LEU A 1 218 ? -1.402  -19.623 -2.513  1.00 80.98 ? 537 LEU A CB  1 
ATOM   1304 C CG  . LEU A 1 218 ? -0.283  -18.723 -3.038  1.00 81.02 ? 537 LEU A CG  1 
ATOM   1305 C CD1 . LEU A 1 218 ? 0.519   -18.171 -1.878  1.00 81.36 ? 537 LEU A CD1 1 
ATOM   1306 C CD2 . LEU A 1 218 ? 0.616   -19.524 -3.967  1.00 81.11 ? 537 LEU A CD2 1 
ATOM   1307 N N   . SER A 1 219 ? -4.058  -21.650 -2.733  1.00 84.07 ? 538 SER A N   1 
ATOM   1308 C CA  . SER A 1 219 ? -4.668  -22.888 -2.266  1.00 84.93 ? 538 SER A CA  1 
ATOM   1309 C C   . SER A 1 219 ? -4.531  -23.963 -3.347  1.00 85.55 ? 538 SER A C   1 
ATOM   1310 O O   . SER A 1 219 ? -3.950  -25.026 -3.042  1.00 85.50 ? 538 SER A O   1 
ATOM   1311 C CB  . SER A 1 219 ? -6.143  -22.652 -1.933  1.00 85.08 ? 538 SER A CB  1 
HETATM 1312 O O   . HOH B 2 .   ? 9.188   2.734   3.925   1.00 31.62 ? 601 HOH A O   1 
HETATM 1313 O O   . HOH B 2 .   ? 8.810   -1.659  8.339   1.00 29.14 ? 602 HOH A O   1 
HETATM 1314 O O   . HOH B 2 .   ? -3.179  -4.180  12.605  1.00 37.71 ? 603 HOH A O   1 
HETATM 1315 O O   . HOH B 2 .   ? 3.677   15.166  0.587   1.00 36.91 ? 604 HOH A O   1 
HETATM 1316 O O   . HOH B 2 .   ? -5.600  5.379   8.514   1.00 39.86 ? 605 HOH A O   1 
HETATM 1317 O O   . HOH B 2 .   ? 9.501   -5.952  -7.361  1.00 45.02 ? 606 HOH A O   1 
HETATM 1318 O O   . HOH B 2 .   ? 8.477   -11.585 1.567   1.00 41.08 ? 607 HOH A O   1 
HETATM 1319 O O   . HOH B 2 .   ? 8.949   10.492  13.989  1.00 41.98 ? 608 HOH A O   1 
HETATM 1320 O O   . HOH B 2 .   ? -11.166 7.056   -6.545  1.00 34.25 ? 609 HOH A O   1 
HETATM 1321 O O   . HOH B 2 .   ? 8.148   -3.121  10.983  1.00 41.98 ? 610 HOH A O   1 
HETATM 1322 O O   . HOH B 2 .   ? 9.739   -6.350  -10.320 1.00 58.93 ? 611 HOH A O   1 
HETATM 1323 O O   . HOH B 2 .   ? 4.038   -3.329  -14.573 1.00 54.31 ? 612 HOH A O   1 
HETATM 1324 O O   . HOH B 2 .   ? -1.328  -0.003  -12.911 1.00 39.51 ? 613 HOH A O   1 
HETATM 1325 O O   . HOH B 2 .   ? -3.295  5.052   -9.510  1.00 43.53 ? 614 HOH A O   1 
HETATM 1326 O O   . HOH B 2 .   ? 12.399  6.842   7.400   1.00 36.38 ? 615 HOH A O   1 
HETATM 1327 O O   . HOH B 2 .   ? 15.116  9.220   -7.014  1.00 44.18 ? 616 HOH A O   1 
HETATM 1328 O O   . HOH B 2 .   ? -12.410 8.638   -8.765  1.00 46.13 ? 617 HOH A O   1 
HETATM 1329 O O   . HOH B 2 .   ? 10.412  -10.951 -0.262  1.00 45.14 ? 618 HOH A O   1 
HETATM 1330 O O   . HOH B 2 .   ? 10.495  4.356   11.270  1.00 41.93 ? 619 HOH A O   1 
HETATM 1331 O O   . HOH B 2 .   ? -1.488  7.060   -11.607 1.00 48.02 ? 620 HOH A O   1 
HETATM 1332 O O   . HOH B 2 .   ? -3.218  -2.061  -14.107 1.00 55.34 ? 621 HOH A O   1 
HETATM 1333 O O   . HOH B 2 .   ? 4.361   -4.191  14.097  1.00 38.45 ? 622 HOH A O   1 
HETATM 1334 O O   . HOH B 2 .   ? 8.513   -9.337  -4.627  1.00 51.27 ? 623 HOH A O   1 
HETATM 1335 O O   . HOH B 2 .   ? 7.710   -7.041  -6.651  1.00 49.14 ? 624 HOH A O   1 
HETATM 1336 O O   . HOH B 2 .   ? -4.312  2.931   -10.219 1.00 44.60 ? 625 HOH A O   1 
HETATM 1337 O O   . HOH B 2 .   ? 9.698   -4.126  8.086   0.50 50.99 ? 626 HOH A O   1 
HETATM 1338 O O   . HOH B 2 .   ? 7.440   12.719  13.580  1.00 47.62 ? 627 HOH A O   1 
HETATM 1339 O O   . HOH B 2 .   ? 12.297  -12.883 -0.463  1.00 52.41 ? 628 HOH A O   1 
HETATM 1340 O O   . HOH B 2 .   ? -10.075 1.059   -9.698  1.00 39.53 ? 629 HOH A O   1 
HETATM 1341 O O   . HOH B 2 .   ? 11.449  6.796   9.629   1.00 41.21 ? 630 HOH A O   1 
HETATM 1342 O O   . HOH B 2 .   ? 3.836   -6.513  15.454  1.00 42.38 ? 631 HOH A O   1 
HETATM 1343 O O   . HOH B 2 .   ? 10.793  10.726  11.789  1.00 61.04 ? 632 HOH A O   1 
HETATM 1344 O O   . HOH B 2 .   ? -4.939  -8.670  7.225   1.00 45.26 ? 633 HOH A O   1 
HETATM 1345 O O   . HOH B 2 .   ? 1.293   1.457   17.328  1.00 48.67 ? 634 HOH A O   1 
HETATM 1346 O O   . HOH B 2 .   ? -3.110  1.888   -12.992 1.00 56.05 ? 635 HOH A O   1 
HETATM 1347 O O   . HOH B 2 .   ? -3.875  -6.045  14.553  1.00 49.55 ? 636 HOH A O   1 
HETATM 1348 O O   . HOH B 2 .   ? -7.783  16.797  9.849   1.00 49.47 ? 637 HOH A O   1 
HETATM 1349 O O   . HOH B 2 .   ? 9.819   14.119  11.731  1.00 68.71 ? 638 HOH A O   1 
HETATM 1350 O O   . HOH B 2 .   ? 12.712  8.985   11.552  1.00 63.25 ? 639 HOH A O   1 
HETATM 1351 O O   . HOH B 2 .   ? -4.370  5.699   18.508  1.00 54.29 ? 640 HOH A O   1 
HETATM 1352 O O   . HOH B 2 .   ? 20.529  -0.209  -17.721 1.00 63.09 ? 641 HOH A O   1 
HETATM 1353 O O   . HOH B 2 .   ? 22.209  2.124   -16.450 1.00 66.44 ? 642 HOH A O   1 
# 
loop_
_pdbx_poly_seq_scheme.asym_id 
_pdbx_poly_seq_scheme.entity_id 
_pdbx_poly_seq_scheme.seq_id 
_pdbx_poly_seq_scheme.mon_id 
_pdbx_poly_seq_scheme.ndb_seq_num 
_pdbx_poly_seq_scheme.pdb_seq_num 
_pdbx_poly_seq_scheme.auth_seq_num 
_pdbx_poly_seq_scheme.pdb_mon_id 
_pdbx_poly_seq_scheme.auth_mon_id 
_pdbx_poly_seq_scheme.pdb_strand_id 
_pdbx_poly_seq_scheme.pdb_ins_code 
_pdbx_poly_seq_scheme.hetero 
A 1 1   ILE 1   320 320 ILE ILE A . n 
A 1 2   ASN 2   321 321 ASN ASN A . n 
A 1 3   ILE 3   322 322 ILE ILE A . n 
A 1 4   PHE 4   323 323 PHE PHE A . n 
A 1 5   ASN 5   324 324 ASN ASN A . n 
A 1 6   ALA 6   325 325 ALA ALA A . n 
A 1 7   THR 7   326 326 THR THR A . n 
A 1 8   PHE 8   327 327 PHE PHE A . n 
A 1 9   LYS 9   328 328 LYS LYS A . n 
A 1 10  ILE 10  329 329 ILE ILE A . n 
A 1 11  SER 11  330 330 SER SER A . n 
A 1 12  HIS 12  331 331 HIS HIS A . n 
A 1 13  SER 13  332 332 SER SER A . n 
A 1 14  GLY 14  333 333 GLY GLY A . n 
A 1 15  PRO 15  334 334 PRO PRO A . n 
A 1 16  PHE 16  335 335 PHE PHE A . n 
A 1 17  ALA 17  336 336 ALA ALA A . n 
A 1 18  THR 18  337 337 THR THR A . n 
A 1 19  ILE 19  338 338 ILE ILE A . n 
A 1 20  ASN 20  339 339 ASN ASN A . n 
A 1 21  GLY 21  340 340 GLY GLY A . n 
A 1 22  LEU 22  341 341 LEU LEU A . n 
A 1 23  ARG 23  342 342 ARG ARG A . n 
A 1 24  LEU 24  343 343 LEU LEU A . n 
A 1 25  GLY 25  344 344 GLY GLY A . n 
A 1 26  SER 26  345 345 SER SER A . n 
A 1 27  ILE 27  346 346 ILE ILE A . n 
A 1 28  PRO 28  347 347 PRO PRO A . n 
A 1 29  GLU 29  348 348 GLU GLU A . n 
A 1 30  SER 30  349 349 SER SER A . n 
A 1 31  VAL 31  350 350 VAL VAL A . n 
A 1 32  VAL 32  351 351 VAL VAL A . n 
A 1 33  PRO 33  352 352 PRO PRO A . n 
A 1 34  TRP 34  353 353 TRP TRP A . n 
A 1 35  LYS 35  354 354 LYS LYS A . n 
A 1 36  GLU 36  355 355 GLU GLU A . n 
A 1 37  ILE 37  356 356 ILE ILE A . n 
A 1 38  ASN 38  357 357 ASN ASN A . n 
A 1 39  ALA 39  358 358 ALA ALA A . n 
A 1 40  ALA 40  359 359 ALA ALA A . n 
A 1 41  LEU 41  360 360 LEU LEU A . n 
A 1 42  GLY 42  361 361 GLY GLY A . n 
A 1 43  GLN 43  362 362 GLN GLN A . n 
A 1 44  LEU 44  363 363 LEU LEU A . n 
A 1 45  ILE 45  364 364 ILE ILE A . n 
A 1 46  LEU 46  365 365 LEU LEU A . n 
A 1 47  LEU 47  366 366 LEU LEU A . n 
A 1 48  LEU 48  367 367 LEU LEU A . n 
A 1 49  ALA 49  368 368 ALA ALA A . n 
A 1 50  THR 50  369 369 THR THR A . n 
A 1 51  ILE 51  370 370 ILE ILE A . n 
A 1 52  ASN 52  371 371 ASN ASN A . n 
A 1 53  LYS 53  372 372 LYS LYS A . n 
A 1 54  ASN 54  373 373 ASN ASN A . n 
A 1 55  LEU 55  374 374 LEU LEU A . n 
A 1 56  LYS 56  375 375 LYS LYS A . n 
A 1 57  ILE 57  376 376 ILE ILE A . n 
A 1 58  ASN 58  377 377 ASN ASN A . n 
A 1 59  LEU 59  378 378 LEU LEU A . n 
A 1 60  VAL 60  379 379 VAL VAL A . n 
A 1 61  ASP 61  380 380 ASP ASP A . n 
A 1 62  TYR 62  381 381 TYR TYR A . n 
A 1 63  GLU 63  382 382 GLU GLU A . n 
A 1 64  LEU 64  383 383 LEU LEU A . n 
A 1 65  GLN 65  384 384 GLN GLN A . n 
A 1 66  PRO 66  385 385 PRO PRO A . n 
A 1 67  MET 67  386 386 MET MET A . n 
A 1 68  GLY 68  387 387 GLY GLY A . n 
A 1 69  SER 69  388 388 SER SER A . n 
A 1 70  PHE 70  389 389 PHE PHE A . n 
A 1 71  SER 71  390 390 SER SER A . n 
A 1 72  LYS 72  391 391 LYS LYS A . n 
A 1 73  ILE 73  392 392 ILE ILE A . n 
A 1 74  LYS 74  393 393 LYS LYS A . n 
A 1 75  LYS 75  394 394 LYS LYS A . n 
A 1 76  ARG 76  395 395 ARG ARG A . n 
A 1 77  MET 77  396 396 MET MET A . n 
A 1 78  VAL 78  397 ?   ?   ?   A . n 
A 1 79  ASN 79  398 ?   ?   ?   A . n 
A 1 80  SER 80  399 ?   ?   ?   A . n 
A 1 81  VAL 81  400 ?   ?   ?   A . n 
A 1 82  GLU 82  401 ?   ?   ?   A . n 
A 1 83  TYR 83  402 ?   ?   ?   A . n 
A 1 84  ASN 84  403 ?   ?   ?   A . n 
A 1 85  ASN 85  404 ?   ?   ?   A . n 
A 1 86  SER 86  405 ?   ?   ?   A . n 
A 1 87  THR 87  406 ?   ?   ?   A . n 
A 1 88  THR 88  407 ?   ?   ?   A . n 
A 1 89  ASN 89  408 ?   ?   ?   A . n 
A 1 90  ALA 90  409 ?   ?   ?   A . n 
A 1 91  PRO 91  410 ?   ?   ?   A . n 
A 1 92  GLY 92  411 ?   ?   ?   A . n 
A 1 93  ASP 93  412 412 ASP ASP A . n 
A 1 94  TRP 94  413 413 TRP TRP A . n 
A 1 95  LEU 95  414 414 LEU LEU A . n 
A 1 96  ILE 96  415 415 ILE ILE A . n 
A 1 97  LEU 97  416 416 LEU LEU A . n 
A 1 98  PRO 98  417 417 PRO PRO A . n 
A 1 99  VAL 99  418 418 VAL VAL A . n 
A 1 100 TYR 100 419 419 TYR TYR A . n 
A 1 101 TYR 101 420 420 TYR TYR A . n 
A 1 102 ASP 102 421 421 ASP ASP A . n 
A 1 103 GLU 103 422 ?   ?   ?   A . n 
A 1 104 ASN 104 423 ?   ?   ?   A . n 
A 1 105 PHE 105 424 ?   ?   ?   A . n 
A 1 106 ASN 106 425 ?   ?   ?   A . n 
A 1 107 LEU 107 426 ?   ?   ?   A . n 
A 1 108 GLY 108 427 ?   ?   ?   A . n 
A 1 109 ARG 109 428 ?   ?   ?   A . n 
A 1 110 ILE 110 429 ?   ?   ?   A . n 
A 1 111 PHE 111 430 ?   ?   ?   A . n 
A 1 112 ARG 112 431 ?   ?   ?   A . n 
A 1 113 LYS 113 432 ?   ?   ?   A . n 
A 1 114 GLU 114 433 433 GLU GLU A . n 
A 1 115 THR 115 434 434 THR THR A . n 
A 1 116 LYS 116 435 435 LYS LYS A . n 
A 1 117 PHE 117 436 436 PHE PHE A . n 
A 1 118 ASP 118 437 437 ASP ASP A . n 
A 1 119 LYS 119 438 438 LYS LYS A . n 
A 1 120 SER 120 439 439 SER SER A . n 
A 1 121 LEU 121 440 440 LEU LEU A . n 
A 1 122 GLU 122 441 441 GLU GLU A . n 
A 1 123 THR 123 442 442 THR THR A . n 
A 1 124 THR 124 443 443 THR THR A . n 
A 1 125 LEU 125 444 444 LEU LEU A . n 
A 1 126 GLU 126 445 445 GLU GLU A . n 
A 1 127 ILE 127 446 446 ILE ILE A . n 
A 1 128 ILE 128 447 447 ILE ILE A . n 
A 1 129 SER 129 448 448 SER SER A . n 
A 1 130 GLU 130 449 449 GLU GLU A . n 
A 1 131 ILE 131 450 450 ILE ILE A . n 
A 1 132 THR 132 451 451 THR THR A . n 
A 1 133 ARG 133 452 452 ARG ARG A . n 
A 1 134 GLN 134 453 453 GLN GLN A . n 
A 1 135 LEU 135 454 454 LEU LEU A . n 
A 1 136 SER 136 455 455 SER SER A . n 
A 1 137 THR 137 456 456 THR THR A . n 
A 1 138 ILE 138 457 457 ILE ILE A . n 
A 1 139 ALA 139 458 458 ALA ALA A . n 
A 1 140 SER 140 459 459 SER SER A . n 
A 1 141 SER 141 460 460 SER SER A . n 
A 1 142 TYR 142 461 ?   ?   ?   A . n 
A 1 143 SER 143 462 ?   ?   ?   A . n 
A 1 144 SER 144 463 ?   ?   ?   A . n 
A 1 145 GLN 145 464 ?   ?   ?   A . n 
A 1 146 THR 146 465 ?   ?   ?   A . n 
A 1 147 LEU 147 466 ?   ?   ?   A . n 
A 1 148 THR 148 467 ?   ?   ?   A . n 
A 1 149 THR 149 468 ?   ?   ?   A . n 
A 1 150 SER 150 469 ?   ?   ?   A . n 
A 1 151 GLN 151 470 ?   ?   ?   A . n 
A 1 152 ASP 152 471 ?   ?   ?   A . n 
A 1 153 GLU 153 472 ?   ?   ?   A . n 
A 1 154 SER 154 473 ?   ?   ?   A . n 
A 1 155 SER 155 474 ?   ?   ?   A . n 
A 1 156 MET 156 475 ?   ?   ?   A . n 
A 1 157 ASN 157 476 ?   ?   ?   A . n 
A 1 158 ASN 158 477 ?   ?   ?   A . n 
A 1 159 ALA 159 478 ?   ?   ?   A . n 
A 1 160 ASN 160 479 ?   ?   ?   A . n 
A 1 161 ASP 161 480 ?   ?   ?   A . n 
A 1 162 VAL 162 481 ?   ?   ?   A . n 
A 1 163 GLU 163 482 ?   ?   ?   A . n 
A 1 164 ASN 164 483 ?   ?   ?   A . n 
A 1 165 SER 165 484 ?   ?   ?   A . n 
A 1 166 THR 166 485 ?   ?   ?   A . n 
A 1 167 SER 167 486 ?   ?   ?   A . n 
A 1 168 ILE 168 487 ?   ?   ?   A . n 
A 1 169 LEU 169 488 488 LEU LEU A . n 
A 1 170 GLU 170 489 489 GLU GLU A . n 
A 1 171 LEU 171 490 490 LEU LEU A . n 
A 1 172 PRO 172 491 491 PRO PRO A . n 
A 1 173 TYR 173 492 492 TYR TYR A . n 
A 1 174 ILE 174 493 493 ILE ILE A . n 
A 1 175 MET 175 494 494 MET MET A . n 
A 1 176 ASN 176 495 495 ASN ASN A . n 
A 1 177 LYS 177 496 496 LYS LYS A . n 
A 1 178 ASP 178 497 497 ASP ASP A . n 
A 1 179 LYS 179 498 498 LYS LYS A . n 
A 1 180 ILE 180 499 499 ILE ILE A . n 
A 1 181 ASN 181 500 500 ASN ASN A . n 
A 1 182 GLY 182 501 501 GLY GLY A . n 
A 1 183 LEU 183 502 502 LEU LEU A . n 
A 1 184 SER 184 503 503 SER SER A . n 
A 1 185 VAL 185 504 504 VAL VAL A . n 
A 1 186 LYS 186 505 505 LYS LYS A . n 
A 1 187 LEU 187 506 506 LEU LEU A . n 
A 1 188 HIS 188 507 507 HIS HIS A . n 
A 1 189 GLY 189 508 508 GLY GLY A . n 
A 1 190 SER 190 509 509 SER SER A . n 
A 1 191 SER 191 510 510 SER SER A . n 
A 1 192 PRO 192 511 511 PRO PRO A . n 
A 1 193 ASN 193 512 512 ASN ASN A . n 
A 1 194 LEU 194 513 513 LEU LEU A . n 
A 1 195 GLU 195 514 514 GLU GLU A . n 
A 1 196 TRP 196 515 515 TRP TRP A . n 
A 1 197 THR 197 516 516 THR THR A . n 
A 1 198 THR 198 517 517 THR THR A . n 
A 1 199 ALA 199 518 518 ALA ALA A . n 
A 1 200 MET 200 519 519 MET MET A . n 
A 1 201 LYS 201 520 520 LYS LYS A . n 
A 1 202 PHE 202 521 521 PHE PHE A . n 
A 1 203 LEU 203 522 522 LEU LEU A . n 
A 1 204 LEU 204 523 523 LEU LEU A . n 
A 1 205 THR 205 524 524 THR THR A . n 
A 1 206 ASN 206 525 525 ASN ASN A . n 
A 1 207 VAL 207 526 526 VAL VAL A . n 
A 1 208 LYS 208 527 527 LYS LYS A . n 
A 1 209 TRP 209 528 528 TRP TRP A . n 
A 1 210 LEU 210 529 529 LEU LEU A . n 
A 1 211 LEU 211 530 530 LEU LEU A . n 
A 1 212 ALA 212 531 531 ALA ALA A . n 
A 1 213 PHE 213 532 532 PHE PHE A . n 
A 1 214 SER 214 533 533 SER SER A . n 
A 1 215 SER 215 534 534 SER SER A . n 
A 1 216 ASN 216 535 535 ASN ASN A . n 
A 1 217 LEU 217 536 536 LEU LEU A . n 
A 1 218 LEU 218 537 537 LEU LEU A . n 
A 1 219 SER 219 538 538 SER SER A . n 
A 1 220 LYS 220 539 ?   ?   ?   A . n 
# 
loop_
_pdbx_nonpoly_scheme.asym_id 
_pdbx_nonpoly_scheme.entity_id 
_pdbx_nonpoly_scheme.mon_id 
_pdbx_nonpoly_scheme.ndb_seq_num 
_pdbx_nonpoly_scheme.pdb_seq_num 
_pdbx_nonpoly_scheme.auth_seq_num 
_pdbx_nonpoly_scheme.pdb_mon_id 
_pdbx_nonpoly_scheme.auth_mon_id 
_pdbx_nonpoly_scheme.pdb_strand_id 
_pdbx_nonpoly_scheme.pdb_ins_code 
B 2 HOH 1  601 1  HOH HOH A . 
B 2 HOH 2  602 2  HOH HOH A . 
B 2 HOH 3  603 3  HOH HOH A . 
B 2 HOH 4  604 4  HOH HOH A . 
B 2 HOH 5  605 5  HOH HOH A . 
B 2 HOH 6  606 6  HOH HOH A . 
B 2 HOH 7  607 7  HOH HOH A . 
B 2 HOH 8  608 8  HOH HOH A . 
B 2 HOH 9  609 9  HOH HOH A . 
B 2 HOH 10 610 10 HOH HOH A . 
B 2 HOH 11 611 11 HOH HOH A . 
B 2 HOH 12 612 12 HOH HOH A . 
B 2 HOH 13 613 13 HOH HOH A . 
B 2 HOH 14 614 14 HOH HOH A . 
B 2 HOH 15 615 15 HOH HOH A . 
B 2 HOH 16 616 16 HOH HOH A . 
B 2 HOH 17 617 17 HOH HOH A . 
B 2 HOH 18 618 18 HOH HOH A . 
B 2 HOH 19 619 19 HOH HOH A . 
B 2 HOH 20 620 20 HOH HOH A . 
B 2 HOH 21 621 21 HOH HOH A . 
B 2 HOH 22 622 22 HOH HOH A . 
B 2 HOH 23 623 23 HOH HOH A . 
B 2 HOH 24 624 24 HOH HOH A . 
B 2 HOH 25 625 25 HOH HOH A . 
B 2 HOH 26 626 26 HOH HOH A . 
B 2 HOH 27 627 27 HOH HOH A . 
B 2 HOH 28 628 28 HOH HOH A . 
B 2 HOH 29 629 29 HOH HOH A . 
B 2 HOH 30 630 30 HOH HOH A . 
B 2 HOH 31 631 31 HOH HOH A . 
B 2 HOH 32 632 32 HOH HOH A . 
B 2 HOH 33 633 33 HOH HOH A . 
B 2 HOH 34 634 34 HOH HOH A . 
B 2 HOH 35 635 35 HOH HOH A . 
B 2 HOH 36 636 36 HOH HOH A . 
B 2 HOH 37 637 37 HOH HOH A . 
B 2 HOH 38 638 38 HOH HOH A . 
B 2 HOH 39 639 39 HOH HOH A . 
B 2 HOH 40 640 40 HOH HOH A . 
B 2 HOH 41 641 41 HOH HOH A . 
B 2 HOH 42 642 42 HOH HOH A . 
# 
loop_
_pdbx_struct_assembly.id 
_pdbx_struct_assembly.details 
_pdbx_struct_assembly.method_details 
_pdbx_struct_assembly.oligomeric_details 
_pdbx_struct_assembly.oligomeric_count 
1 author_defined_assembly   ?    monomeric 1 
2 software_defined_assembly PISA dimeric   2 
# 
loop_
_pdbx_struct_assembly_gen.assembly_id 
_pdbx_struct_assembly_gen.oper_expression 
_pdbx_struct_assembly_gen.asym_id_list 
1 1   A,B 
2 1,2 A,B 
# 
loop_
_pdbx_struct_assembly_prop.biol_id 
_pdbx_struct_assembly_prop.type 
_pdbx_struct_assembly_prop.value 
_pdbx_struct_assembly_prop.details 
2 'ABSA (A^2)' 1800  ? 
2 MORE         -18   ? 
2 'SSA (A^2)'  14680 ? 
# 
loop_
_pdbx_struct_oper_list.id 
_pdbx_struct_oper_list.type 
_pdbx_struct_oper_list.name 
_pdbx_struct_oper_list.symmetry_operation 
_pdbx_struct_oper_list.matrix[1][1] 
_pdbx_struct_oper_list.matrix[1][2] 
_pdbx_struct_oper_list.matrix[1][3] 
_pdbx_struct_oper_list.vector[1] 
_pdbx_struct_oper_list.matrix[2][1] 
_pdbx_struct_oper_list.matrix[2][2] 
_pdbx_struct_oper_list.matrix[2][3] 
_pdbx_struct_oper_list.vector[2] 
_pdbx_struct_oper_list.matrix[3][1] 
_pdbx_struct_oper_list.matrix[3][2] 
_pdbx_struct_oper_list.matrix[3][3] 
_pdbx_struct_oper_list.vector[3] 
1 'identity operation'         1_555 x,y,z            1.0000000000  0.0000000000 0.0000000000 0.0000000000  0.0000000000 1.0000000000 0.0000000000 0.0000000000   0.0000000000 0.0000000000 1.0000000000  0.0000000000  
2 'crystal symmetry operation' 8_665 -y+1,-x+1,-z+1/2 -0.5165069818 0.8458621190 0.1331833823 17.1471658466 0.8458621190 0.4798201784 0.2330018712 -12.2492964778 0.1331833823 0.2330018712 -0.9633131966 15.5475921393 
# 
_pdbx_struct_special_symmetry.id              1 
_pdbx_struct_special_symmetry.PDB_model_num   1 
_pdbx_struct_special_symmetry.auth_asym_id    A 
_pdbx_struct_special_symmetry.auth_comp_id    HOH 
_pdbx_struct_special_symmetry.auth_seq_id     626 
_pdbx_struct_special_symmetry.PDB_ins_code    ? 
_pdbx_struct_special_symmetry.label_asym_id   B 
_pdbx_struct_special_symmetry.label_comp_id   HOH 
_pdbx_struct_special_symmetry.label_seq_id    . 
# 
loop_
_pdbx_audit_revision_history.ordinal 
_pdbx_audit_revision_history.data_content_type 
_pdbx_audit_revision_history.major_revision 
_pdbx_audit_revision_history.minor_revision 
_pdbx_audit_revision_history.revision_date 
1 'Structure model' 1 0 2012-03-14 
2 'Structure model' 1 1 2023-10-18 
# 
_pdbx_audit_revision_details.ordinal             1 
_pdbx_audit_revision_details.revision_ordinal    1 
_pdbx_audit_revision_details.data_content_type   'Structure model' 
_pdbx_audit_revision_details.provider            repository 
_pdbx_audit_revision_details.type                'Initial release' 
_pdbx_audit_revision_details.description         ? 
_pdbx_audit_revision_details.details             ? 
# 
loop_
_pdbx_audit_revision_group.ordinal 
_pdbx_audit_revision_group.revision_ordinal 
_pdbx_audit_revision_group.data_content_type 
_pdbx_audit_revision_group.group 
1 2 'Structure model' 'Data collection'     
2 2 'Structure model' 'Database references' 
# 
loop_
_pdbx_audit_revision_category.ordinal 
_pdbx_audit_revision_category.revision_ordinal 
_pdbx_audit_revision_category.data_content_type 
_pdbx_audit_revision_category.category 
1 2 'Structure model' chem_comp_atom 
2 2 'Structure model' chem_comp_bond 
3 2 'Structure model' citation       
4 2 'Structure model' database_2     
# 
loop_
_pdbx_audit_revision_item.ordinal 
_pdbx_audit_revision_item.revision_ordinal 
_pdbx_audit_revision_item.data_content_type 
_pdbx_audit_revision_item.item 
1  2 'Structure model' '_citation.country'                   
2  2 'Structure model' '_citation.journal_abbrev'            
3  2 'Structure model' '_citation.journal_id_ASTM'           
4  2 'Structure model' '_citation.journal_id_CSD'            
5  2 'Structure model' '_citation.journal_id_ISSN'           
6  2 'Structure model' '_citation.journal_volume'            
7  2 'Structure model' '_citation.page_first'                
8  2 'Structure model' '_citation.page_last'                 
9  2 'Structure model' '_citation.pdbx_database_id_DOI'      
10 2 'Structure model' '_citation.pdbx_database_id_PubMed'   
11 2 'Structure model' '_citation.title'                     
12 2 'Structure model' '_citation.year'                      
13 2 'Structure model' '_database_2.pdbx_DOI'                
14 2 'Structure model' '_database_2.pdbx_database_accession' 
# 
loop_
_software.name 
_software.classification 
_software.version 
_software.citation_id 
_software.pdbx_ordinal 
HKL-2000 'data collection' .   ? 1 
SOLVE    phasing           .   ? 2 
CNS      refinement        1.3 ? 3 
HKL-2000 'data reduction'  .   ? 4 
HKL-2000 'data scaling'    .   ? 5 
# 
loop_
_pdbx_validate_torsion.id 
_pdbx_validate_torsion.PDB_model_num 
_pdbx_validate_torsion.auth_comp_id 
_pdbx_validate_torsion.auth_asym_id 
_pdbx_validate_torsion.auth_seq_id 
_pdbx_validate_torsion.PDB_ins_code 
_pdbx_validate_torsion.label_alt_id 
_pdbx_validate_torsion.phi 
_pdbx_validate_torsion.psi 
1 1 SER A 330 ? ? -145.34 -151.60 
2 1 SER A 345 ? ? -173.26 140.43  
3 1 MET A 386 ? ? -154.63 48.19   
4 1 LYS A 496 ? ? 59.48   -123.89 
5 1 HIS A 507 ? ? 39.03   58.53   
# 
loop_
_pdbx_unobs_or_zero_occ_atoms.id 
_pdbx_unobs_or_zero_occ_atoms.PDB_model_num 
_pdbx_unobs_or_zero_occ_atoms.polymer_flag 
_pdbx_unobs_or_zero_occ_atoms.occupancy_flag 
_pdbx_unobs_or_zero_occ_atoms.auth_asym_id 
_pdbx_unobs_or_zero_occ_atoms.auth_comp_id 
_pdbx_unobs_or_zero_occ_atoms.auth_seq_id 
_pdbx_unobs_or_zero_occ_atoms.PDB_ins_code 
_pdbx_unobs_or_zero_occ_atoms.auth_atom_id 
_pdbx_unobs_or_zero_occ_atoms.label_alt_id 
_pdbx_unobs_or_zero_occ_atoms.label_asym_id 
_pdbx_unobs_or_zero_occ_atoms.label_comp_id 
_pdbx_unobs_or_zero_occ_atoms.label_seq_id 
_pdbx_unobs_or_zero_occ_atoms.label_atom_id 
1 1 Y 1 A GLU 433 ? CG  ? A GLU 114 CG  
2 1 Y 1 A GLU 433 ? CD  ? A GLU 114 CD  
3 1 Y 1 A GLU 433 ? OE1 ? A GLU 114 OE1 
4 1 Y 1 A GLU 433 ? OE2 ? A GLU 114 OE2 
5 1 Y 1 A SER 460 ? OG  ? A SER 141 OG  
6 1 Y 1 A SER 509 ? OG  ? A SER 190 OG  
7 1 Y 1 A SER 538 ? OG  ? A SER 219 OG  
# 
loop_
_pdbx_unobs_or_zero_occ_residues.id 
_pdbx_unobs_or_zero_occ_residues.PDB_model_num 
_pdbx_unobs_or_zero_occ_residues.polymer_flag 
_pdbx_unobs_or_zero_occ_residues.occupancy_flag 
_pdbx_unobs_or_zero_occ_residues.auth_asym_id 
_pdbx_unobs_or_zero_occ_residues.auth_comp_id 
_pdbx_unobs_or_zero_occ_residues.auth_seq_id 
_pdbx_unobs_or_zero_occ_residues.PDB_ins_code 
_pdbx_unobs_or_zero_occ_residues.label_asym_id 
_pdbx_unobs_or_zero_occ_residues.label_comp_id 
_pdbx_unobs_or_zero_occ_residues.label_seq_id 
1  1 Y 1 A VAL 397 ? A VAL 78  
2  1 Y 1 A ASN 398 ? A ASN 79  
3  1 Y 1 A SER 399 ? A SER 80  
4  1 Y 1 A VAL 400 ? A VAL 81  
5  1 Y 1 A GLU 401 ? A GLU 82  
6  1 Y 1 A TYR 402 ? A TYR 83  
7  1 Y 1 A ASN 403 ? A ASN 84  
8  1 Y 1 A ASN 404 ? A ASN 85  
9  1 Y 1 A SER 405 ? A SER 86  
10 1 Y 1 A THR 406 ? A THR 87  
11 1 Y 1 A THR 407 ? A THR 88  
12 1 Y 1 A ASN 408 ? A ASN 89  
13 1 Y 1 A ALA 409 ? A ALA 90  
14 1 Y 1 A PRO 410 ? A PRO 91  
15 1 Y 1 A GLY 411 ? A GLY 92  
16 1 Y 1 A GLU 422 ? A GLU 103 
17 1 Y 1 A ASN 423 ? A ASN 104 
18 1 Y 1 A PHE 424 ? A PHE 105 
19 1 Y 1 A ASN 425 ? A ASN 106 
20 1 Y 1 A LEU 426 ? A LEU 107 
21 1 Y 1 A GLY 427 ? A GLY 108 
22 1 Y 1 A ARG 428 ? A ARG 109 
23 1 Y 1 A ILE 429 ? A ILE 110 
24 1 Y 1 A PHE 430 ? A PHE 111 
25 1 Y 1 A ARG 431 ? A ARG 112 
26 1 Y 1 A LYS 432 ? A LYS 113 
27 1 Y 1 A TYR 461 ? A TYR 142 
28 1 Y 1 A SER 462 ? A SER 143 
29 1 Y 1 A SER 463 ? A SER 144 
30 1 Y 1 A GLN 464 ? A GLN 145 
31 1 Y 1 A THR 465 ? A THR 146 
32 1 Y 1 A LEU 466 ? A LEU 147 
33 1 Y 1 A THR 467 ? A THR 148 
34 1 Y 1 A THR 468 ? A THR 149 
35 1 Y 1 A SER 469 ? A SER 150 
36 1 Y 1 A GLN 470 ? A GLN 151 
37 1 Y 1 A ASP 471 ? A ASP 152 
38 1 Y 1 A GLU 472 ? A GLU 153 
39 1 Y 1 A SER 473 ? A SER 154 
40 1 Y 1 A SER 474 ? A SER 155 
41 1 Y 1 A MET 475 ? A MET 156 
42 1 Y 1 A ASN 476 ? A ASN 157 
43 1 Y 1 A ASN 477 ? A ASN 158 
44 1 Y 1 A ALA 478 ? A ALA 159 
45 1 Y 1 A ASN 479 ? A ASN 160 
46 1 Y 1 A ASP 480 ? A ASP 161 
47 1 Y 1 A VAL 481 ? A VAL 162 
48 1 Y 1 A GLU 482 ? A GLU 163 
49 1 Y 1 A ASN 483 ? A ASN 164 
50 1 Y 1 A SER 484 ? A SER 165 
51 1 Y 1 A THR 485 ? A THR 166 
52 1 Y 1 A SER 486 ? A SER 167 
53 1 Y 1 A ILE 487 ? A ILE 168 
54 1 Y 1 A LYS 539 ? A LYS 220 
# 
loop_
_chem_comp_atom.comp_id 
_chem_comp_atom.atom_id 
_chem_comp_atom.type_symbol 
_chem_comp_atom.pdbx_aromatic_flag 
_chem_comp_atom.pdbx_stereo_config 
_chem_comp_atom.pdbx_ordinal 
ALA N    N N N 1   
ALA CA   C N S 2   
ALA C    C N N 3   
ALA O    O N N 4   
ALA CB   C N N 5   
ALA OXT  O N N 6   
ALA H    H N N 7   
ALA H2   H N N 8   
ALA HA   H N N 9   
ALA HB1  H N N 10  
ALA HB2  H N N 11  
ALA HB3  H N N 12  
ALA HXT  H N N 13  
ARG N    N N N 14  
ARG CA   C N S 15  
ARG C    C N N 16  
ARG O    O N N 17  
ARG CB   C N N 18  
ARG CG   C N N 19  
ARG CD   C N N 20  
ARG NE   N N N 21  
ARG CZ   C N N 22  
ARG NH1  N N N 23  
ARG NH2  N N N 24  
ARG OXT  O N N 25  
ARG H    H N N 26  
ARG H2   H N N 27  
ARG HA   H N N 28  
ARG HB2  H N N 29  
ARG HB3  H N N 30  
ARG HG2  H N N 31  
ARG HG3  H N N 32  
ARG HD2  H N N 33  
ARG HD3  H N N 34  
ARG HE   H N N 35  
ARG HH11 H N N 36  
ARG HH12 H N N 37  
ARG HH21 H N N 38  
ARG HH22 H N N 39  
ARG HXT  H N N 40  
ASN N    N N N 41  
ASN CA   C N S 42  
ASN C    C N N 43  
ASN O    O N N 44  
ASN CB   C N N 45  
ASN CG   C N N 46  
ASN OD1  O N N 47  
ASN ND2  N N N 48  
ASN OXT  O N N 49  
ASN H    H N N 50  
ASN H2   H N N 51  
ASN HA   H N N 52  
ASN HB2  H N N 53  
ASN HB3  H N N 54  
ASN HD21 H N N 55  
ASN HD22 H N N 56  
ASN HXT  H N N 57  
ASP N    N N N 58  
ASP CA   C N S 59  
ASP C    C N N 60  
ASP O    O N N 61  
ASP CB   C N N 62  
ASP CG   C N N 63  
ASP OD1  O N N 64  
ASP OD2  O N N 65  
ASP OXT  O N N 66  
ASP H    H N N 67  
ASP H2   H N N 68  
ASP HA   H N N 69  
ASP HB2  H N N 70  
ASP HB3  H N N 71  
ASP HD2  H N N 72  
ASP HXT  H N N 73  
GLN N    N N N 74  
GLN CA   C N S 75  
GLN C    C N N 76  
GLN O    O N N 77  
GLN CB   C N N 78  
GLN CG   C N N 79  
GLN CD   C N N 80  
GLN OE1  O N N 81  
GLN NE2  N N N 82  
GLN OXT  O N N 83  
GLN H    H N N 84  
GLN H2   H N N 85  
GLN HA   H N N 86  
GLN HB2  H N N 87  
GLN HB3  H N N 88  
GLN HG2  H N N 89  
GLN HG3  H N N 90  
GLN HE21 H N N 91  
GLN HE22 H N N 92  
GLN HXT  H N N 93  
GLU N    N N N 94  
GLU CA   C N S 95  
GLU C    C N N 96  
GLU O    O N N 97  
GLU CB   C N N 98  
GLU CG   C N N 99  
GLU CD   C N N 100 
GLU OE1  O N N 101 
GLU OE2  O N N 102 
GLU OXT  O N N 103 
GLU H    H N N 104 
GLU H2   H N N 105 
GLU HA   H N N 106 
GLU HB2  H N N 107 
GLU HB3  H N N 108 
GLU HG2  H N N 109 
GLU HG3  H N N 110 
GLU HE2  H N N 111 
GLU HXT  H N N 112 
GLY N    N N N 113 
GLY CA   C N N 114 
GLY C    C N N 115 
GLY O    O N N 116 
GLY OXT  O N N 117 
GLY H    H N N 118 
GLY H2   H N N 119 
GLY HA2  H N N 120 
GLY HA3  H N N 121 
GLY HXT  H N N 122 
HIS N    N N N 123 
HIS CA   C N S 124 
HIS C    C N N 125 
HIS O    O N N 126 
HIS CB   C N N 127 
HIS CG   C Y N 128 
HIS ND1  N Y N 129 
HIS CD2  C Y N 130 
HIS CE1  C Y N 131 
HIS NE2  N Y N 132 
HIS OXT  O N N 133 
HIS H    H N N 134 
HIS H2   H N N 135 
HIS HA   H N N 136 
HIS HB2  H N N 137 
HIS HB3  H N N 138 
HIS HD1  H N N 139 
HIS HD2  H N N 140 
HIS HE1  H N N 141 
HIS HE2  H N N 142 
HIS HXT  H N N 143 
HOH O    O N N 144 
HOH H1   H N N 145 
HOH H2   H N N 146 
ILE N    N N N 147 
ILE CA   C N S 148 
ILE C    C N N 149 
ILE O    O N N 150 
ILE CB   C N S 151 
ILE CG1  C N N 152 
ILE CG2  C N N 153 
ILE CD1  C N N 154 
ILE OXT  O N N 155 
ILE H    H N N 156 
ILE H2   H N N 157 
ILE HA   H N N 158 
ILE HB   H N N 159 
ILE HG12 H N N 160 
ILE HG13 H N N 161 
ILE HG21 H N N 162 
ILE HG22 H N N 163 
ILE HG23 H N N 164 
ILE HD11 H N N 165 
ILE HD12 H N N 166 
ILE HD13 H N N 167 
ILE HXT  H N N 168 
LEU N    N N N 169 
LEU CA   C N S 170 
LEU C    C N N 171 
LEU O    O N N 172 
LEU CB   C N N 173 
LEU CG   C N N 174 
LEU CD1  C N N 175 
LEU CD2  C N N 176 
LEU OXT  O N N 177 
LEU H    H N N 178 
LEU H2   H N N 179 
LEU HA   H N N 180 
LEU HB2  H N N 181 
LEU HB3  H N N 182 
LEU HG   H N N 183 
LEU HD11 H N N 184 
LEU HD12 H N N 185 
LEU HD13 H N N 186 
LEU HD21 H N N 187 
LEU HD22 H N N 188 
LEU HD23 H N N 189 
LEU HXT  H N N 190 
LYS N    N N N 191 
LYS CA   C N S 192 
LYS C    C N N 193 
LYS O    O N N 194 
LYS CB   C N N 195 
LYS CG   C N N 196 
LYS CD   C N N 197 
LYS CE   C N N 198 
LYS NZ   N N N 199 
LYS OXT  O N N 200 
LYS H    H N N 201 
LYS H2   H N N 202 
LYS HA   H N N 203 
LYS HB2  H N N 204 
LYS HB3  H N N 205 
LYS HG2  H N N 206 
LYS HG3  H N N 207 
LYS HD2  H N N 208 
LYS HD3  H N N 209 
LYS HE2  H N N 210 
LYS HE3  H N N 211 
LYS HZ1  H N N 212 
LYS HZ2  H N N 213 
LYS HZ3  H N N 214 
LYS HXT  H N N 215 
MET N    N N N 216 
MET CA   C N S 217 
MET C    C N N 218 
MET O    O N N 219 
MET CB   C N N 220 
MET CG   C N N 221 
MET SD   S N N 222 
MET CE   C N N 223 
MET OXT  O N N 224 
MET H    H N N 225 
MET H2   H N N 226 
MET HA   H N N 227 
MET HB2  H N N 228 
MET HB3  H N N 229 
MET HG2  H N N 230 
MET HG3  H N N 231 
MET HE1  H N N 232 
MET HE2  H N N 233 
MET HE3  H N N 234 
MET HXT  H N N 235 
PHE N    N N N 236 
PHE CA   C N S 237 
PHE C    C N N 238 
PHE O    O N N 239 
PHE CB   C N N 240 
PHE CG   C Y N 241 
PHE CD1  C Y N 242 
PHE CD2  C Y N 243 
PHE CE1  C Y N 244 
PHE CE2  C Y N 245 
PHE CZ   C Y N 246 
PHE OXT  O N N 247 
PHE H    H N N 248 
PHE H2   H N N 249 
PHE HA   H N N 250 
PHE HB2  H N N 251 
PHE HB3  H N N 252 
PHE HD1  H N N 253 
PHE HD2  H N N 254 
PHE HE1  H N N 255 
PHE HE2  H N N 256 
PHE HZ   H N N 257 
PHE HXT  H N N 258 
PRO N    N N N 259 
PRO CA   C N S 260 
PRO C    C N N 261 
PRO O    O N N 262 
PRO CB   C N N 263 
PRO CG   C N N 264 
PRO CD   C N N 265 
PRO OXT  O N N 266 
PRO H    H N N 267 
PRO HA   H N N 268 
PRO HB2  H N N 269 
PRO HB3  H N N 270 
PRO HG2  H N N 271 
PRO HG3  H N N 272 
PRO HD2  H N N 273 
PRO HD3  H N N 274 
PRO HXT  H N N 275 
SER N    N N N 276 
SER CA   C N S 277 
SER C    C N N 278 
SER O    O N N 279 
SER CB   C N N 280 
SER OG   O N N 281 
SER OXT  O N N 282 
SER H    H N N 283 
SER H2   H N N 284 
SER HA   H N N 285 
SER HB2  H N N 286 
SER HB3  H N N 287 
SER HG   H N N 288 
SER HXT  H N N 289 
THR N    N N N 290 
THR CA   C N S 291 
THR C    C N N 292 
THR O    O N N 293 
THR CB   C N R 294 
THR OG1  O N N 295 
THR CG2  C N N 296 
THR OXT  O N N 297 
THR H    H N N 298 
THR H2   H N N 299 
THR HA   H N N 300 
THR HB   H N N 301 
THR HG1  H N N 302 
THR HG21 H N N 303 
THR HG22 H N N 304 
THR HG23 H N N 305 
THR HXT  H N N 306 
TRP N    N N N 307 
TRP CA   C N S 308 
TRP C    C N N 309 
TRP O    O N N 310 
TRP CB   C N N 311 
TRP CG   C Y N 312 
TRP CD1  C Y N 313 
TRP CD2  C Y N 314 
TRP NE1  N Y N 315 
TRP CE2  C Y N 316 
TRP CE3  C Y N 317 
TRP CZ2  C Y N 318 
TRP CZ3  C Y N 319 
TRP CH2  C Y N 320 
TRP OXT  O N N 321 
TRP H    H N N 322 
TRP H2   H N N 323 
TRP HA   H N N 324 
TRP HB2  H N N 325 
TRP HB3  H N N 326 
TRP HD1  H N N 327 
TRP HE1  H N N 328 
TRP HE3  H N N 329 
TRP HZ2  H N N 330 
TRP HZ3  H N N 331 
TRP HH2  H N N 332 
TRP HXT  H N N 333 
TYR N    N N N 334 
TYR CA   C N S 335 
TYR C    C N N 336 
TYR O    O N N 337 
TYR CB   C N N 338 
TYR CG   C Y N 339 
TYR CD1  C Y N 340 
TYR CD2  C Y N 341 
TYR CE1  C Y N 342 
TYR CE2  C Y N 343 
TYR CZ   C Y N 344 
TYR OH   O N N 345 
TYR OXT  O N N 346 
TYR H    H N N 347 
TYR H2   H N N 348 
TYR HA   H N N 349 
TYR HB2  H N N 350 
TYR HB3  H N N 351 
TYR HD1  H N N 352 
TYR HD2  H N N 353 
TYR HE1  H N N 354 
TYR HE2  H N N 355 
TYR HH   H N N 356 
TYR HXT  H N N 357 
VAL N    N N N 358 
VAL CA   C N S 359 
VAL C    C N N 360 
VAL O    O N N 361 
VAL CB   C N N 362 
VAL CG1  C N N 363 
VAL CG2  C N N 364 
VAL OXT  O N N 365 
VAL H    H N N 366 
VAL H2   H N N 367 
VAL HA   H N N 368 
VAL HB   H N N 369 
VAL HG11 H N N 370 
VAL HG12 H N N 371 
VAL HG13 H N N 372 
VAL HG21 H N N 373 
VAL HG22 H N N 374 
VAL HG23 H N N 375 
VAL HXT  H N N 376 
# 
loop_
_chem_comp_bond.comp_id 
_chem_comp_bond.atom_id_1 
_chem_comp_bond.atom_id_2 
_chem_comp_bond.value_order 
_chem_comp_bond.pdbx_aromatic_flag 
_chem_comp_bond.pdbx_stereo_config 
_chem_comp_bond.pdbx_ordinal 
ALA N   CA   sing N N 1   
ALA N   H    sing N N 2   
ALA N   H2   sing N N 3   
ALA CA  C    sing N N 4   
ALA CA  CB   sing N N 5   
ALA CA  HA   sing N N 6   
ALA C   O    doub N N 7   
ALA C   OXT  sing N N 8   
ALA CB  HB1  sing N N 9   
ALA CB  HB2  sing N N 10  
ALA CB  HB3  sing N N 11  
ALA OXT HXT  sing N N 12  
ARG N   CA   sing N N 13  
ARG N   H    sing N N 14  
ARG N   H2   sing N N 15  
ARG CA  C    sing N N 16  
ARG CA  CB   sing N N 17  
ARG CA  HA   sing N N 18  
ARG C   O    doub N N 19  
ARG C   OXT  sing N N 20  
ARG CB  CG   sing N N 21  
ARG CB  HB2  sing N N 22  
ARG CB  HB3  sing N N 23  
ARG CG  CD   sing N N 24  
ARG CG  HG2  sing N N 25  
ARG CG  HG3  sing N N 26  
ARG CD  NE   sing N N 27  
ARG CD  HD2  sing N N 28  
ARG CD  HD3  sing N N 29  
ARG NE  CZ   sing N N 30  
ARG NE  HE   sing N N 31  
ARG CZ  NH1  sing N N 32  
ARG CZ  NH2  doub N N 33  
ARG NH1 HH11 sing N N 34  
ARG NH1 HH12 sing N N 35  
ARG NH2 HH21 sing N N 36  
ARG NH2 HH22 sing N N 37  
ARG OXT HXT  sing N N 38  
ASN N   CA   sing N N 39  
ASN N   H    sing N N 40  
ASN N   H2   sing N N 41  
ASN CA  C    sing N N 42  
ASN CA  CB   sing N N 43  
ASN CA  HA   sing N N 44  
ASN C   O    doub N N 45  
ASN C   OXT  sing N N 46  
ASN CB  CG   sing N N 47  
ASN CB  HB2  sing N N 48  
ASN CB  HB3  sing N N 49  
ASN CG  OD1  doub N N 50  
ASN CG  ND2  sing N N 51  
ASN ND2 HD21 sing N N 52  
ASN ND2 HD22 sing N N 53  
ASN OXT HXT  sing N N 54  
ASP N   CA   sing N N 55  
ASP N   H    sing N N 56  
ASP N   H2   sing N N 57  
ASP CA  C    sing N N 58  
ASP CA  CB   sing N N 59  
ASP CA  HA   sing N N 60  
ASP C   O    doub N N 61  
ASP C   OXT  sing N N 62  
ASP CB  CG   sing N N 63  
ASP CB  HB2  sing N N 64  
ASP CB  HB3  sing N N 65  
ASP CG  OD1  doub N N 66  
ASP CG  OD2  sing N N 67  
ASP OD2 HD2  sing N N 68  
ASP OXT HXT  sing N N 69  
GLN N   CA   sing N N 70  
GLN N   H    sing N N 71  
GLN N   H2   sing N N 72  
GLN CA  C    sing N N 73  
GLN CA  CB   sing N N 74  
GLN CA  HA   sing N N 75  
GLN C   O    doub N N 76  
GLN C   OXT  sing N N 77  
GLN CB  CG   sing N N 78  
GLN CB  HB2  sing N N 79  
GLN CB  HB3  sing N N 80  
GLN CG  CD   sing N N 81  
GLN CG  HG2  sing N N 82  
GLN CG  HG3  sing N N 83  
GLN CD  OE1  doub N N 84  
GLN CD  NE2  sing N N 85  
GLN NE2 HE21 sing N N 86  
GLN NE2 HE22 sing N N 87  
GLN OXT HXT  sing N N 88  
GLU N   CA   sing N N 89  
GLU N   H    sing N N 90  
GLU N   H2   sing N N 91  
GLU CA  C    sing N N 92  
GLU CA  CB   sing N N 93  
GLU CA  HA   sing N N 94  
GLU C   O    doub N N 95  
GLU C   OXT  sing N N 96  
GLU CB  CG   sing N N 97  
GLU CB  HB2  sing N N 98  
GLU CB  HB3  sing N N 99  
GLU CG  CD   sing N N 100 
GLU CG  HG2  sing N N 101 
GLU CG  HG3  sing N N 102 
GLU CD  OE1  doub N N 103 
GLU CD  OE2  sing N N 104 
GLU OE2 HE2  sing N N 105 
GLU OXT HXT  sing N N 106 
GLY N   CA   sing N N 107 
GLY N   H    sing N N 108 
GLY N   H2   sing N N 109 
GLY CA  C    sing N N 110 
GLY CA  HA2  sing N N 111 
GLY CA  HA3  sing N N 112 
GLY C   O    doub N N 113 
GLY C   OXT  sing N N 114 
GLY OXT HXT  sing N N 115 
HIS N   CA   sing N N 116 
HIS N   H    sing N N 117 
HIS N   H2   sing N N 118 
HIS CA  C    sing N N 119 
HIS CA  CB   sing N N 120 
HIS CA  HA   sing N N 121 
HIS C   O    doub N N 122 
HIS C   OXT  sing N N 123 
HIS CB  CG   sing N N 124 
HIS CB  HB2  sing N N 125 
HIS CB  HB3  sing N N 126 
HIS CG  ND1  sing Y N 127 
HIS CG  CD2  doub Y N 128 
HIS ND1 CE1  doub Y N 129 
HIS ND1 HD1  sing N N 130 
HIS CD2 NE2  sing Y N 131 
HIS CD2 HD2  sing N N 132 
HIS CE1 NE2  sing Y N 133 
HIS CE1 HE1  sing N N 134 
HIS NE2 HE2  sing N N 135 
HIS OXT HXT  sing N N 136 
HOH O   H1   sing N N 137 
HOH O   H2   sing N N 138 
ILE N   CA   sing N N 139 
ILE N   H    sing N N 140 
ILE N   H2   sing N N 141 
ILE CA  C    sing N N 142 
ILE CA  CB   sing N N 143 
ILE CA  HA   sing N N 144 
ILE C   O    doub N N 145 
ILE C   OXT  sing N N 146 
ILE CB  CG1  sing N N 147 
ILE CB  CG2  sing N N 148 
ILE CB  HB   sing N N 149 
ILE CG1 CD1  sing N N 150 
ILE CG1 HG12 sing N N 151 
ILE CG1 HG13 sing N N 152 
ILE CG2 HG21 sing N N 153 
ILE CG2 HG22 sing N N 154 
ILE CG2 HG23 sing N N 155 
ILE CD1 HD11 sing N N 156 
ILE CD1 HD12 sing N N 157 
ILE CD1 HD13 sing N N 158 
ILE OXT HXT  sing N N 159 
LEU N   CA   sing N N 160 
LEU N   H    sing N N 161 
LEU N   H2   sing N N 162 
LEU CA  C    sing N N 163 
LEU CA  CB   sing N N 164 
LEU CA  HA   sing N N 165 
LEU C   O    doub N N 166 
LEU C   OXT  sing N N 167 
LEU CB  CG   sing N N 168 
LEU CB  HB2  sing N N 169 
LEU CB  HB3  sing N N 170 
LEU CG  CD1  sing N N 171 
LEU CG  CD2  sing N N 172 
LEU CG  HG   sing N N 173 
LEU CD1 HD11 sing N N 174 
LEU CD1 HD12 sing N N 175 
LEU CD1 HD13 sing N N 176 
LEU CD2 HD21 sing N N 177 
LEU CD2 HD22 sing N N 178 
LEU CD2 HD23 sing N N 179 
LEU OXT HXT  sing N N 180 
LYS N   CA   sing N N 181 
LYS N   H    sing N N 182 
LYS N   H2   sing N N 183 
LYS CA  C    sing N N 184 
LYS CA  CB   sing N N 185 
LYS CA  HA   sing N N 186 
LYS C   O    doub N N 187 
LYS C   OXT  sing N N 188 
LYS CB  CG   sing N N 189 
LYS CB  HB2  sing N N 190 
LYS CB  HB3  sing N N 191 
LYS CG  CD   sing N N 192 
LYS CG  HG2  sing N N 193 
LYS CG  HG3  sing N N 194 
LYS CD  CE   sing N N 195 
LYS CD  HD2  sing N N 196 
LYS CD  HD3  sing N N 197 
LYS CE  NZ   sing N N 198 
LYS CE  HE2  sing N N 199 
LYS CE  HE3  sing N N 200 
LYS NZ  HZ1  sing N N 201 
LYS NZ  HZ2  sing N N 202 
LYS NZ  HZ3  sing N N 203 
LYS OXT HXT  sing N N 204 
MET N   CA   sing N N 205 
MET N   H    sing N N 206 
MET N   H2   sing N N 207 
MET CA  C    sing N N 208 
MET CA  CB   sing N N 209 
MET CA  HA   sing N N 210 
MET C   O    doub N N 211 
MET C   OXT  sing N N 212 
MET CB  CG   sing N N 213 
MET CB  HB2  sing N N 214 
MET CB  HB3  sing N N 215 
MET CG  SD   sing N N 216 
MET CG  HG2  sing N N 217 
MET CG  HG3  sing N N 218 
MET SD  CE   sing N N 219 
MET CE  HE1  sing N N 220 
MET CE  HE2  sing N N 221 
MET CE  HE3  sing N N 222 
MET OXT HXT  sing N N 223 
PHE N   CA   sing N N 224 
PHE N   H    sing N N 225 
PHE N   H2   sing N N 226 
PHE CA  C    sing N N 227 
PHE CA  CB   sing N N 228 
PHE CA  HA   sing N N 229 
PHE C   O    doub N N 230 
PHE C   OXT  sing N N 231 
PHE CB  CG   sing N N 232 
PHE CB  HB2  sing N N 233 
PHE CB  HB3  sing N N 234 
PHE CG  CD1  doub Y N 235 
PHE CG  CD2  sing Y N 236 
PHE CD1 CE1  sing Y N 237 
PHE CD1 HD1  sing N N 238 
PHE CD2 CE2  doub Y N 239 
PHE CD2 HD2  sing N N 240 
PHE CE1 CZ   doub Y N 241 
PHE CE1 HE1  sing N N 242 
PHE CE2 CZ   sing Y N 243 
PHE CE2 HE2  sing N N 244 
PHE CZ  HZ   sing N N 245 
PHE OXT HXT  sing N N 246 
PRO N   CA   sing N N 247 
PRO N   CD   sing N N 248 
PRO N   H    sing N N 249 
PRO CA  C    sing N N 250 
PRO CA  CB   sing N N 251 
PRO CA  HA   sing N N 252 
PRO C   O    doub N N 253 
PRO C   OXT  sing N N 254 
PRO CB  CG   sing N N 255 
PRO CB  HB2  sing N N 256 
PRO CB  HB3  sing N N 257 
PRO CG  CD   sing N N 258 
PRO CG  HG2  sing N N 259 
PRO CG  HG3  sing N N 260 
PRO CD  HD2  sing N N 261 
PRO CD  HD3  sing N N 262 
PRO OXT HXT  sing N N 263 
SER N   CA   sing N N 264 
SER N   H    sing N N 265 
SER N   H2   sing N N 266 
SER CA  C    sing N N 267 
SER CA  CB   sing N N 268 
SER CA  HA   sing N N 269 
SER C   O    doub N N 270 
SER C   OXT  sing N N 271 
SER CB  OG   sing N N 272 
SER CB  HB2  sing N N 273 
SER CB  HB3  sing N N 274 
SER OG  HG   sing N N 275 
SER OXT HXT  sing N N 276 
THR N   CA   sing N N 277 
THR N   H    sing N N 278 
THR N   H2   sing N N 279 
THR CA  C    sing N N 280 
THR CA  CB   sing N N 281 
THR CA  HA   sing N N 282 
THR C   O    doub N N 283 
THR C   OXT  sing N N 284 
THR CB  OG1  sing N N 285 
THR CB  CG2  sing N N 286 
THR CB  HB   sing N N 287 
THR OG1 HG1  sing N N 288 
THR CG2 HG21 sing N N 289 
THR CG2 HG22 sing N N 290 
THR CG2 HG23 sing N N 291 
THR OXT HXT  sing N N 292 
TRP N   CA   sing N N 293 
TRP N   H    sing N N 294 
TRP N   H2   sing N N 295 
TRP CA  C    sing N N 296 
TRP CA  CB   sing N N 297 
TRP CA  HA   sing N N 298 
TRP C   O    doub N N 299 
TRP C   OXT  sing N N 300 
TRP CB  CG   sing N N 301 
TRP CB  HB2  sing N N 302 
TRP CB  HB3  sing N N 303 
TRP CG  CD1  doub Y N 304 
TRP CG  CD2  sing Y N 305 
TRP CD1 NE1  sing Y N 306 
TRP CD1 HD1  sing N N 307 
TRP CD2 CE2  doub Y N 308 
TRP CD2 CE3  sing Y N 309 
TRP NE1 CE2  sing Y N 310 
TRP NE1 HE1  sing N N 311 
TRP CE2 CZ2  sing Y N 312 
TRP CE3 CZ3  doub Y N 313 
TRP CE3 HE3  sing N N 314 
TRP CZ2 CH2  doub Y N 315 
TRP CZ2 HZ2  sing N N 316 
TRP CZ3 CH2  sing Y N 317 
TRP CZ3 HZ3  sing N N 318 
TRP CH2 HH2  sing N N 319 
TRP OXT HXT  sing N N 320 
TYR N   CA   sing N N 321 
TYR N   H    sing N N 322 
TYR N   H2   sing N N 323 
TYR CA  C    sing N N 324 
TYR CA  CB   sing N N 325 
TYR CA  HA   sing N N 326 
TYR C   O    doub N N 327 
TYR C   OXT  sing N N 328 
TYR CB  CG   sing N N 329 
TYR CB  HB2  sing N N 330 
TYR CB  HB3  sing N N 331 
TYR CG  CD1  doub Y N 332 
TYR CG  CD2  sing Y N 333 
TYR CD1 CE1  sing Y N 334 
TYR CD1 HD1  sing N N 335 
TYR CD2 CE2  doub Y N 336 
TYR CD2 HD2  sing N N 337 
TYR CE1 CZ   doub Y N 338 
TYR CE1 HE1  sing N N 339 
TYR CE2 CZ   sing Y N 340 
TYR CE2 HE2  sing N N 341 
TYR CZ  OH   sing N N 342 
TYR OH  HH   sing N N 343 
TYR OXT HXT  sing N N 344 
VAL N   CA   sing N N 345 
VAL N   H    sing N N 346 
VAL N   H2   sing N N 347 
VAL CA  C    sing N N 348 
VAL CA  CB   sing N N 349 
VAL CA  HA   sing N N 350 
VAL C   O    doub N N 351 
VAL C   OXT  sing N N 352 
VAL CB  CG1  sing N N 353 
VAL CB  CG2  sing N N 354 
VAL CB  HB   sing N N 355 
VAL CG1 HG11 sing N N 356 
VAL CG1 HG12 sing N N 357 
VAL CG1 HG13 sing N N 358 
VAL CG2 HG21 sing N N 359 
VAL CG2 HG22 sing N N 360 
VAL CG2 HG23 sing N N 361 
VAL OXT HXT  sing N N 362 
# 
_pdbx_entity_nonpoly.entity_id   2 
_pdbx_entity_nonpoly.name        water 
_pdbx_entity_nonpoly.comp_id     HOH 
# 
